data_8A06
# 
_entry.id   8A06 
# 
_audit_conform.dict_name       mmcif_pdbx.dic 
_audit_conform.dict_version    5.395 
_audit_conform.dict_location   http://mmcif.pdb.org/dictionaries/ascii/mmcif_pdbx.dic 
# 
loop_
_database_2.database_id 
_database_2.database_code 
_database_2.pdbx_database_accession 
_database_2.pdbx_DOI 
PDB   8A06         pdb_00008a06 10.2210/pdb8a06/pdb 
WWPDB D_1292123208 ?            ?                   
EMDB  EMD-15051    ?            ?                   
# 
loop_
_pdbx_audit_revision_history.ordinal 
_pdbx_audit_revision_history.data_content_type 
_pdbx_audit_revision_history.major_revision 
_pdbx_audit_revision_history.minor_revision 
_pdbx_audit_revision_history.revision_date 
1 'Structure model' 1 0 2022-12-14 
2 'Structure model' 1 1 2024-07-24 
# 
_pdbx_audit_revision_details.ordinal             1 
_pdbx_audit_revision_details.revision_ordinal    1 
_pdbx_audit_revision_details.data_content_type   'Structure model' 
_pdbx_audit_revision_details.provider            repository 
_pdbx_audit_revision_details.type                'Initial release' 
_pdbx_audit_revision_details.description         ? 
_pdbx_audit_revision_details.details             ? 
# 
_pdbx_audit_revision_group.ordinal             1 
_pdbx_audit_revision_group.revision_ordinal    2 
_pdbx_audit_revision_group.data_content_type   'Structure model' 
_pdbx_audit_revision_group.group               'Data collection' 
# 
loop_
_pdbx_audit_revision_category.ordinal 
_pdbx_audit_revision_category.revision_ordinal 
_pdbx_audit_revision_category.data_content_type 
_pdbx_audit_revision_category.category 
1 2 'Structure model' chem_comp_atom 
2 2 'Structure model' chem_comp_bond 
3 2 'Structure model' em_admin       
# 
_pdbx_audit_revision_item.ordinal             1 
_pdbx_audit_revision_item.revision_ordinal    2 
_pdbx_audit_revision_item.data_content_type   'Structure model' 
_pdbx_audit_revision_item.item                '_em_admin.last_update' 
# 
_pdbx_database_status.status_code                     REL 
_pdbx_database_status.status_code_sf                  ? 
_pdbx_database_status.status_code_mr                  ? 
_pdbx_database_status.entry_id                        8A06 
_pdbx_database_status.recvd_initial_deposition_date   2022-05-26 
_pdbx_database_status.SG_entry                        N 
_pdbx_database_status.deposit_site                    PDBE 
_pdbx_database_status.process_site                    PDBE 
_pdbx_database_status.status_code_cs                  ? 
_pdbx_database_status.status_code_nmr_data            ? 
_pdbx_database_status.methods_development_category    ? 
_pdbx_database_status.pdb_format_compatible           Y 
# 
_pdbx_database_related.db_name        EMDB 
_pdbx_database_related.details        'Flavobacterium infecting lipid-containing phage FLiP penton protein' 
_pdbx_database_related.db_id          EMD-15051 
_pdbx_database_related.content_type   'associated EM volume' 
# 
_pdbx_contact_author.id                 2 
_pdbx_contact_author.email              juha.huiskonen@helsinki.fi 
_pdbx_contact_author.name_first         Juha 
_pdbx_contact_author.name_last          Huiskonen 
_pdbx_contact_author.name_mi            T. 
_pdbx_contact_author.role               'principal investigator/group leader' 
_pdbx_contact_author.identifier_ORCID   0000-0002-0348-7323 
# 
loop_
_audit_author.name 
_audit_author.pdbx_ordinal 
_audit_author.identifier_ORCID 
'Rissanen, I.'    1 ? 
'Huiskonen, J.T.' 2 ? 
# 
loop_
_citation.abstract 
_citation.abstract_id_CAS 
_citation.book_id_ISBN 
_citation.book_publisher 
_citation.book_publisher_city 
_citation.book_title 
_citation.coordinate_linkage 
_citation.country 
_citation.database_id_Medline 
_citation.details 
_citation.id 
_citation.journal_abbrev 
_citation.journal_id_ASTM 
_citation.journal_id_CSD 
_citation.journal_id_ISSN 
_citation.journal_full 
_citation.journal_issue 
_citation.journal_volume 
_citation.language 
_citation.page_first 
_citation.page_last 
_citation.title 
_citation.year 
_citation.database_id_CSD 
_citation.pdbx_database_id_DOI 
_citation.pdbx_database_id_PubMed 
_citation.pdbx_database_id_patent 
_citation.unpublished_flag 
? ? ? ? ? ? ? UK ? ? primary 'Nat Commun'               ?      ?    2041-1723 ? ? 13  ? 7478 7478 
'Cryo-EM structure of ssDNA bacteriophage Phi CjT23 provides insight into early virus evolution.' 2022 ? 
10.1038/s41467-022-35123-6 36463224 ? ? 
? ? ? ? ? ? ? US ? ? 1       'Proc Natl Acad Sci U S A' PNASA6 0040 1091-6490 ? ? 114 ? 8378 8383 
'Virus found in a boreal lake links ssDNA and dsDNA viruses.'                                     2017 ? 10.1073/pnas.1703834114 ? 
? ? 
# 
loop_
_citation_author.citation_id 
_citation_author.name 
_citation_author.ordinal 
_citation_author.identifier_ORCID 
primary 'Kejzar, N.'      1  ?                   
primary 'Laanto, E.'      2  0000-0003-4172-3128 
primary 'Rissanen, I.'    3  0000-0003-4937-1825 
primary 'Abrishami, V.'   4  0000-0002-3772-7663 
primary 'Selvaraj, M.'    5  0000-0001-7793-6323 
primary 'Moineau, S.'     6  0000-0002-2832-5101 
primary 'Ravantti, J.'    7  ?                   
primary 'Sundberg, L.R.'  8  0000-0003-3510-4398 
primary 'Huiskonen, J.T.' 9  0000-0002-0348-7323 
1       'Laanto, E.'      10 0000-0003-4172-3128 
1       'Mantynen, S.'    11 ?                   
1       'De Colibus, L.'  12 ?                   
1       'Marjakangas, J.' 13 ?                   
1       'Gillum, A.'      14 ?                   
1       'Stuart, D.I.'    15 ?                   
1       'Ravantti, J.J.'  16 ?                   
1       'Huiskonen, J.T.' 17 ?                   
1       'Sundberg, L.R.'  18 ?                   
# 
_entity.id                         1 
_entity.type                       polymer 
_entity.src_method                 nat 
_entity.pdbx_description           'Penton protein P12' 
_entity.formula_weight             16851.057 
_entity.pdbx_number_of_molecules   1 
_entity.pdbx_ec                    ? 
_entity.pdbx_mutation              ? 
_entity.pdbx_fragment              ? 
_entity.details                    ? 
# 
_entity_poly.entity_id                      1 
_entity_poly.type                           'polypeptide(L)' 
_entity_poly.nstd_linkage                   no 
_entity_poly.nstd_monomer                   no 
_entity_poly.pdbx_seq_one_letter_code       
;DFSTIPIDYVKAKDPNTIDFCLSYLELYHTTKAVKACTPFSFILGSDAGMQRATETTESLYWGKVILDINPNLSPLVNTT
IVLEIESMLSSNSINRSENKRITRYIEKENFVNESSERFEFFKSMELSHLSTAYDVYVTFIGFKIDL
;
_entity_poly.pdbx_seq_one_letter_code_can   
;DFSTIPIDYVKAKDPNTIDFCLSYLELYHTTKAVKACTPFSFILGSDAGMQRATETTESLYWGKVILDINPNLSPLVNTT
IVLEIESMLSSNSINRSENKRITRYIEKENFVNESSERFEFFKSMELSHLSTAYDVYVTFIGFKIDL
;
_entity_poly.pdbx_strand_id                 E 
_entity_poly.pdbx_target_identifier         ? 
# 
loop_
_entity_poly_seq.entity_id 
_entity_poly_seq.num 
_entity_poly_seq.mon_id 
_entity_poly_seq.hetero 
1 1   ASP n 
1 2   PHE n 
1 3   SER n 
1 4   THR n 
1 5   ILE n 
1 6   PRO n 
1 7   ILE n 
1 8   ASP n 
1 9   TYR n 
1 10  VAL n 
1 11  LYS n 
1 12  ALA n 
1 13  LYS n 
1 14  ASP n 
1 15  PRO n 
1 16  ASN n 
1 17  THR n 
1 18  ILE n 
1 19  ASP n 
1 20  PHE n 
1 21  CYS n 
1 22  LEU n 
1 23  SER n 
1 24  TYR n 
1 25  LEU n 
1 26  GLU n 
1 27  LEU n 
1 28  TYR n 
1 29  HIS n 
1 30  THR n 
1 31  THR n 
1 32  LYS n 
1 33  ALA n 
1 34  VAL n 
1 35  LYS n 
1 36  ALA n 
1 37  CYS n 
1 38  THR n 
1 39  PRO n 
1 40  PHE n 
1 41  SER n 
1 42  PHE n 
1 43  ILE n 
1 44  LEU n 
1 45  GLY n 
1 46  SER n 
1 47  ASP n 
1 48  ALA n 
1 49  GLY n 
1 50  MET n 
1 51  GLN n 
1 52  ARG n 
1 53  ALA n 
1 54  THR n 
1 55  GLU n 
1 56  THR n 
1 57  THR n 
1 58  GLU n 
1 59  SER n 
1 60  LEU n 
1 61  TYR n 
1 62  TRP n 
1 63  GLY n 
1 64  LYS n 
1 65  VAL n 
1 66  ILE n 
1 67  LEU n 
1 68  ASP n 
1 69  ILE n 
1 70  ASN n 
1 71  PRO n 
1 72  ASN n 
1 73  LEU n 
1 74  SER n 
1 75  PRO n 
1 76  LEU n 
1 77  VAL n 
1 78  ASN n 
1 79  THR n 
1 80  THR n 
1 81  ILE n 
1 82  VAL n 
1 83  LEU n 
1 84  GLU n 
1 85  ILE n 
1 86  GLU n 
1 87  SER n 
1 88  MET n 
1 89  LEU n 
1 90  SER n 
1 91  SER n 
1 92  ASN n 
1 93  SER n 
1 94  ILE n 
1 95  ASN n 
1 96  ARG n 
1 97  SER n 
1 98  GLU n 
1 99  ASN n 
1 100 LYS n 
1 101 ARG n 
1 102 ILE n 
1 103 THR n 
1 104 ARG n 
1 105 TYR n 
1 106 ILE n 
1 107 GLU n 
1 108 LYS n 
1 109 GLU n 
1 110 ASN n 
1 111 PHE n 
1 112 VAL n 
1 113 ASN n 
1 114 GLU n 
1 115 SER n 
1 116 SER n 
1 117 GLU n 
1 118 ARG n 
1 119 PHE n 
1 120 GLU n 
1 121 PHE n 
1 122 PHE n 
1 123 LYS n 
1 124 SER n 
1 125 MET n 
1 126 GLU n 
1 127 LEU n 
1 128 SER n 
1 129 HIS n 
1 130 LEU n 
1 131 SER n 
1 132 THR n 
1 133 ALA n 
1 134 TYR n 
1 135 ASP n 
1 136 VAL n 
1 137 TYR n 
1 138 VAL n 
1 139 THR n 
1 140 PHE n 
1 141 ILE n 
1 142 GLY n 
1 143 PHE n 
1 144 LYS n 
1 145 ILE n 
1 146 ASP n 
1 147 LEU n 
# 
_entity_src_nat.entity_id                  1 
_entity_src_nat.pdbx_src_id                1 
_entity_src_nat.pdbx_alt_source_flag       sample 
_entity_src_nat.pdbx_beg_seq_num           1 
_entity_src_nat.pdbx_end_seq_num           147 
_entity_src_nat.common_name                ? 
_entity_src_nat.pdbx_organism_scientific   'Flavobacterium phage FLiP' 
_entity_src_nat.pdbx_ncbi_taxonomy_id      2023716 
_entity_src_nat.genus                      ? 
_entity_src_nat.species                    ? 
_entity_src_nat.strain                     ? 
_entity_src_nat.tissue                     ? 
_entity_src_nat.tissue_fraction            ? 
_entity_src_nat.pdbx_secretion             ? 
_entity_src_nat.pdbx_fragment              ? 
_entity_src_nat.pdbx_variant               ? 
_entity_src_nat.pdbx_cell_line             ? 
_entity_src_nat.pdbx_atcc                  ? 
_entity_src_nat.pdbx_cellular_location     ? 
_entity_src_nat.pdbx_organ                 ? 
_entity_src_nat.pdbx_organelle             ? 
_entity_src_nat.pdbx_cell                  ? 
_entity_src_nat.pdbx_plasmid_name          ? 
_entity_src_nat.pdbx_plasmid_details       ? 
_entity_src_nat.details                    ? 
# 
loop_
_chem_comp.id 
_chem_comp.type 
_chem_comp.mon_nstd_flag 
_chem_comp.name 
_chem_comp.pdbx_synonyms 
_chem_comp.formula 
_chem_comp.formula_weight 
ALA 'L-peptide linking' y ALANINE         ? 'C3 H7 N O2'     89.093  
ARG 'L-peptide linking' y ARGININE        ? 'C6 H15 N4 O2 1' 175.209 
ASN 'L-peptide linking' y ASPARAGINE      ? 'C4 H8 N2 O3'    132.118 
ASP 'L-peptide linking' y 'ASPARTIC ACID' ? 'C4 H7 N O4'     133.103 
CYS 'L-peptide linking' y CYSTEINE        ? 'C3 H7 N O2 S'   121.158 
GLN 'L-peptide linking' y GLUTAMINE       ? 'C5 H10 N2 O3'   146.144 
GLU 'L-peptide linking' y 'GLUTAMIC ACID' ? 'C5 H9 N O4'     147.129 
GLY 'peptide linking'   y GLYCINE         ? 'C2 H5 N O2'     75.067  
HIS 'L-peptide linking' y HISTIDINE       ? 'C6 H10 N3 O2 1' 156.162 
ILE 'L-peptide linking' y ISOLEUCINE      ? 'C6 H13 N O2'    131.173 
LEU 'L-peptide linking' y LEUCINE         ? 'C6 H13 N O2'    131.173 
LYS 'L-peptide linking' y LYSINE          ? 'C6 H15 N2 O2 1' 147.195 
MET 'L-peptide linking' y METHIONINE      ? 'C5 H11 N O2 S'  149.211 
PHE 'L-peptide linking' y PHENYLALANINE   ? 'C9 H11 N O2'    165.189 
PRO 'L-peptide linking' y PROLINE         ? 'C5 H9 N O2'     115.130 
SER 'L-peptide linking' y SERINE          ? 'C3 H7 N O3'     105.093 
THR 'L-peptide linking' y THREONINE       ? 'C4 H9 N O3'     119.119 
TRP 'L-peptide linking' y TRYPTOPHAN      ? 'C11 H12 N2 O2'  204.225 
TYR 'L-peptide linking' y TYROSINE        ? 'C9 H11 N O3'    181.189 
VAL 'L-peptide linking' y VALINE          ? 'C5 H11 N O2'    117.146 
# 
loop_
_pdbx_poly_seq_scheme.asym_id 
_pdbx_poly_seq_scheme.entity_id 
_pdbx_poly_seq_scheme.seq_id 
_pdbx_poly_seq_scheme.mon_id 
_pdbx_poly_seq_scheme.ndb_seq_num 
_pdbx_poly_seq_scheme.pdb_seq_num 
_pdbx_poly_seq_scheme.auth_seq_num 
_pdbx_poly_seq_scheme.pdb_mon_id 
_pdbx_poly_seq_scheme.auth_mon_id 
_pdbx_poly_seq_scheme.pdb_strand_id 
_pdbx_poly_seq_scheme.pdb_ins_code 
_pdbx_poly_seq_scheme.hetero 
A 1 1   ASP 1   -2  -2  ASP ASP E . n 
A 1 2   PHE 2   -1  -1  PHE PHE E . n 
A 1 3   SER 3   0   0   SER SER E . n 
A 1 4   THR 4   1   1   THR THR E . n 
A 1 5   ILE 5   2   2   ILE ILE E . n 
A 1 6   PRO 6   3   3   PRO PRO E . n 
A 1 7   ILE 7   4   4   ILE ILE E . n 
A 1 8   ASP 8   5   5   ASP ASP E . n 
A 1 9   TYR 9   6   6   TYR TYR E . n 
A 1 10  VAL 10  7   7   VAL VAL E . n 
A 1 11  LYS 11  8   8   LYS LYS E . n 
A 1 12  ALA 12  9   9   ALA ALA E . n 
A 1 13  LYS 13  10  10  LYS LYS E . n 
A 1 14  ASP 14  11  11  ASP ASP E . n 
A 1 15  PRO 15  12  12  PRO PRO E . n 
A 1 16  ASN 16  13  13  ASN ASN E . n 
A 1 17  THR 17  14  14  THR THR E . n 
A 1 18  ILE 18  15  15  ILE ILE E . n 
A 1 19  ASP 19  16  16  ASP ASP E . n 
A 1 20  PHE 20  17  17  PHE PHE E . n 
A 1 21  CYS 21  18  18  CYS CYS E . n 
A 1 22  LEU 22  19  19  LEU LEU E . n 
A 1 23  SER 23  20  20  SER SER E . n 
A 1 24  TYR 24  21  21  TYR TYR E . n 
A 1 25  LEU 25  22  22  LEU LEU E . n 
A 1 26  GLU 26  23  23  GLU GLU E . n 
A 1 27  LEU 27  24  24  LEU LEU E . n 
A 1 28  TYR 28  25  25  TYR TYR E . n 
A 1 29  HIS 29  26  26  HIS HIS E . n 
A 1 30  THR 30  27  27  THR THR E . n 
A 1 31  THR 31  28  28  THR THR E . n 
A 1 32  LYS 32  29  29  LYS LYS E . n 
A 1 33  ALA 33  30  30  ALA ALA E . n 
A 1 34  VAL 34  31  31  VAL VAL E . n 
A 1 35  LYS 35  32  32  LYS LYS E . n 
A 1 36  ALA 36  33  33  ALA ALA E . n 
A 1 37  CYS 37  34  34  CYS CYS E . n 
A 1 38  THR 38  35  35  THR THR E . n 
A 1 39  PRO 39  36  36  PRO PRO E . n 
A 1 40  PHE 40  37  37  PHE PHE E . n 
A 1 41  SER 41  38  38  SER SER E . n 
A 1 42  PHE 42  39  39  PHE PHE E . n 
A 1 43  ILE 43  40  40  ILE ILE E . n 
A 1 44  LEU 44  41  41  LEU LEU E . n 
A 1 45  GLY 45  42  42  GLY GLY E . n 
A 1 46  SER 46  43  43  SER SER E . n 
A 1 47  ASP 47  44  44  ASP ASP E . n 
A 1 48  ALA 48  45  45  ALA ALA E . n 
A 1 49  GLY 49  46  46  GLY GLY E . n 
A 1 50  MET 50  47  47  MET MET E . n 
A 1 51  GLN 51  48  48  GLN GLN E . n 
A 1 52  ARG 52  49  49  ARG ARG E . n 
A 1 53  ALA 53  50  50  ALA ALA E . n 
A 1 54  THR 54  51  51  THR THR E . n 
A 1 55  GLU 55  52  52  GLU GLU E . n 
A 1 56  THR 56  53  53  THR THR E . n 
A 1 57  THR 57  54  54  THR THR E . n 
A 1 58  GLU 58  55  55  GLU GLU E . n 
A 1 59  SER 59  56  56  SER SER E . n 
A 1 60  LEU 60  57  57  LEU LEU E . n 
A 1 61  TYR 61  58  58  TYR TYR E . n 
A 1 62  TRP 62  59  59  TRP TRP E . n 
A 1 63  GLY 63  60  60  GLY GLY E . n 
A 1 64  LYS 64  61  61  LYS LYS E . n 
A 1 65  VAL 65  62  62  VAL VAL E . n 
A 1 66  ILE 66  63  63  ILE ILE E . n 
A 1 67  LEU 67  64  64  LEU LEU E . n 
A 1 68  ASP 68  65  65  ASP ASP E . n 
A 1 69  ILE 69  66  66  ILE ILE E . n 
A 1 70  ASN 70  67  67  ASN ASN E . n 
A 1 71  PRO 71  68  68  PRO PRO E . n 
A 1 72  ASN 72  69  69  ASN ASN E . n 
A 1 73  LEU 73  70  70  LEU LEU E . n 
A 1 74  SER 74  71  71  SER SER E . n 
A 1 75  PRO 75  72  72  PRO PRO E . n 
A 1 76  LEU 76  73  73  LEU LEU E . n 
A 1 77  VAL 77  74  74  VAL VAL E . n 
A 1 78  ASN 78  75  75  ASN ASN E . n 
A 1 79  THR 79  76  76  THR THR E . n 
A 1 80  THR 80  77  77  THR THR E . n 
A 1 81  ILE 81  78  78  ILE ILE E . n 
A 1 82  VAL 82  79  79  VAL VAL E . n 
A 1 83  LEU 83  80  80  LEU LEU E . n 
A 1 84  GLU 84  81  81  GLU GLU E . n 
A 1 85  ILE 85  82  82  ILE ILE E . n 
A 1 86  GLU 86  83  83  GLU GLU E . n 
A 1 87  SER 87  84  84  SER SER E . n 
A 1 88  MET 88  85  85  MET MET E . n 
A 1 89  LEU 89  86  86  LEU LEU E . n 
A 1 90  SER 90  87  87  SER SER E . n 
A 1 91  SER 91  88  88  SER SER E . n 
A 1 92  ASN 92  89  89  ASN ASN E . n 
A 1 93  SER 93  90  90  SER SER E . n 
A 1 94  ILE 94  91  91  ILE ILE E . n 
A 1 95  ASN 95  92  92  ASN ASN E . n 
A 1 96  ARG 96  93  93  ARG ARG E . n 
A 1 97  SER 97  94  94  SER SER E . n 
A 1 98  GLU 98  95  95  GLU GLU E . n 
A 1 99  ASN 99  96  96  ASN ASN E . n 
A 1 100 LYS 100 97  97  LYS LYS E . n 
A 1 101 ARG 101 98  98  ARG ARG E . n 
A 1 102 ILE 102 99  99  ILE ILE E . n 
A 1 103 THR 103 100 100 THR THR E . n 
A 1 104 ARG 104 101 101 ARG ARG E . n 
A 1 105 TYR 105 102 102 TYR TYR E . n 
A 1 106 ILE 106 103 103 ILE ILE E . n 
A 1 107 GLU 107 104 104 GLU GLU E . n 
A 1 108 LYS 108 105 105 LYS LYS E . n 
A 1 109 GLU 109 106 106 GLU GLU E . n 
A 1 110 ASN 110 107 107 ASN ASN E . n 
A 1 111 PHE 111 108 108 PHE PHE E . n 
A 1 112 VAL 112 109 109 VAL VAL E . n 
A 1 113 ASN 113 110 110 ASN ASN E . n 
A 1 114 GLU 114 111 111 GLU GLU E . n 
A 1 115 SER 115 112 112 SER SER E . n 
A 1 116 SER 116 113 113 SER SER E . n 
A 1 117 GLU 117 114 114 GLU GLU E . n 
A 1 118 ARG 118 115 115 ARG ARG E . n 
A 1 119 PHE 119 116 116 PHE PHE E . n 
A 1 120 GLU 120 117 117 GLU GLU E . n 
A 1 121 PHE 121 118 118 PHE PHE E . n 
A 1 122 PHE 122 119 119 PHE PHE E . n 
A 1 123 LYS 123 120 120 LYS LYS E . n 
A 1 124 SER 124 121 121 SER SER E . n 
A 1 125 MET 125 122 122 MET MET E . n 
A 1 126 GLU 126 123 123 GLU GLU E . n 
A 1 127 LEU 127 124 124 LEU LEU E . n 
A 1 128 SER 128 125 125 SER SER E . n 
A 1 129 HIS 129 126 126 HIS HIS E . n 
A 1 130 LEU 130 127 127 LEU LEU E . n 
A 1 131 SER 131 128 128 SER SER E . n 
A 1 132 THR 132 129 129 THR THR E . n 
A 1 133 ALA 133 130 130 ALA ALA E . n 
A 1 134 TYR 134 131 131 TYR TYR E . n 
A 1 135 ASP 135 132 132 ASP ASP E . n 
A 1 136 VAL 136 133 133 VAL VAL E . n 
A 1 137 TYR 137 134 134 TYR TYR E . n 
A 1 138 VAL 138 135 135 VAL VAL E . n 
A 1 139 THR 139 136 136 THR THR E . n 
A 1 140 PHE 140 137 137 PHE PHE E . n 
A 1 141 ILE 141 138 138 ILE ILE E . n 
A 1 142 GLY 142 139 139 GLY GLY E . n 
A 1 143 PHE 143 140 140 PHE PHE E . n 
A 1 144 LYS 144 141 141 LYS LYS E . n 
A 1 145 ILE 145 142 142 ILE ILE E . n 
A 1 146 ASP 146 143 143 ASP ASP E . n 
A 1 147 LEU 147 144 144 LEU LEU E . n 
# 
_software.citation_id            ? 
_software.classification         refinement 
_software.compiler_name          ? 
_software.compiler_version       ? 
_software.contact_author         ? 
_software.contact_author_email   ? 
_software.date                   ? 
_software.description            ? 
_software.dependencies           ? 
_software.hardware               ? 
_software.language               ? 
_software.location               ? 
_software.mods                   ? 
_software.name                   PHENIX 
_software.os                     ? 
_software.os_version             ? 
_software.type                   ? 
_software.version                . 
_software.pdbx_ordinal           1 
# 
_cell.angle_alpha                  90.00 
_cell.angle_alpha_esd              ? 
_cell.angle_beta                   90.00 
_cell.angle_beta_esd               ? 
_cell.angle_gamma                  90.00 
_cell.angle_gamma_esd              ? 
_cell.entry_id                     8A06 
_cell.details                      ? 
_cell.formula_units_Z              ? 
_cell.length_a                     1.00 
_cell.length_a_esd                 ? 
_cell.length_b                     1.00 
_cell.length_b_esd                 ? 
_cell.length_c                     1.00 
_cell.length_c_esd                 ? 
_cell.volume                       ? 
_cell.volume_esd                   ? 
_cell.Z_PDB                        ? 
_cell.reciprocal_angle_alpha       ? 
_cell.reciprocal_angle_beta        ? 
_cell.reciprocal_angle_gamma       ? 
_cell.reciprocal_angle_alpha_esd   ? 
_cell.reciprocal_angle_beta_esd    ? 
_cell.reciprocal_angle_gamma_esd   ? 
_cell.reciprocal_length_a          ? 
_cell.reciprocal_length_b          ? 
_cell.reciprocal_length_c          ? 
_cell.reciprocal_length_a_esd      ? 
_cell.reciprocal_length_b_esd      ? 
_cell.reciprocal_length_c_esd      ? 
_cell.pdbx_unique_axis             ? 
_cell.pdbx_esd_method              ? 
# 
_symmetry.entry_id                         8A06 
_symmetry.cell_setting                     ? 
_symmetry.Int_Tables_number                1 
_symmetry.space_group_name_Hall            ? 
_symmetry.space_group_name_H-M             'P 1' 
_symmetry.pdbx_full_space_group_name_H-M   ? 
# 
_exptl.absorpt_coefficient_mu     ? 
_exptl.absorpt_correction_T_max   ? 
_exptl.absorpt_correction_T_min   ? 
_exptl.absorpt_correction_type    ? 
_exptl.absorpt_process_details    ? 
_exptl.entry_id                   8A06 
_exptl.crystals_number            ? 
_exptl.details                    ? 
_exptl.method                     'ELECTRON MICROSCOPY' 
_exptl.method_details             ? 
# 
_refine.pdbx_refine_id                           'ELECTRON MICROSCOPY' 
_refine.entry_id                                 8A06 
_refine.pdbx_diffrn_id                           ? 
_refine.pdbx_TLS_residual_ADP_flag               ? 
_refine.ls_number_reflns_obs                     ? 
_refine.ls_number_reflns_all                     ? 
_refine.pdbx_ls_sigma_I                          ? 
_refine.pdbx_ls_sigma_F                          ? 
_refine.pdbx_data_cutoff_high_absF               ? 
_refine.pdbx_data_cutoff_low_absF                ? 
_refine.pdbx_data_cutoff_high_rms_absF           ? 
_refine.ls_d_res_low                             ? 
_refine.ls_d_res_high                            . 
_refine.ls_percent_reflns_obs                    ? 
_refine.ls_R_factor_obs                          ? 
_refine.ls_R_factor_all                          ? 
_refine.ls_R_factor_R_work                       ? 
_refine.ls_R_factor_R_free                       ? 
_refine.ls_R_factor_R_free_error                 ? 
_refine.ls_R_factor_R_free_error_details         ? 
_refine.ls_percent_reflns_R_free                 ? 
_refine.ls_number_reflns_R_free                  ? 
_refine.ls_number_parameters                     ? 
_refine.ls_number_restraints                     ? 
_refine.occupancy_min                            ? 
_refine.occupancy_max                            ? 
_refine.correlation_coeff_Fo_to_Fc               ? 
_refine.correlation_coeff_Fo_to_Fc_free          ? 
_refine.B_iso_mean                               ? 
_refine.aniso_B[1][1]                            ? 
_refine.aniso_B[2][2]                            ? 
_refine.aniso_B[3][3]                            ? 
_refine.aniso_B[1][2]                            ? 
_refine.aniso_B[1][3]                            ? 
_refine.aniso_B[2][3]                            ? 
_refine.solvent_model_details                    ? 
_refine.solvent_model_param_ksol                 ? 
_refine.solvent_model_param_bsol                 ? 
_refine.pdbx_solvent_vdw_probe_radii             ? 
_refine.pdbx_solvent_ion_probe_radii             ? 
_refine.pdbx_solvent_shrinkage_radii             ? 
_refine.pdbx_ls_cross_valid_method               ? 
_refine.details                                  ? 
_refine.pdbx_starting_model                      ? 
_refine.pdbx_method_to_determine_struct          ? 
_refine.pdbx_isotropic_thermal_model             ? 
_refine.pdbx_stereochemistry_target_values       ? 
_refine.pdbx_stereochem_target_val_spec_case     ? 
_refine.pdbx_R_Free_selection_details            ? 
_refine.pdbx_overall_ESU_R                       ? 
_refine.pdbx_overall_ESU_R_Free                  ? 
_refine.overall_SU_ML                            ? 
_refine.pdbx_overall_phase_error                 ? 
_refine.overall_SU_B                             ? 
_refine.overall_SU_R_Cruickshank_DPI             ? 
_refine.pdbx_overall_SU_R_free_Cruickshank_DPI   ? 
_refine.pdbx_overall_SU_R_Blow_DPI               ? 
_refine.pdbx_overall_SU_R_free_Blow_DPI          ? 
# 
loop_
_refine_ls_restr.pdbx_refine_id 
_refine_ls_restr.criterion 
_refine_ls_restr.dev_ideal 
_refine_ls_restr.dev_ideal_target 
_refine_ls_restr.number 
_refine_ls_restr.rejects 
_refine_ls_restr.type 
_refine_ls_restr.weight 
_refine_ls_restr.pdbx_restraint_function 
'ELECTRON MICROSCOPY' ? 0.003 ? 1210 ? f_bond_d           ? ? 
'ELECTRON MICROSCOPY' ? 0.551 ? 1640 ? f_angle_d          ? ? 
'ELECTRON MICROSCOPY' ? 4.278 ? 158  ? f_dihedral_angle_d ? ? 
'ELECTRON MICROSCOPY' ? 0.045 ? 190  ? f_chiral_restr     ? ? 
'ELECTRON MICROSCOPY' ? 0.004 ? 206  ? f_plane_restr      ? ? 
# 
_struct.entry_id                     8A06 
_struct.title                        'Flavobacterium infecting lipid-containing phage FLiP penton protein' 
_struct.pdbx_model_details           ? 
_struct.pdbx_formula_weight          ? 
_struct.pdbx_formula_weight_method   ? 
_struct.pdbx_model_type_details      ? 
_struct.pdbx_CASP_flag               N 
# 
_struct_keywords.entry_id        8A06 
_struct_keywords.text            'bacteriophage, Flavobacterium, lipid-containing, phage, FLiP, penton protein, VIRUS' 
_struct_keywords.pdbx_keywords   VIRUS 
# 
_struct_asym.id                            A 
_struct_asym.pdbx_blank_PDB_chainid_flag   N 
_struct_asym.pdbx_modified                 N 
_struct_asym.entity_id                     1 
_struct_asym.details                       ? 
# 
_struct_ref.id                         1 
_struct_ref.db_name                    UNP 
_struct_ref.db_code                    A0A222NP85_9VIRU 
_struct_ref.pdbx_db_accession          A0A222NP85 
_struct_ref.pdbx_db_isoform            ? 
_struct_ref.entity_id                  1 
_struct_ref.pdbx_seq_one_letter_code   
;DFSTIPIDYVKAKDPNTIDFCLSYLELYHTTKAVKACTPFSFILGSDAGMQRATETTESLYWGKVILDINPNLSPLVNTT
IVLEIESMLSSNSINRSENKRITRYIEKENFVNESSERFEFFKSMELSHLSTAYDVYVTFIGFKIDL
;
_struct_ref.pdbx_align_begin           2 
# 
_struct_ref_seq.align_id                      1 
_struct_ref_seq.ref_id                        1 
_struct_ref_seq.pdbx_PDB_id_code              8A06 
_struct_ref_seq.pdbx_strand_id                E 
_struct_ref_seq.seq_align_beg                 1 
_struct_ref_seq.pdbx_seq_align_beg_ins_code   ? 
_struct_ref_seq.seq_align_end                 147 
_struct_ref_seq.pdbx_seq_align_end_ins_code   ? 
_struct_ref_seq.pdbx_db_accession             A0A222NP85 
_struct_ref_seq.db_align_beg                  2 
_struct_ref_seq.pdbx_db_align_beg_ins_code    ? 
_struct_ref_seq.db_align_end                  148 
_struct_ref_seq.pdbx_db_align_end_ins_code    ? 
_struct_ref_seq.pdbx_auth_seq_align_beg       -2 
_struct_ref_seq.pdbx_auth_seq_align_end       144 
# 
_pdbx_struct_assembly.id                   1 
_pdbx_struct_assembly.details              author_defined_assembly 
_pdbx_struct_assembly.method_details       ? 
_pdbx_struct_assembly.oligomeric_details   monomeric 
_pdbx_struct_assembly.oligomeric_count     1 
# 
loop_
_pdbx_struct_assembly_prop.biol_id 
_pdbx_struct_assembly_prop.type 
_pdbx_struct_assembly_prop.value 
_pdbx_struct_assembly_prop.details 
1 'ABSA (A^2)' 0    ? 
1 MORE         0    ? 
1 'SSA (A^2)'  9190 ? 
# 
_pdbx_struct_assembly_gen.assembly_id       1 
_pdbx_struct_assembly_gen.oper_expression   1 
_pdbx_struct_assembly_gen.asym_id_list      A 
# 
_pdbx_struct_assembly_auth_evidence.id                     1 
_pdbx_struct_assembly_auth_evidence.assembly_id            1 
_pdbx_struct_assembly_auth_evidence.experimental_support   none 
_pdbx_struct_assembly_auth_evidence.details                ? 
# 
_pdbx_struct_oper_list.id                   1 
_pdbx_struct_oper_list.type                 'identity operation' 
_pdbx_struct_oper_list.name                 1_555 
_pdbx_struct_oper_list.symmetry_operation   ? 
_pdbx_struct_oper_list.matrix[1][1]         1.0000000000 
_pdbx_struct_oper_list.matrix[1][2]         0.0000000000 
_pdbx_struct_oper_list.matrix[1][3]         0.0000000000 
_pdbx_struct_oper_list.vector[1]            0.0000000000 
_pdbx_struct_oper_list.matrix[2][1]         0.0000000000 
_pdbx_struct_oper_list.matrix[2][2]         1.0000000000 
_pdbx_struct_oper_list.matrix[2][3]         0.0000000000 
_pdbx_struct_oper_list.vector[2]            0.0000000000 
_pdbx_struct_oper_list.matrix[3][1]         0.0000000000 
_pdbx_struct_oper_list.matrix[3][2]         0.0000000000 
_pdbx_struct_oper_list.matrix[3][3]         1.0000000000 
_pdbx_struct_oper_list.vector[3]            0.0000000000 
# 
loop_
_struct_conf.conf_type_id 
_struct_conf.id 
_struct_conf.pdbx_PDB_helix_id 
_struct_conf.beg_label_comp_id 
_struct_conf.beg_label_asym_id 
_struct_conf.beg_label_seq_id 
_struct_conf.pdbx_beg_PDB_ins_code 
_struct_conf.end_label_comp_id 
_struct_conf.end_label_asym_id 
_struct_conf.end_label_seq_id 
_struct_conf.pdbx_end_PDB_ins_code 
_struct_conf.beg_auth_comp_id 
_struct_conf.beg_auth_asym_id 
_struct_conf.beg_auth_seq_id 
_struct_conf.end_auth_comp_id 
_struct_conf.end_auth_asym_id 
_struct_conf.end_auth_seq_id 
_struct_conf.pdbx_PDB_helix_class 
_struct_conf.details 
_struct_conf.pdbx_PDB_helix_length 
HELX_P HELX_P1 AA1 THR A 17 ? HIS A 29 ? THR E 14 HIS E 26 1 ? 13 
HELX_P HELX_P2 AA2 SER A 90 ? ASN A 95 ? SER E 87 ASN E 92 1 ? 6  
# 
_struct_conf_type.id          HELX_P 
_struct_conf_type.criteria    ? 
_struct_conf_type.reference   ? 
# 
loop_
_struct_sheet.id 
_struct_sheet.type 
_struct_sheet.number_strands 
_struct_sheet.details 
AA1 ? 4 ? 
AA2 ? 3 ? 
# 
loop_
_struct_sheet_order.sheet_id 
_struct_sheet_order.range_id_1 
_struct_sheet_order.range_id_2 
_struct_sheet_order.offset 
_struct_sheet_order.sense 
AA1 1 2 ? anti-parallel 
AA1 2 3 ? anti-parallel 
AA1 3 4 ? anti-parallel 
AA2 1 2 ? anti-parallel 
AA2 2 3 ? anti-parallel 
# 
loop_
_struct_sheet_range.sheet_id 
_struct_sheet_range.id 
_struct_sheet_range.beg_label_comp_id 
_struct_sheet_range.beg_label_asym_id 
_struct_sheet_range.beg_label_seq_id 
_struct_sheet_range.pdbx_beg_PDB_ins_code 
_struct_sheet_range.end_label_comp_id 
_struct_sheet_range.end_label_asym_id 
_struct_sheet_range.end_label_seq_id 
_struct_sheet_range.pdbx_end_PDB_ins_code 
_struct_sheet_range.beg_auth_comp_id 
_struct_sheet_range.beg_auth_asym_id 
_struct_sheet_range.beg_auth_seq_id 
_struct_sheet_range.end_auth_comp_id 
_struct_sheet_range.end_auth_asym_id 
_struct_sheet_range.end_auth_seq_id 
AA1 1 CYS A 37  ? GLY A 45  ? CYS E 34  GLY E 42  
AA1 2 TYR A 134 ? ASP A 146 ? TYR E 131 ASP E 143 
AA1 3 SER A 59  ? PRO A 71  ? SER E 56  PRO E 68  
AA1 4 GLU A 114 ? PHE A 122 ? GLU E 111 PHE E 119 
AA2 1 GLU A 98  ? TYR A 105 ? GLU E 95  TYR E 102 
AA2 2 THR A 80  ? SER A 87  ? THR E 77  SER E 84  
AA2 3 MET A 125 ? HIS A 129 ? MET E 122 HIS E 126 
# 
loop_
_pdbx_struct_sheet_hbond.sheet_id 
_pdbx_struct_sheet_hbond.range_id_1 
_pdbx_struct_sheet_hbond.range_id_2 
_pdbx_struct_sheet_hbond.range_1_label_atom_id 
_pdbx_struct_sheet_hbond.range_1_label_comp_id 
_pdbx_struct_sheet_hbond.range_1_label_asym_id 
_pdbx_struct_sheet_hbond.range_1_label_seq_id 
_pdbx_struct_sheet_hbond.range_1_PDB_ins_code 
_pdbx_struct_sheet_hbond.range_1_auth_atom_id 
_pdbx_struct_sheet_hbond.range_1_auth_comp_id 
_pdbx_struct_sheet_hbond.range_1_auth_asym_id 
_pdbx_struct_sheet_hbond.range_1_auth_seq_id 
_pdbx_struct_sheet_hbond.range_2_label_atom_id 
_pdbx_struct_sheet_hbond.range_2_label_comp_id 
_pdbx_struct_sheet_hbond.range_2_label_asym_id 
_pdbx_struct_sheet_hbond.range_2_label_seq_id 
_pdbx_struct_sheet_hbond.range_2_PDB_ins_code 
_pdbx_struct_sheet_hbond.range_2_auth_atom_id 
_pdbx_struct_sheet_hbond.range_2_auth_comp_id 
_pdbx_struct_sheet_hbond.range_2_auth_asym_id 
_pdbx_struct_sheet_hbond.range_2_auth_seq_id 
AA1 1 2 N THR A 38  ? N THR E 35  O LYS A 144 ? O LYS E 141 
AA1 2 3 O PHE A 143 ? O PHE E 140 N TRP A 62  ? N TRP E 59  
AA1 3 4 N TYR A 61  ? N TYR E 58  O PHE A 122 ? O PHE E 119 
AA2 1 2 O LYS A 100 ? O LYS E 97  N ILE A 85  ? N ILE E 82  
AA2 2 3 N GLU A 84  ? N GLU E 81  O GLU A 126 ? O GLU E 123 
# 
_em_3d_fitting.entry_id          8A06 
_em_3d_fitting.id                1 
_em_3d_fitting.details           ? 
_em_3d_fitting.overall_b_value   ? 
_em_3d_fitting.ref_protocol      'AB INITIO MODEL' 
_em_3d_fitting.ref_space         ? 
_em_3d_fitting.target_criteria   ? 
_em_3d_fitting.method            ? 
# 
_em_3d_reconstruction.entry_id                    8A06 
_em_3d_reconstruction.id                          1 
_em_3d_reconstruction.algorithm                   ? 
_em_3d_reconstruction.details                     ? 
_em_3d_reconstruction.refinement_type             ? 
_em_3d_reconstruction.image_processing_id         1 
_em_3d_reconstruction.num_class_averages          ? 
_em_3d_reconstruction.num_particles               28212 
_em_3d_reconstruction.resolution                  4.0 
_em_3d_reconstruction.resolution_method           'FSC 0.143 CUT-OFF' 
_em_3d_reconstruction.symmetry_type               POINT 
_em_3d_reconstruction.method                      ? 
_em_3d_reconstruction.nominal_pixel_size          ? 
_em_3d_reconstruction.actual_pixel_size           ? 
_em_3d_reconstruction.magnification_calibration   ? 
# 
_em_buffer.id            1 
_em_buffer.details       ? 
_em_buffer.pH            7.2 
_em_buffer.specimen_id   1 
_em_buffer.name          ? 
# 
_em_entity_assembly.id                   1 
_em_entity_assembly.parent_id            0 
_em_entity_assembly.details              ? 
_em_entity_assembly.name                 'Flavobacterium phage FLiP' 
_em_entity_assembly.source               NATURAL 
_em_entity_assembly.type                 VIRUS 
_em_entity_assembly.entity_id_list       1 
_em_entity_assembly.synonym              ? 
_em_entity_assembly.oligomeric_details   ? 
# 
_em_imaging.id                              1 
_em_imaging.entry_id                        8A06 
_em_imaging.accelerating_voltage            300 
_em_imaging.alignment_procedure             ? 
_em_imaging.c2_aperture_diameter            ? 
_em_imaging.calibrated_defocus_max          ? 
_em_imaging.calibrated_defocus_min          ? 
_em_imaging.calibrated_magnification        ? 
_em_imaging.cryogen                         ? 
_em_imaging.details                         ? 
_em_imaging.electron_source                 'FIELD EMISSION GUN' 
_em_imaging.illumination_mode               'FLOOD BEAM' 
_em_imaging.microscope_model                'FEI POLARA 300' 
_em_imaging.mode                            'BRIGHT FIELD' 
_em_imaging.nominal_cs                      ? 
_em_imaging.nominal_defocus_max             2500 
_em_imaging.nominal_defocus_min             700 
_em_imaging.nominal_magnification           ? 
_em_imaging.recording_temperature_maximum   ? 
_em_imaging.recording_temperature_minimum   ? 
_em_imaging.residual_tilt                   ? 
_em_imaging.specimen_holder_model           ? 
_em_imaging.specimen_id                     1 
_em_imaging.citation_id                     ? 
_em_imaging.date                            ? 
_em_imaging.temperature                     ? 
_em_imaging.tilt_angle_min                  ? 
_em_imaging.tilt_angle_max                  ? 
_em_imaging.astigmatism                     ? 
_em_imaging.detector_distance               ? 
_em_imaging.electron_beam_tilt_params       ? 
_em_imaging.specimen_holder_type            ? 
# 
_em_virus_entity.entity_assembly_id    1 
_em_virus_entity.empty                 NO 
_em_virus_entity.enveloped             YES 
_em_virus_entity.virus_isolate         SPECIES 
_em_virus_entity.virus_type            VIRION 
_em_virus_entity.id                    1 
_em_virus_entity.virus_host_category   ? 
_em_virus_entity.details               ? 
# 
_em_vitrification.id                    1 
_em_vitrification.specimen_id           1 
_em_vitrification.chamber_temperature   ? 
_em_vitrification.cryogen_name          ETHANE 
_em_vitrification.details               ? 
_em_vitrification.humidity              ? 
_em_vitrification.instrument            ? 
_em_vitrification.entry_id              8A06 
_em_vitrification.citation_id           ? 
_em_vitrification.method                ? 
_em_vitrification.temp                  ? 
_em_vitrification.time_resolved_state   ? 
# 
_em_experiment.entry_id                8A06 
_em_experiment.id                      1 
_em_experiment.aggregation_state       PARTICLE 
_em_experiment.reconstruction_method   'SINGLE PARTICLE' 
_em_experiment.entity_assembly_id      1 
# 
_em_single_particle_entity.entry_id              8A06 
_em_single_particle_entity.id                    1 
_em_single_particle_entity.image_processing_id   1 
_em_single_particle_entity.point_symmetry        C5 
# 
loop_
_chem_comp_atom.comp_id 
_chem_comp_atom.atom_id 
_chem_comp_atom.type_symbol 
_chem_comp_atom.pdbx_aromatic_flag 
_chem_comp_atom.pdbx_stereo_config 
_chem_comp_atom.pdbx_ordinal 
ALA N    N N N 1   
ALA CA   C N S 2   
ALA C    C N N 3   
ALA O    O N N 4   
ALA CB   C N N 5   
ALA OXT  O N N 6   
ALA H    H N N 7   
ALA H2   H N N 8   
ALA HA   H N N 9   
ALA HB1  H N N 10  
ALA HB2  H N N 11  
ALA HB3  H N N 12  
ALA HXT  H N N 13  
ARG N    N N N 14  
ARG CA   C N S 15  
ARG C    C N N 16  
ARG O    O N N 17  
ARG CB   C N N 18  
ARG CG   C N N 19  
ARG CD   C N N 20  
ARG NE   N N N 21  
ARG CZ   C N N 22  
ARG NH1  N N N 23  
ARG NH2  N N N 24  
ARG OXT  O N N 25  
ARG H    H N N 26  
ARG H2   H N N 27  
ARG HA   H N N 28  
ARG HB2  H N N 29  
ARG HB3  H N N 30  
ARG HG2  H N N 31  
ARG HG3  H N N 32  
ARG HD2  H N N 33  
ARG HD3  H N N 34  
ARG HE   H N N 35  
ARG HH11 H N N 36  
ARG HH12 H N N 37  
ARG HH21 H N N 38  
ARG HH22 H N N 39  
ARG HXT  H N N 40  
ASN N    N N N 41  
ASN CA   C N S 42  
ASN C    C N N 43  
ASN O    O N N 44  
ASN CB   C N N 45  
ASN CG   C N N 46  
ASN OD1  O N N 47  
ASN ND2  N N N 48  
ASN OXT  O N N 49  
ASN H    H N N 50  
ASN H2   H N N 51  
ASN HA   H N N 52  
ASN HB2  H N N 53  
ASN HB3  H N N 54  
ASN HD21 H N N 55  
ASN HD22 H N N 56  
ASN HXT  H N N 57  
ASP N    N N N 58  
ASP CA   C N S 59  
ASP C    C N N 60  
ASP O    O N N 61  
ASP CB   C N N 62  
ASP CG   C N N 63  
ASP OD1  O N N 64  
ASP OD2  O N N 65  
ASP OXT  O N N 66  
ASP H    H N N 67  
ASP H2   H N N 68  
ASP HA   H N N 69  
ASP HB2  H N N 70  
ASP HB3  H N N 71  
ASP HD2  H N N 72  
ASP HXT  H N N 73  
CYS N    N N N 74  
CYS CA   C N R 75  
CYS C    C N N 76  
CYS O    O N N 77  
CYS CB   C N N 78  
CYS SG   S N N 79  
CYS OXT  O N N 80  
CYS H    H N N 81  
CYS H2   H N N 82  
CYS HA   H N N 83  
CYS HB2  H N N 84  
CYS HB3  H N N 85  
CYS HG   H N N 86  
CYS HXT  H N N 87  
GLN N    N N N 88  
GLN CA   C N S 89  
GLN C    C N N 90  
GLN O    O N N 91  
GLN CB   C N N 92  
GLN CG   C N N 93  
GLN CD   C N N 94  
GLN OE1  O N N 95  
GLN NE2  N N N 96  
GLN OXT  O N N 97  
GLN H    H N N 98  
GLN H2   H N N 99  
GLN HA   H N N 100 
GLN HB2  H N N 101 
GLN HB3  H N N 102 
GLN HG2  H N N 103 
GLN HG3  H N N 104 
GLN HE21 H N N 105 
GLN HE22 H N N 106 
GLN HXT  H N N 107 
GLU N    N N N 108 
GLU CA   C N S 109 
GLU C    C N N 110 
GLU O    O N N 111 
GLU CB   C N N 112 
GLU CG   C N N 113 
GLU CD   C N N 114 
GLU OE1  O N N 115 
GLU OE2  O N N 116 
GLU OXT  O N N 117 
GLU H    H N N 118 
GLU H2   H N N 119 
GLU HA   H N N 120 
GLU HB2  H N N 121 
GLU HB3  H N N 122 
GLU HG2  H N N 123 
GLU HG3  H N N 124 
GLU HE2  H N N 125 
GLU HXT  H N N 126 
GLY N    N N N 127 
GLY CA   C N N 128 
GLY C    C N N 129 
GLY O    O N N 130 
GLY OXT  O N N 131 
GLY H    H N N 132 
GLY H2   H N N 133 
GLY HA2  H N N 134 
GLY HA3  H N N 135 
GLY HXT  H N N 136 
HIS N    N N N 137 
HIS CA   C N S 138 
HIS C    C N N 139 
HIS O    O N N 140 
HIS CB   C N N 141 
HIS CG   C Y N 142 
HIS ND1  N Y N 143 
HIS CD2  C Y N 144 
HIS CE1  C Y N 145 
HIS NE2  N Y N 146 
HIS OXT  O N N 147 
HIS H    H N N 148 
HIS H2   H N N 149 
HIS HA   H N N 150 
HIS HB2  H N N 151 
HIS HB3  H N N 152 
HIS HD1  H N N 153 
HIS HD2  H N N 154 
HIS HE1  H N N 155 
HIS HE2  H N N 156 
HIS HXT  H N N 157 
ILE N    N N N 158 
ILE CA   C N S 159 
ILE C    C N N 160 
ILE O    O N N 161 
ILE CB   C N S 162 
ILE CG1  C N N 163 
ILE CG2  C N N 164 
ILE CD1  C N N 165 
ILE OXT  O N N 166 
ILE H    H N N 167 
ILE H2   H N N 168 
ILE HA   H N N 169 
ILE HB   H N N 170 
ILE HG12 H N N 171 
ILE HG13 H N N 172 
ILE HG21 H N N 173 
ILE HG22 H N N 174 
ILE HG23 H N N 175 
ILE HD11 H N N 176 
ILE HD12 H N N 177 
ILE HD13 H N N 178 
ILE HXT  H N N 179 
LEU N    N N N 180 
LEU CA   C N S 181 
LEU C    C N N 182 
LEU O    O N N 183 
LEU CB   C N N 184 
LEU CG   C N N 185 
LEU CD1  C N N 186 
LEU CD2  C N N 187 
LEU OXT  O N N 188 
LEU H    H N N 189 
LEU H2   H N N 190 
LEU HA   H N N 191 
LEU HB2  H N N 192 
LEU HB3  H N N 193 
LEU HG   H N N 194 
LEU HD11 H N N 195 
LEU HD12 H N N 196 
LEU HD13 H N N 197 
LEU HD21 H N N 198 
LEU HD22 H N N 199 
LEU HD23 H N N 200 
LEU HXT  H N N 201 
LYS N    N N N 202 
LYS CA   C N S 203 
LYS C    C N N 204 
LYS O    O N N 205 
LYS CB   C N N 206 
LYS CG   C N N 207 
LYS CD   C N N 208 
LYS CE   C N N 209 
LYS NZ   N N N 210 
LYS OXT  O N N 211 
LYS H    H N N 212 
LYS H2   H N N 213 
LYS HA   H N N 214 
LYS HB2  H N N 215 
LYS HB3  H N N 216 
LYS HG2  H N N 217 
LYS HG3  H N N 218 
LYS HD2  H N N 219 
LYS HD3  H N N 220 
LYS HE2  H N N 221 
LYS HE3  H N N 222 
LYS HZ1  H N N 223 
LYS HZ2  H N N 224 
LYS HZ3  H N N 225 
LYS HXT  H N N 226 
MET N    N N N 227 
MET CA   C N S 228 
MET C    C N N 229 
MET O    O N N 230 
MET CB   C N N 231 
MET CG   C N N 232 
MET SD   S N N 233 
MET CE   C N N 234 
MET OXT  O N N 235 
MET H    H N N 236 
MET H2   H N N 237 
MET HA   H N N 238 
MET HB2  H N N 239 
MET HB3  H N N 240 
MET HG2  H N N 241 
MET HG3  H N N 242 
MET HE1  H N N 243 
MET HE2  H N N 244 
MET HE3  H N N 245 
MET HXT  H N N 246 
PHE N    N N N 247 
PHE CA   C N S 248 
PHE C    C N N 249 
PHE O    O N N 250 
PHE CB   C N N 251 
PHE CG   C Y N 252 
PHE CD1  C Y N 253 
PHE CD2  C Y N 254 
PHE CE1  C Y N 255 
PHE CE2  C Y N 256 
PHE CZ   C Y N 257 
PHE OXT  O N N 258 
PHE H    H N N 259 
PHE H2   H N N 260 
PHE HA   H N N 261 
PHE HB2  H N N 262 
PHE HB3  H N N 263 
PHE HD1  H N N 264 
PHE HD2  H N N 265 
PHE HE1  H N N 266 
PHE HE2  H N N 267 
PHE HZ   H N N 268 
PHE HXT  H N N 269 
PRO N    N N N 270 
PRO CA   C N S 271 
PRO C    C N N 272 
PRO O    O N N 273 
PRO CB   C N N 274 
PRO CG   C N N 275 
PRO CD   C N N 276 
PRO OXT  O N N 277 
PRO H    H N N 278 
PRO HA   H N N 279 
PRO HB2  H N N 280 
PRO HB3  H N N 281 
PRO HG2  H N N 282 
PRO HG3  H N N 283 
PRO HD2  H N N 284 
PRO HD3  H N N 285 
PRO HXT  H N N 286 
SER N    N N N 287 
SER CA   C N S 288 
SER C    C N N 289 
SER O    O N N 290 
SER CB   C N N 291 
SER OG   O N N 292 
SER OXT  O N N 293 
SER H    H N N 294 
SER H2   H N N 295 
SER HA   H N N 296 
SER HB2  H N N 297 
SER HB3  H N N 298 
SER HG   H N N 299 
SER HXT  H N N 300 
THR N    N N N 301 
THR CA   C N S 302 
THR C    C N N 303 
THR O    O N N 304 
THR CB   C N R 305 
THR OG1  O N N 306 
THR CG2  C N N 307 
THR OXT  O N N 308 
THR H    H N N 309 
THR H2   H N N 310 
THR HA   H N N 311 
THR HB   H N N 312 
THR HG1  H N N 313 
THR HG21 H N N 314 
THR HG22 H N N 315 
THR HG23 H N N 316 
THR HXT  H N N 317 
TRP N    N N N 318 
TRP CA   C N S 319 
TRP C    C N N 320 
TRP O    O N N 321 
TRP CB   C N N 322 
TRP CG   C Y N 323 
TRP CD1  C Y N 324 
TRP CD2  C Y N 325 
TRP NE1  N Y N 326 
TRP CE2  C Y N 327 
TRP CE3  C Y N 328 
TRP CZ2  C Y N 329 
TRP CZ3  C Y N 330 
TRP CH2  C Y N 331 
TRP OXT  O N N 332 
TRP H    H N N 333 
TRP H2   H N N 334 
TRP HA   H N N 335 
TRP HB2  H N N 336 
TRP HB3  H N N 337 
TRP HD1  H N N 338 
TRP HE1  H N N 339 
TRP HE3  H N N 340 
TRP HZ2  H N N 341 
TRP HZ3  H N N 342 
TRP HH2  H N N 343 
TRP HXT  H N N 344 
TYR N    N N N 345 
TYR CA   C N S 346 
TYR C    C N N 347 
TYR O    O N N 348 
TYR CB   C N N 349 
TYR CG   C Y N 350 
TYR CD1  C Y N 351 
TYR CD2  C Y N 352 
TYR CE1  C Y N 353 
TYR CE2  C Y N 354 
TYR CZ   C Y N 355 
TYR OH   O N N 356 
TYR OXT  O N N 357 
TYR H    H N N 358 
TYR H2   H N N 359 
TYR HA   H N N 360 
TYR HB2  H N N 361 
TYR HB3  H N N 362 
TYR HD1  H N N 363 
TYR HD2  H N N 364 
TYR HE1  H N N 365 
TYR HE2  H N N 366 
TYR HH   H N N 367 
TYR HXT  H N N 368 
VAL N    N N N 369 
VAL CA   C N S 370 
VAL C    C N N 371 
VAL O    O N N 372 
VAL CB   C N N 373 
VAL CG1  C N N 374 
VAL CG2  C N N 375 
VAL OXT  O N N 376 
VAL H    H N N 377 
VAL H2   H N N 378 
VAL HA   H N N 379 
VAL HB   H N N 380 
VAL HG11 H N N 381 
VAL HG12 H N N 382 
VAL HG13 H N N 383 
VAL HG21 H N N 384 
VAL HG22 H N N 385 
VAL HG23 H N N 386 
VAL HXT  H N N 387 
# 
loop_
_chem_comp_bond.comp_id 
_chem_comp_bond.atom_id_1 
_chem_comp_bond.atom_id_2 
_chem_comp_bond.value_order 
_chem_comp_bond.pdbx_aromatic_flag 
_chem_comp_bond.pdbx_stereo_config 
_chem_comp_bond.pdbx_ordinal 
ALA N   CA   sing N N 1   
ALA N   H    sing N N 2   
ALA N   H2   sing N N 3   
ALA CA  C    sing N N 4   
ALA CA  CB   sing N N 5   
ALA CA  HA   sing N N 6   
ALA C   O    doub N N 7   
ALA C   OXT  sing N N 8   
ALA CB  HB1  sing N N 9   
ALA CB  HB2  sing N N 10  
ALA CB  HB3  sing N N 11  
ALA OXT HXT  sing N N 12  
ARG N   CA   sing N N 13  
ARG N   H    sing N N 14  
ARG N   H2   sing N N 15  
ARG CA  C    sing N N 16  
ARG CA  CB   sing N N 17  
ARG CA  HA   sing N N 18  
ARG C   O    doub N N 19  
ARG C   OXT  sing N N 20  
ARG CB  CG   sing N N 21  
ARG CB  HB2  sing N N 22  
ARG CB  HB3  sing N N 23  
ARG CG  CD   sing N N 24  
ARG CG  HG2  sing N N 25  
ARG CG  HG3  sing N N 26  
ARG CD  NE   sing N N 27  
ARG CD  HD2  sing N N 28  
ARG CD  HD3  sing N N 29  
ARG NE  CZ   sing N N 30  
ARG NE  HE   sing N N 31  
ARG CZ  NH1  sing N N 32  
ARG CZ  NH2  doub N N 33  
ARG NH1 HH11 sing N N 34  
ARG NH1 HH12 sing N N 35  
ARG NH2 HH21 sing N N 36  
ARG NH2 HH22 sing N N 37  
ARG OXT HXT  sing N N 38  
ASN N   CA   sing N N 39  
ASN N   H    sing N N 40  
ASN N   H2   sing N N 41  
ASN CA  C    sing N N 42  
ASN CA  CB   sing N N 43  
ASN CA  HA   sing N N 44  
ASN C   O    doub N N 45  
ASN C   OXT  sing N N 46  
ASN CB  CG   sing N N 47  
ASN CB  HB2  sing N N 48  
ASN CB  HB3  sing N N 49  
ASN CG  OD1  doub N N 50  
ASN CG  ND2  sing N N 51  
ASN ND2 HD21 sing N N 52  
ASN ND2 HD22 sing N N 53  
ASN OXT HXT  sing N N 54  
ASP N   CA   sing N N 55  
ASP N   H    sing N N 56  
ASP N   H2   sing N N 57  
ASP CA  C    sing N N 58  
ASP CA  CB   sing N N 59  
ASP CA  HA   sing N N 60  
ASP C   O    doub N N 61  
ASP C   OXT  sing N N 62  
ASP CB  CG   sing N N 63  
ASP CB  HB2  sing N N 64  
ASP CB  HB3  sing N N 65  
ASP CG  OD1  doub N N 66  
ASP CG  OD2  sing N N 67  
ASP OD2 HD2  sing N N 68  
ASP OXT HXT  sing N N 69  
CYS N   CA   sing N N 70  
CYS N   H    sing N N 71  
CYS N   H2   sing N N 72  
CYS CA  C    sing N N 73  
CYS CA  CB   sing N N 74  
CYS CA  HA   sing N N 75  
CYS C   O    doub N N 76  
CYS C   OXT  sing N N 77  
CYS CB  SG   sing N N 78  
CYS CB  HB2  sing N N 79  
CYS CB  HB3  sing N N 80  
CYS SG  HG   sing N N 81  
CYS OXT HXT  sing N N 82  
GLN N   CA   sing N N 83  
GLN N   H    sing N N 84  
GLN N   H2   sing N N 85  
GLN CA  C    sing N N 86  
GLN CA  CB   sing N N 87  
GLN CA  HA   sing N N 88  
GLN C   O    doub N N 89  
GLN C   OXT  sing N N 90  
GLN CB  CG   sing N N 91  
GLN CB  HB2  sing N N 92  
GLN CB  HB3  sing N N 93  
GLN CG  CD   sing N N 94  
GLN CG  HG2  sing N N 95  
GLN CG  HG3  sing N N 96  
GLN CD  OE1  doub N N 97  
GLN CD  NE2  sing N N 98  
GLN NE2 HE21 sing N N 99  
GLN NE2 HE22 sing N N 100 
GLN OXT HXT  sing N N 101 
GLU N   CA   sing N N 102 
GLU N   H    sing N N 103 
GLU N   H2   sing N N 104 
GLU CA  C    sing N N 105 
GLU CA  CB   sing N N 106 
GLU CA  HA   sing N N 107 
GLU C   O    doub N N 108 
GLU C   OXT  sing N N 109 
GLU CB  CG   sing N N 110 
GLU CB  HB2  sing N N 111 
GLU CB  HB3  sing N N 112 
GLU CG  CD   sing N N 113 
GLU CG  HG2  sing N N 114 
GLU CG  HG3  sing N N 115 
GLU CD  OE1  doub N N 116 
GLU CD  OE2  sing N N 117 
GLU OE2 HE2  sing N N 118 
GLU OXT HXT  sing N N 119 
GLY N   CA   sing N N 120 
GLY N   H    sing N N 121 
GLY N   H2   sing N N 122 
GLY CA  C    sing N N 123 
GLY CA  HA2  sing N N 124 
GLY CA  HA3  sing N N 125 
GLY C   O    doub N N 126 
GLY C   OXT  sing N N 127 
GLY OXT HXT  sing N N 128 
HIS N   CA   sing N N 129 
HIS N   H    sing N N 130 
HIS N   H2   sing N N 131 
HIS CA  C    sing N N 132 
HIS CA  CB   sing N N 133 
HIS CA  HA   sing N N 134 
HIS C   O    doub N N 135 
HIS C   OXT  sing N N 136 
HIS CB  CG   sing N N 137 
HIS CB  HB2  sing N N 138 
HIS CB  HB3  sing N N 139 
HIS CG  ND1  sing Y N 140 
HIS CG  CD2  doub Y N 141 
HIS ND1 CE1  doub Y N 142 
HIS ND1 HD1  sing N N 143 
HIS CD2 NE2  sing Y N 144 
HIS CD2 HD2  sing N N 145 
HIS CE1 NE2  sing Y N 146 
HIS CE1 HE1  sing N N 147 
HIS NE2 HE2  sing N N 148 
HIS OXT HXT  sing N N 149 
ILE N   CA   sing N N 150 
ILE N   H    sing N N 151 
ILE N   H2   sing N N 152 
ILE CA  C    sing N N 153 
ILE CA  CB   sing N N 154 
ILE CA  HA   sing N N 155 
ILE C   O    doub N N 156 
ILE C   OXT  sing N N 157 
ILE CB  CG1  sing N N 158 
ILE CB  CG2  sing N N 159 
ILE CB  HB   sing N N 160 
ILE CG1 CD1  sing N N 161 
ILE CG1 HG12 sing N N 162 
ILE CG1 HG13 sing N N 163 
ILE CG2 HG21 sing N N 164 
ILE CG2 HG22 sing N N 165 
ILE CG2 HG23 sing N N 166 
ILE CD1 HD11 sing N N 167 
ILE CD1 HD12 sing N N 168 
ILE CD1 HD13 sing N N 169 
ILE OXT HXT  sing N N 170 
LEU N   CA   sing N N 171 
LEU N   H    sing N N 172 
LEU N   H2   sing N N 173 
LEU CA  C    sing N N 174 
LEU CA  CB   sing N N 175 
LEU CA  HA   sing N N 176 
LEU C   O    doub N N 177 
LEU C   OXT  sing N N 178 
LEU CB  CG   sing N N 179 
LEU CB  HB2  sing N N 180 
LEU CB  HB3  sing N N 181 
LEU CG  CD1  sing N N 182 
LEU CG  CD2  sing N N 183 
LEU CG  HG   sing N N 184 
LEU CD1 HD11 sing N N 185 
LEU CD1 HD12 sing N N 186 
LEU CD1 HD13 sing N N 187 
LEU CD2 HD21 sing N N 188 
LEU CD2 HD22 sing N N 189 
LEU CD2 HD23 sing N N 190 
LEU OXT HXT  sing N N 191 
LYS N   CA   sing N N 192 
LYS N   H    sing N N 193 
LYS N   H2   sing N N 194 
LYS CA  C    sing N N 195 
LYS CA  CB   sing N N 196 
LYS CA  HA   sing N N 197 
LYS C   O    doub N N 198 
LYS C   OXT  sing N N 199 
LYS CB  CG   sing N N 200 
LYS CB  HB2  sing N N 201 
LYS CB  HB3  sing N N 202 
LYS CG  CD   sing N N 203 
LYS CG  HG2  sing N N 204 
LYS CG  HG3  sing N N 205 
LYS CD  CE   sing N N 206 
LYS CD  HD2  sing N N 207 
LYS CD  HD3  sing N N 208 
LYS CE  NZ   sing N N 209 
LYS CE  HE2  sing N N 210 
LYS CE  HE3  sing N N 211 
LYS NZ  HZ1  sing N N 212 
LYS NZ  HZ2  sing N N 213 
LYS NZ  HZ3  sing N N 214 
LYS OXT HXT  sing N N 215 
MET N   CA   sing N N 216 
MET N   H    sing N N 217 
MET N   H2   sing N N 218 
MET CA  C    sing N N 219 
MET CA  CB   sing N N 220 
MET CA  HA   sing N N 221 
MET C   O    doub N N 222 
MET C   OXT  sing N N 223 
MET CB  CG   sing N N 224 
MET CB  HB2  sing N N 225 
MET CB  HB3  sing N N 226 
MET CG  SD   sing N N 227 
MET CG  HG2  sing N N 228 
MET CG  HG3  sing N N 229 
MET SD  CE   sing N N 230 
MET CE  HE1  sing N N 231 
MET CE  HE2  sing N N 232 
MET CE  HE3  sing N N 233 
MET OXT HXT  sing N N 234 
PHE N   CA   sing N N 235 
PHE N   H    sing N N 236 
PHE N   H2   sing N N 237 
PHE CA  C    sing N N 238 
PHE CA  CB   sing N N 239 
PHE CA  HA   sing N N 240 
PHE C   O    doub N N 241 
PHE C   OXT  sing N N 242 
PHE CB  CG   sing N N 243 
PHE CB  HB2  sing N N 244 
PHE CB  HB3  sing N N 245 
PHE CG  CD1  doub Y N 246 
PHE CG  CD2  sing Y N 247 
PHE CD1 CE1  sing Y N 248 
PHE CD1 HD1  sing N N 249 
PHE CD2 CE2  doub Y N 250 
PHE CD2 HD2  sing N N 251 
PHE CE1 CZ   doub Y N 252 
PHE CE1 HE1  sing N N 253 
PHE CE2 CZ   sing Y N 254 
PHE CE2 HE2  sing N N 255 
PHE CZ  HZ   sing N N 256 
PHE OXT HXT  sing N N 257 
PRO N   CA   sing N N 258 
PRO N   CD   sing N N 259 
PRO N   H    sing N N 260 
PRO CA  C    sing N N 261 
PRO CA  CB   sing N N 262 
PRO CA  HA   sing N N 263 
PRO C   O    doub N N 264 
PRO C   OXT  sing N N 265 
PRO CB  CG   sing N N 266 
PRO CB  HB2  sing N N 267 
PRO CB  HB3  sing N N 268 
PRO CG  CD   sing N N 269 
PRO CG  HG2  sing N N 270 
PRO CG  HG3  sing N N 271 
PRO CD  HD2  sing N N 272 
PRO CD  HD3  sing N N 273 
PRO OXT HXT  sing N N 274 
SER N   CA   sing N N 275 
SER N   H    sing N N 276 
SER N   H2   sing N N 277 
SER CA  C    sing N N 278 
SER CA  CB   sing N N 279 
SER CA  HA   sing N N 280 
SER C   O    doub N N 281 
SER C   OXT  sing N N 282 
SER CB  OG   sing N N 283 
SER CB  HB2  sing N N 284 
SER CB  HB3  sing N N 285 
SER OG  HG   sing N N 286 
SER OXT HXT  sing N N 287 
THR N   CA   sing N N 288 
THR N   H    sing N N 289 
THR N   H2   sing N N 290 
THR CA  C    sing N N 291 
THR CA  CB   sing N N 292 
THR CA  HA   sing N N 293 
THR C   O    doub N N 294 
THR C   OXT  sing N N 295 
THR CB  OG1  sing N N 296 
THR CB  CG2  sing N N 297 
THR CB  HB   sing N N 298 
THR OG1 HG1  sing N N 299 
THR CG2 HG21 sing N N 300 
THR CG2 HG22 sing N N 301 
THR CG2 HG23 sing N N 302 
THR OXT HXT  sing N N 303 
TRP N   CA   sing N N 304 
TRP N   H    sing N N 305 
TRP N   H2   sing N N 306 
TRP CA  C    sing N N 307 
TRP CA  CB   sing N N 308 
TRP CA  HA   sing N N 309 
TRP C   O    doub N N 310 
TRP C   OXT  sing N N 311 
TRP CB  CG   sing N N 312 
TRP CB  HB2  sing N N 313 
TRP CB  HB3  sing N N 314 
TRP CG  CD1  doub Y N 315 
TRP CG  CD2  sing Y N 316 
TRP CD1 NE1  sing Y N 317 
TRP CD1 HD1  sing N N 318 
TRP CD2 CE2  doub Y N 319 
TRP CD2 CE3  sing Y N 320 
TRP NE1 CE2  sing Y N 321 
TRP NE1 HE1  sing N N 322 
TRP CE2 CZ2  sing Y N 323 
TRP CE3 CZ3  doub Y N 324 
TRP CE3 HE3  sing N N 325 
TRP CZ2 CH2  doub Y N 326 
TRP CZ2 HZ2  sing N N 327 
TRP CZ3 CH2  sing Y N 328 
TRP CZ3 HZ3  sing N N 329 
TRP CH2 HH2  sing N N 330 
TRP OXT HXT  sing N N 331 
TYR N   CA   sing N N 332 
TYR N   H    sing N N 333 
TYR N   H2   sing N N 334 
TYR CA  C    sing N N 335 
TYR CA  CB   sing N N 336 
TYR CA  HA   sing N N 337 
TYR C   O    doub N N 338 
TYR C   OXT  sing N N 339 
TYR CB  CG   sing N N 340 
TYR CB  HB2  sing N N 341 
TYR CB  HB3  sing N N 342 
TYR CG  CD1  doub Y N 343 
TYR CG  CD2  sing Y N 344 
TYR CD1 CE1  sing Y N 345 
TYR CD1 HD1  sing N N 346 
TYR CD2 CE2  doub Y N 347 
TYR CD2 HD2  sing N N 348 
TYR CE1 CZ   doub Y N 349 
TYR CE1 HE1  sing N N 350 
TYR CE2 CZ   sing Y N 351 
TYR CE2 HE2  sing N N 352 
TYR CZ  OH   sing N N 353 
TYR OH  HH   sing N N 354 
TYR OXT HXT  sing N N 355 
VAL N   CA   sing N N 356 
VAL N   H    sing N N 357 
VAL N   H2   sing N N 358 
VAL CA  C    sing N N 359 
VAL CA  CB   sing N N 360 
VAL CA  HA   sing N N 361 
VAL C   O    doub N N 362 
VAL C   OXT  sing N N 363 
VAL CB  CG1  sing N N 364 
VAL CB  CG2  sing N N 365 
VAL CB  HB   sing N N 366 
VAL CG1 HG11 sing N N 367 
VAL CG1 HG12 sing N N 368 
VAL CG1 HG13 sing N N 369 
VAL CG2 HG21 sing N N 370 
VAL CG2 HG22 sing N N 371 
VAL CG2 HG23 sing N N 372 
VAL OXT HXT  sing N N 373 
# 
_em_admin.entry_id           8A06 
_em_admin.current_status     REL 
_em_admin.deposition_date    2022-05-26 
_em_admin.deposition_site    PDBE 
_em_admin.last_update        2024-07-24 
_em_admin.map_release_date   2022-12-14 
_em_admin.title              'Localized reconstruction of flavobacterium infecting lipid-containing phage FLiP vertex' 
# 
_em_ctf_correction.id                       1 
_em_ctf_correction.em_image_processing_id   1 
_em_ctf_correction.type                     'PHASE FLIPPING AND AMPLITUDE CORRECTION' 
_em_ctf_correction.details                  ? 
# 
_em_entity_assembly_naturalsource.id                   2 
_em_entity_assembly_naturalsource.entity_assembly_id   1 
_em_entity_assembly_naturalsource.cell                 ? 
_em_entity_assembly_naturalsource.cellular_location    ? 
_em_entity_assembly_naturalsource.ncbi_tax_id          2023716 
_em_entity_assembly_naturalsource.organ                ? 
_em_entity_assembly_naturalsource.organelle            ? 
_em_entity_assembly_naturalsource.organism             'Flavobacterium phage FLiP' 
_em_entity_assembly_naturalsource.strain               ? 
_em_entity_assembly_naturalsource.tissue               ? 
# 
_em_image_processing.id                   1 
_em_image_processing.image_recording_id   1 
_em_image_processing.details              ? 
# 
_em_image_recording.id                                  1 
_em_image_recording.imaging_id                          1 
_em_image_recording.avg_electron_dose_per_image         22 
_em_image_recording.average_exposure_time               ? 
_em_image_recording.details                             ? 
_em_image_recording.detector_mode                       ? 
_em_image_recording.film_or_detector_model              'GATAN K2 SUMMIT (4k x 4k)' 
_em_image_recording.num_diffraction_images              ? 
_em_image_recording.num_grids_imaged                    ? 
_em_image_recording.num_real_images                     ? 
_em_image_recording.avg_electron_dose_per_subtomogram   ? 
# 
loop_
_em_software.id 
_em_software.category 
_em_software.details 
_em_software.name 
_em_software.version 
_em_software.image_processing_id 
_em_software.fitting_id 
_em_software.imaging_id 
1  'PARTICLE SELECTION'       ? ?      ? 1 ? ? 
2  'IMAGE ACQUISITION'        ? ?      ? ? ? 1 
3  MASKING                    ? ?      ? ? ? ? 
4  'CTF CORRECTION'           ? ?      ? 1 ? ? 
5  'LAYERLINE INDEXING'       ? ?      ? ? ? ? 
6  'DIFFRACTION INDEXING'     ? ?      ? ? ? ? 
7  'MODEL FITTING'            ? Coot   ? ? 1 ? 
8  OTHER                      ? ?      ? ? ? ? 
9  'INITIAL EULER ASSIGNMENT' ? ?      ? 1 ? ? 
10 'FINAL EULER ASSIGNMENT'   ? ?      ? 1 ? ? 
11 CLASSIFICATION             ? ?      ? 1 ? ? 
12 RECONSTRUCTION             ? ?      ? 1 ? ? 
13 'MODEL REFINEMENT'         ? PHENIX ? ? 1 ? 
# 
_em_specimen.id                      1 
_em_specimen.experiment_id           1 
_em_specimen.concentration           ? 
_em_specimen.details                 ? 
_em_specimen.embedding_applied       NO 
_em_specimen.shadowing_applied       NO 
_em_specimen.staining_applied        NO 
_em_specimen.vitrification_applied   YES 
# 
_em_virus_natural_host.id                   1 
_em_virus_natural_host.entity_assembly_id   1 
_em_virus_natural_host.ncbi_tax_id          237 
_em_virus_natural_host.organism             Flavobacterium 
_em_virus_natural_host.strain               ? 
# 
_pdbx_audit_support.funding_organization   'Not funded' 
_pdbx_audit_support.country                ? 
_pdbx_audit_support.grant_number           ? 
_pdbx_audit_support.ordinal                1 
# 
_atom_sites.entry_id                    8A06 
_atom_sites.Cartn_transf_matrix[1][1]   ? 
_atom_sites.Cartn_transf_matrix[1][2]   ? 
_atom_sites.Cartn_transf_matrix[1][3]   ? 
_atom_sites.Cartn_transf_matrix[2][1]   ? 
_atom_sites.Cartn_transf_matrix[2][2]   ? 
_atom_sites.Cartn_transf_matrix[2][3]   ? 
_atom_sites.Cartn_transf_matrix[3][1]   ? 
_atom_sites.Cartn_transf_matrix[3][2]   ? 
_atom_sites.Cartn_transf_matrix[3][3]   ? 
_atom_sites.Cartn_transf_vector[1]      ? 
_atom_sites.Cartn_transf_vector[2]      ? 
_atom_sites.Cartn_transf_vector[3]      ? 
_atom_sites.fract_transf_matrix[1][1]   1.000000 
_atom_sites.fract_transf_matrix[1][2]   0.000000 
_atom_sites.fract_transf_matrix[1][3]   0.000000 
_atom_sites.fract_transf_matrix[2][1]   0.000000 
_atom_sites.fract_transf_matrix[2][2]   1.000000 
_atom_sites.fract_transf_matrix[2][3]   0.000000 
_atom_sites.fract_transf_matrix[3][1]   0.000000 
_atom_sites.fract_transf_matrix[3][2]   0.000000 
_atom_sites.fract_transf_matrix[3][3]   1.000000 
_atom_sites.fract_transf_vector[1]      0.00000 
_atom_sites.fract_transf_vector[2]      0.00000 
_atom_sites.fract_transf_vector[3]      0.00000 
_atom_sites.solution_primary            ? 
_atom_sites.solution_secondary          ? 
_atom_sites.solution_hydrogens          ? 
_atom_sites.special_details             ? 
# 
loop_
_atom_type.symbol 
C 
N 
O 
S 
# 
loop_
_atom_site.group_PDB 
_atom_site.id 
_atom_site.type_symbol 
_atom_site.label_atom_id 
_atom_site.label_alt_id 
_atom_site.label_comp_id 
_atom_site.label_asym_id 
_atom_site.label_entity_id 
_atom_site.label_seq_id 
_atom_site.pdbx_PDB_ins_code 
_atom_site.Cartn_x 
_atom_site.Cartn_y 
_atom_site.Cartn_z 
_atom_site.occupancy 
_atom_site.B_iso_or_equiv 
_atom_site.pdbx_formal_charge 
_atom_site.auth_seq_id 
_atom_site.auth_comp_id 
_atom_site.auth_asym_id 
_atom_site.auth_atom_id 
_atom_site.pdbx_PDB_model_num 
ATOM 1    N N   . ASP A 1 1   ? -18.557 4.014   -27.049 1.00 39.28 ? -2  ASP E N   1 
ATOM 2    C CA  . ASP A 1 1   ? -17.626 4.302   -25.966 1.00 39.28 ? -2  ASP E CA  1 
ATOM 3    C C   . ASP A 1 1   ? -16.540 5.267   -26.421 1.00 39.28 ? -2  ASP E C   1 
ATOM 4    O O   . ASP A 1 1   ? -16.635 6.473   -26.193 1.00 39.28 ? -2  ASP E O   1 
ATOM 5    C CB  . ASP A 1 1   ? -16.998 3.012   -25.441 1.00 39.28 ? -2  ASP E CB  1 
ATOM 6    C CG  . ASP A 1 1   ? -16.477 3.152   -24.026 1.00 39.28 ? -2  ASP E CG  1 
ATOM 7    O OD1 . ASP A 1 1   ? -16.477 4.283   -23.498 1.00 39.28 ? -2  ASP E OD1 1 
ATOM 8    O OD2 . ASP A 1 1   ? -16.069 2.128   -23.439 1.00 39.28 ? -2  ASP E OD2 1 
ATOM 9    N N   . PHE A 1 2   ? -15.505 4.721   -27.061 1.00 37.63 ? -1  PHE E N   1 
ATOM 10   C CA  . PHE A 1 2   ? -14.391 5.509   -27.593 1.00 37.63 ? -1  PHE E CA  1 
ATOM 11   C C   . PHE A 1 2   ? -13.748 6.371   -26.513 1.00 37.63 ? -1  PHE E C   1 
ATOM 12   O O   . PHE A 1 2   ? -13.307 7.494   -26.765 1.00 37.63 ? -1  PHE E O   1 
ATOM 13   C CB  . PHE A 1 2   ? -14.833 6.364   -28.783 1.00 37.63 ? -1  PHE E CB  1 
ATOM 14   C CG  . PHE A 1 2   ? -14.767 5.646   -30.098 1.00 37.63 ? -1  PHE E CG  1 
ATOM 15   C CD1 . PHE A 1 2   ? -14.128 6.221   -31.182 1.00 37.63 ? -1  PHE E CD1 1 
ATOM 16   C CD2 . PHE A 1 2   ? -15.332 4.392   -30.247 1.00 37.63 ? -1  PHE E CD2 1 
ATOM 17   C CE1 . PHE A 1 2   ? -14.058 5.560   -32.393 1.00 37.63 ? -1  PHE E CE1 1 
ATOM 18   C CE2 . PHE A 1 2   ? -15.266 3.724   -31.454 1.00 37.63 ? -1  PHE E CE2 1 
ATOM 19   C CZ  . PHE A 1 2   ? -14.629 4.309   -32.530 1.00 37.63 ? -1  PHE E CZ  1 
ATOM 20   N N   . SER A 1 3   ? -13.699 5.845   -25.296 1.00 34.95 ? 0   SER E N   1 
ATOM 21   C CA  . SER A 1 3   ? -13.005 6.500   -24.201 1.00 34.95 ? 0   SER E CA  1 
ATOM 22   C C   . SER A 1 3   ? -11.606 5.900   -24.073 1.00 34.95 ? 0   SER E C   1 
ATOM 23   O O   . SER A 1 3   ? -11.170 5.104   -24.908 1.00 34.95 ? 0   SER E O   1 
ATOM 24   C CB  . SER A 1 3   ? -13.811 6.370   -22.910 1.00 34.95 ? 0   SER E CB  1 
ATOM 25   O OG  . SER A 1 3   ? -13.292 7.212   -21.897 1.00 34.95 ? 0   SER E OG  1 
ATOM 26   N N   . THR A 1 4   ? -10.887 6.277   -23.020 1.00 34.94 ? 1   THR E N   1 
ATOM 27   C CA  . THR A 1 4   ? -9.580  5.698   -22.761 1.00 34.94 ? 1   THR E CA  1 
ATOM 28   C C   . THR A 1 4   ? -9.758  4.247   -22.300 1.00 34.94 ? 1   THR E C   1 
ATOM 29   O O   . THR A 1 4   ? -10.874 3.731   -22.202 1.00 34.94 ? 1   THR E O   1 
ATOM 30   C CB  . THR A 1 4   ? -8.829  6.553   -21.738 1.00 34.94 ? 1   THR E CB  1 
ATOM 31   O OG1 . THR A 1 4   ? -9.039  7.935   -22.045 1.00 34.94 ? 1   THR E OG1 1 
ATOM 32   C CG2 . THR A 1 4   ? -7.327  6.294   -21.801 1.00 34.94 ? 1   THR E CG2 1 
ATOM 33   N N   . ILE A 1 5   ? -8.642  3.574   -22.030 1.00 34.59 ? 2   ILE E N   1 
ATOM 34   C CA  . ILE A 1 5   ? -8.633  2.159   -21.660 1.00 34.59 ? 2   ILE E CA  1 
ATOM 35   C C   . ILE A 1 5   ? -9.560  1.878   -20.478 1.00 34.59 ? 2   ILE E C   1 
ATOM 36   O O   . ILE A 1 5   ? -10.309 0.891   -20.525 1.00 34.59 ? 2   ILE E O   1 
ATOM 37   C CB  . ILE A 1 5   ? -7.200  1.678   -21.370 1.00 34.59 ? 2   ILE E CB  1 
ATOM 38   C CG1 . ILE A 1 5   ? -6.336  1.786   -22.628 1.00 34.59 ? 2   ILE E CG1 1 
ATOM 39   C CG2 . ILE A 1 5   ? -7.212  0.249   -20.853 1.00 34.59 ? 2   ILE E CG2 1 
ATOM 40   C CD1 . ILE A 1 5   ? -5.453  3.013   -22.658 1.00 34.59 ? 2   ILE E CD1 1 
ATOM 41   N N   . PRO A 1 6   ? -9.561  2.679   -19.407 1.00 34.99 ? 3   PRO E N   1 
ATOM 42   C CA  . PRO A 1 6   ? -10.549 2.455   -18.345 1.00 34.99 ? 3   PRO E CA  1 
ATOM 43   C C   . PRO A 1 6   ? -11.973 2.607   -18.863 1.00 34.99 ? 3   PRO E C   1 
ATOM 44   O O   . PRO A 1 6   ? -12.258 3.422   -19.740 1.00 34.99 ? 3   PRO E O   1 
ATOM 45   C CB  . PRO A 1 6   ? -10.212 3.535   -17.312 1.00 34.99 ? 3   PRO E CB  1 
ATOM 46   C CG  . PRO A 1 6   ? -8.782  3.815   -17.528 1.00 34.99 ? 3   PRO E CG  1 
ATOM 47   C CD  . PRO A 1 6   ? -8.582  3.708   -19.007 1.00 34.99 ? 3   PRO E CD  1 
ATOM 48   N N   . ILE A 1 7   ? -12.871 1.799   -18.303 1.00 36.26 ? 4   ILE E N   1 
ATOM 49   C CA  . ILE A 1 7   ? -14.267 1.753   -18.713 1.00 36.26 ? 4   ILE E CA  1 
ATOM 50   C C   . ILE A 1 7   ? -15.130 2.140   -17.520 1.00 36.26 ? 4   ILE E C   1 
ATOM 51   O O   . ILE A 1 7   ? -14.977 1.578   -16.430 1.00 36.26 ? 4   ILE E O   1 
ATOM 52   C CB  . ILE A 1 7   ? -14.654 0.360   -19.242 1.00 36.26 ? 4   ILE E CB  1 
ATOM 53   C CG1 . ILE A 1 7   ? -13.694 -0.066  -20.354 1.00 36.26 ? 4   ILE E CG1 1 
ATOM 54   C CG2 . ILE A 1 7   ? -16.084 0.362   -19.747 1.00 36.26 ? 4   ILE E CG2 1 
ATOM 55   C CD1 . ILE A 1 7   ? -13.680 0.867   -21.538 1.00 36.26 ? 4   ILE E CD1 1 
ATOM 56   N N   . ASP A 1 8   ? -16.032 3.093   -17.728 1.00 37.21 ? 5   ASP E N   1 
ATOM 57   C CA  . ASP A 1 8   ? -16.860 3.646   -16.668 1.00 37.21 ? 5   ASP E CA  1 
ATOM 58   C C   . ASP A 1 8   ? -18.313 3.216   -16.836 1.00 37.21 ? 5   ASP E C   1 
ATOM 59   O O   . ASP A 1 8   ? -18.697 2.596   -17.831 1.00 37.21 ? 5   ASP E O   1 
ATOM 60   C CB  . ASP A 1 8   ? -16.769 5.175   -16.650 1.00 37.21 ? 5   ASP E CB  1 
ATOM 61   C CG  . ASP A 1 8   ? -15.399 5.669   -16.251 1.00 37.21 ? 5   ASP E CG  1 
ATOM 62   O OD1 . ASP A 1 8   ? -14.707 4.951   -15.501 1.00 37.21 ? 5   ASP E OD1 1 
ATOM 63   O OD2 . ASP A 1 8   ? -15.016 6.775   -16.686 1.00 37.21 ? 5   ASP E OD2 1 
ATOM 64   N N   . TYR A 1 9   ? -19.117 3.557   -15.828 1.00 37.91 ? 6   TYR E N   1 
ATOM 65   C CA  . TYR A 1 9   ? -20.569 3.374   -15.835 1.00 37.91 ? 6   TYR E CA  1 
ATOM 66   C C   . TYR A 1 9   ? -20.980 1.918   -16.019 1.00 37.91 ? 6   TYR E C   1 
ATOM 67   O O   . TYR A 1 9   ? -22.115 1.637   -16.415 1.00 37.91 ? 6   TYR E O   1 
ATOM 68   C CB  . TYR A 1 9   ? -21.236 4.245   -16.908 1.00 37.91 ? 6   TYR E CB  1 
ATOM 69   C CG  . TYR A 1 9   ? -20.797 5.696   -16.916 1.00 37.91 ? 6   TYR E CG  1 
ATOM 70   C CD1 . TYR A 1 9   ? -20.412 6.338   -15.744 1.00 37.91 ? 6   TYR E CD1 1 
ATOM 71   C CD2 . TYR A 1 9   ? -20.773 6.424   -18.098 1.00 37.91 ? 6   TYR E CD2 1 
ATOM 72   C CE1 . TYR A 1 9   ? -20.014 7.662   -15.751 1.00 37.91 ? 6   TYR E CE1 1 
ATOM 73   C CE2 . TYR A 1 9   ? -20.378 7.750   -18.114 1.00 37.91 ? 6   TYR E CE2 1 
ATOM 74   C CZ  . TYR A 1 9   ? -19.999 8.363   -16.938 1.00 37.91 ? 6   TYR E CZ  1 
ATOM 75   O OH  . TYR A 1 9   ? -19.604 9.681   -16.953 1.00 37.91 ? 6   TYR E OH  1 
ATOM 76   N N   . VAL A 1 10  ? -20.078 0.977   -15.735 1.00 37.73 ? 7   VAL E N   1 
ATOM 77   C CA  . VAL A 1 10  ? -20.420 -0.430  -15.883 1.00 37.73 ? 7   VAL E CA  1 
ATOM 78   C C   . VAL A 1 10  ? -21.363 -0.851  -14.759 1.00 37.73 ? 7   VAL E C   1 
ATOM 79   O O   . VAL A 1 10  ? -21.356 -0.295  -13.654 1.00 37.73 ? 7   VAL E O   1 
ATOM 80   C CB  . VAL A 1 10  ? -19.144 -1.290  -15.906 1.00 37.73 ? 7   VAL E CB  1 
ATOM 81   C CG1 . VAL A 1 10  ? -19.465 -2.765  -16.113 1.00 37.73 ? 7   VAL E CG1 1 
ATOM 82   C CG2 . VAL A 1 10  ? -18.190 -0.794  -16.981 1.00 37.73 ? 7   VAL E CG2 1 
ATOM 83   N N   . LYS A 1 11  ? -22.202 -1.846  -15.055 1.00 41.02 ? 8   LYS E N   1 
ATOM 84   C CA  . LYS A 1 11  ? -23.148 -2.359  -14.074 1.00 41.02 ? 8   LYS E CA  1 
ATOM 85   C C   . LYS A 1 11  ? -22.468 -2.989  -12.867 1.00 41.02 ? 8   LYS E C   1 
ATOM 86   O O   . LYS A 1 11  ? -23.132 -3.200  -11.847 1.00 41.02 ? 8   LYS E O   1 
ATOM 87   C CB  . LYS A 1 11  ? -24.080 -3.379  -14.732 1.00 41.02 ? 8   LYS E CB  1 
ATOM 88   C CG  . LYS A 1 11  ? -24.990 -2.784  -15.792 1.00 41.02 ? 8   LYS E CG  1 
ATOM 89   C CD  . LYS A 1 11  ? -25.363 -3.813  -16.844 1.00 41.02 ? 8   LYS E CD  1 
ATOM 90   C CE  . LYS A 1 11  ? -25.809 -3.145  -18.134 1.00 41.02 ? 8   LYS E CE  1 
ATOM 91   N NZ  . LYS A 1 11  ? -24.680 -2.970  -19.088 1.00 41.02 ? 8   LYS E NZ  1 
ATOM 92   N N   . ALA A 1 12  ? -21.176 -3.297  -12.955 1.00 39.90 ? 9   ALA E N   1 
ATOM 93   C CA  . ALA A 1 12  ? -20.437 -3.864  -11.831 1.00 39.90 ? 9   ALA E CA  1 
ATOM 94   C C   . ALA A 1 12  ? -20.247 -2.786  -10.772 1.00 39.90 ? 9   ALA E C   1 
ATOM 95   O O   . ALA A 1 12  ? -19.376 -1.923  -10.892 1.00 39.90 ? 9   ALA E O   1 
ATOM 96   C CB  . ALA A 1 12  ? -19.097 -4.417  -12.300 1.00 39.90 ? 9   ALA E CB  1 
ATOM 97   N N   . LYS A 1 13  ? -21.069 -2.832  -9.725  1.00 42.08 ? 10  LYS E N   1 
ATOM 98   C CA  . LYS A 1 13  ? -21.021 -1.875  -8.621  1.00 42.08 ? 10  LYS E CA  1 
ATOM 99   C C   . LYS A 1 13  ? -20.751 -2.658  -7.341  1.00 42.08 ? 10  LYS E C   1 
ATOM 100  O O   . LYS A 1 13  ? -21.681 -3.043  -6.628  1.00 42.08 ? 10  LYS E O   1 
ATOM 101  C CB  . LYS A 1 13  ? -22.320 -1.080  -8.525  1.00 42.08 ? 10  LYS E CB  1 
ATOM 102  C CG  . LYS A 1 13  ? -22.667 -0.304  -9.782  1.00 42.08 ? 10  LYS E CG  1 
ATOM 103  C CD  . LYS A 1 13  ? -23.927 0.524   -9.589  1.00 42.08 ? 10  LYS E CD  1 
ATOM 104  C CE  . LYS A 1 13  ? -25.159 -0.359  -9.463  1.00 42.08 ? 10  LYS E CE  1 
ATOM 105  N NZ  . LYS A 1 13  ? -25.483 -1.062  -10.733 1.00 42.08 ? 10  LYS E NZ  1 
ATOM 106  N N   . ASP A 1 14  ? -19.469 -2.889  -7.049  1.00 40.25 ? 11  ASP E N   1 
ATOM 107  C CA  . ASP A 1 14  ? -19.059 -3.602  -5.849  1.00 40.25 ? 11  ASP E CA  1 
ATOM 108  C C   . ASP A 1 14  ? -17.782 -2.949  -5.332  1.00 40.25 ? 11  ASP E C   1 
ATOM 109  O O   . ASP A 1 14  ? -16.870 -2.667  -6.129  1.00 40.25 ? 11  ASP E O   1 
ATOM 110  C CB  . ASP A 1 14  ? -18.832 -5.089  -6.120  1.00 40.25 ? 11  ASP E CB  1 
ATOM 111  C CG  . ASP A 1 14  ? -20.093 -5.906  -5.955  1.00 40.25 ? 11  ASP E CG  1 
ATOM 112  O OD1 . ASP A 1 14  ? -20.950 -5.513  -5.137  1.00 40.25 ? 11  ASP E OD1 1 
ATOM 113  O OD2 . ASP A 1 14  ? -20.230 -6.939  -6.643  1.00 40.25 ? 11  ASP E OD2 1 
ATOM 114  N N   . PRO A 1 15  ? -17.683 -2.696  -4.025  1.00 37.97 ? 12  PRO E N   1 
ATOM 115  C CA  . PRO A 1 15  ? -16.521 -1.952  -3.512  1.00 37.97 ? 12  PRO E CA  1 
ATOM 116  C C   . PRO A 1 15  ? -15.183 -2.620  -3.785  1.00 37.97 ? 12  PRO E C   1 
ATOM 117  O O   . PRO A 1 15  ? -14.192 -1.924  -4.036  1.00 37.97 ? 12  PRO E O   1 
ATOM 118  C CB  . PRO A 1 15  ? -16.809 -1.856  -2.006  1.00 37.97 ? 12  PRO E CB  1 
ATOM 119  C CG  . PRO A 1 15  ? -18.280 -2.078  -1.876  1.00 37.97 ? 12  PRO E CG  1 
ATOM 120  C CD  . PRO A 1 15  ? -18.639 -3.040  -2.961  1.00 37.97 ? 12  PRO E CD  1 
ATOM 121  N N   . ASN A 1 16  ? -15.120 -3.951  -3.742  1.00 36.53 ? 13  ASN E N   1 
ATOM 122  C CA  . ASN A 1 16  ? -13.833 -4.627  -3.870  1.00 36.53 ? 13  ASN E CA  1 
ATOM 123  C C   . ASN A 1 16  ? -13.329 -4.682  -5.309  1.00 36.53 ? 13  ASN E C   1 
ATOM 124  O O   . ASN A 1 16  ? -12.114 -4.752  -5.529  1.00 36.53 ? 13  ASN E O   1 
ATOM 125  C CB  . ASN A 1 16  ? -13.913 -6.030  -3.254  1.00 36.53 ? 13  ASN E CB  1 
ATOM 126  C CG  . ASN A 1 16  ? -14.897 -6.948  -3.968  1.00 36.53 ? 13  ASN E CG  1 
ATOM 127  O OD1 . ASN A 1 16  ? -15.178 -6.792  -5.153  1.00 36.53 ? 13  ASN E OD1 1 
ATOM 128  N ND2 . ASN A 1 16  ? -15.423 -7.921  -3.234  1.00 36.53 ? 13  ASN E ND2 1 
ATOM 129  N N   . THR A 1 17  ? -14.224 -4.647  -6.293  1.00 36.16 ? 14  THR E N   1 
ATOM 130  C CA  . THR A 1 17  ? -13.811 -4.796  -7.681  1.00 36.16 ? 14  THR E CA  1 
ATOM 131  C C   . THR A 1 17  ? -13.031 -3.573  -8.157  1.00 36.16 ? 14  THR E C   1 
ATOM 132  O O   . THR A 1 17  ? -13.128 -2.478  -7.598  1.00 36.16 ? 14  THR E O   1 
ATOM 133  C CB  . THR A 1 17  ? -15.021 -5.009  -8.590  1.00 36.16 ? 14  THR E CB  1 
ATOM 134  O OG1 . THR A 1 17  ? -15.882 -3.867  -8.516  1.00 36.16 ? 14  THR E OG1 1 
ATOM 135  C CG2 . THR A 1 17  ? -15.792 -6.248  -8.179  1.00 36.16 ? 14  THR E CG2 1 
ATOM 136  N N   . ILE A 1 18  ? -12.240 -3.781  -9.215  1.00 35.42 ? 15  ILE E N   1 
ATOM 137  C CA  . ILE A 1 18  ? -11.520 -2.682  -9.847  1.00 35.42 ? 15  ILE E CA  1 
ATOM 138  C C   . ILE A 1 18  ? -12.476 -1.707  -10.519 1.00 35.42 ? 15  ILE E C   1 
ATOM 139  O O   . ILE A 1 18  ? -12.115 -0.548  -10.755 1.00 35.42 ? 15  ILE E O   1 
ATOM 140  C CB  . ILE A 1 18  ? -10.490 -3.233  -10.853 1.00 35.42 ? 15  ILE E CB  1 
ATOM 141  C CG1 . ILE A 1 18  ? -9.597  -2.113  -11.394 1.00 35.42 ? 15  ILE E CG1 1 
ATOM 142  C CG2 . ILE A 1 18  ? -11.190 -3.950  -11.994 1.00 35.42 ? 15  ILE E CG2 1 
ATOM 143  C CD1 . ILE A 1 18  ? -8.930  -1.288  -10.320 1.00 35.42 ? 15  ILE E CD1 1 
ATOM 144  N N   . ASP A 1 19  ? -13.697 -2.146  -10.828 1.00 37.12 ? 16  ASP E N   1 
ATOM 145  C CA  . ASP A 1 19  ? -14.672 -1.255  -11.445 1.00 37.12 ? 16  ASP E CA  1 
ATOM 146  C C   . ASP A 1 19  ? -14.999 -0.080  -10.532 1.00 37.12 ? 16  ASP E C   1 
ATOM 147  O O   . ASP A 1 19  ? -15.099 1.065   -10.992 1.00 37.12 ? 16  ASP E O   1 
ATOM 148  C CB  . ASP A 1 19  ? -15.938 -2.034  -11.793 1.00 37.12 ? 16  ASP E CB  1 
ATOM 149  C CG  . ASP A 1 19  ? -16.785 -1.330  -12.822 1.00 37.12 ? 16  ASP E CG  1 
ATOM 150  O OD1 . ASP A 1 19  ? -17.568 -0.436  -12.438 1.00 37.12 ? 16  ASP E OD1 1 
ATOM 151  O OD2 . ASP A 1 19  ? -16.658 -1.666  -14.017 1.00 37.12 ? 16  ASP E OD2 1 
ATOM 152  N N   . PHE A 1 20  ? -15.168 -0.345  -9.235  1.00 34.77 ? 17  PHE E N   1 
ATOM 153  C CA  . PHE A 1 20  ? -15.418 0.734   -8.286  1.00 34.77 ? 17  PHE E CA  1 
ATOM 154  C C   . PHE A 1 20  ? -14.239 1.693   -8.227  1.00 34.77 ? 17  PHE E C   1 
ATOM 155  O O   . PHE A 1 20  ? -14.424 2.914   -8.169  1.00 34.77 ? 17  PHE E O   1 
ATOM 156  C CB  . PHE A 1 20  ? -15.712 0.155   -6.904  1.00 34.77 ? 17  PHE E CB  1 
ATOM 157  C CG  . PHE A 1 20  ? -15.801 1.186   -5.819  1.00 34.77 ? 17  PHE E CG  1 
ATOM 158  C CD1 . PHE A 1 20  ? -16.845 2.092   -5.792  1.00 34.77 ? 17  PHE E CD1 1 
ATOM 159  C CD2 . PHE A 1 20  ? -14.844 1.245   -4.823  1.00 34.77 ? 17  PHE E CD2 1 
ATOM 160  C CE1 . PHE A 1 20  ? -16.930 3.041   -4.794  1.00 34.77 ? 17  PHE E CE1 1 
ATOM 161  C CE2 . PHE A 1 20  ? -14.923 2.190   -3.823  1.00 34.77 ? 17  PHE E CE2 1 
ATOM 162  C CZ  . PHE A 1 20  ? -15.968 3.089   -3.808  1.00 34.77 ? 17  PHE E CZ  1 
ATOM 163  N N   . CYS A 1 21  ? -13.017 1.159   -8.249  1.00 33.49 ? 18  CYS E N   1 
ATOM 164  C CA  . CYS A 1 21  ? -11.835 2.013   -8.243  1.00 33.49 ? 18  CYS E CA  1 
ATOM 165  C C   . CYS A 1 21  ? -11.804 2.919   -9.468  1.00 33.49 ? 18  CYS E C   1 
ATOM 166  O O   . CYS A 1 21  ? -11.554 4.125   -9.358  1.00 33.49 ? 18  CYS E O   1 
ATOM 167  C CB  . CYS A 1 21  ? -10.575 1.153   -8.178  1.00 33.49 ? 18  CYS E CB  1 
ATOM 168  S SG  . CYS A 1 21  ? -9.035  2.087   -8.100  1.00 33.49 ? 18  CYS E SG  1 
ATOM 169  N N   . LEU A 1 22  ? -12.053 2.350   -10.648 1.00 33.94 ? 19  LEU E N   1 
ATOM 170  C CA  . LEU A 1 22  ? -12.035 3.155   -11.864 1.00 33.94 ? 19  LEU E CA  1 
ATOM 171  C C   . LEU A 1 22  ? -13.117 4.225   -11.829 1.00 33.94 ? 19  LEU E C   1 
ATOM 172  O O   . LEU A 1 22  ? -12.861 5.386   -12.172 1.00 33.94 ? 19  LEU E O   1 
ATOM 173  C CB  . LEU A 1 22  ? -12.201 2.258   -13.088 1.00 33.94 ? 19  LEU E CB  1 
ATOM 174  C CG  . LEU A 1 22  ? -10.950 1.499   -13.529 1.00 33.94 ? 19  LEU E CG  1 
ATOM 175  C CD1 . LEU A 1 22  ? -11.149 0.898   -14.908 1.00 33.94 ? 19  LEU E CD1 1 
ATOM 176  C CD2 . LEU A 1 22  ? -9.735  2.409   -13.508 1.00 33.94 ? 19  LEU E CD2 1 
ATOM 177  N N   . SER A 1 23  ? -14.328 3.857   -11.403 1.00 31.13 ? 20  SER E N   1 
ATOM 178  C CA  . SER A 1 23  ? -15.411 4.831   -11.339 1.00 31.13 ? 20  SER E CA  1 
ATOM 179  C C   . SER A 1 23  ? -15.118 5.926   -10.324 1.00 31.13 ? 20  SER E C   1 
ATOM 180  O O   . SER A 1 23  ? -15.547 7.071   -10.507 1.00 31.13 ? 20  SER E O   1 
ATOM 181  C CB  . SER A 1 23  ? -16.729 4.135   -11.005 1.00 31.13 ? 20  SER E CB  1 
ATOM 182  O OG  . SER A 1 23  ? -17.821 5.025   -11.146 1.00 31.13 ? 20  SER E OG  1 
ATOM 183  N N   . TYR A 1 24  ? -14.394 5.601   -9.251  1.00 31.27 ? 21  TYR E N   1 
ATOM 184  C CA  . TYR A 1 24  ? -14.057 6.616   -8.260  1.00 31.27 ? 21  TYR E CA  1 
ATOM 185  C C   . TYR A 1 24  ? -12.990 7.570   -8.784  1.00 31.27 ? 21  TYR E C   1 
ATOM 186  O O   . TYR A 1 24  ? -13.101 8.790   -8.615  1.00 31.27 ? 21  TYR E O   1 
ATOM 187  C CB  . TYR A 1 24  ? -13.598 5.954   -6.963  1.00 31.27 ? 21  TYR E CB  1 
ATOM 188  C CG  . TYR A 1 24  ? -12.810 6.877   -6.070  1.00 31.27 ? 21  TYR E CG  1 
ATOM 189  C CD1 . TYR A 1 24  ? -13.407 7.984   -5.490  1.00 31.27 ? 21  TYR E CD1 1 
ATOM 190  C CD2 . TYR A 1 24  ? -11.469 6.648   -5.813  1.00 31.27 ? 21  TYR E CD2 1 
ATOM 191  C CE1 . TYR A 1 24  ? -12.692 8.835   -4.676  1.00 31.27 ? 21  TYR E CE1 1 
ATOM 192  C CE2 . TYR A 1 24  ? -10.746 7.493   -5.000  1.00 31.27 ? 21  TYR E CE2 1 
ATOM 193  C CZ  . TYR A 1 24  ? -11.362 8.584   -4.435  1.00 31.27 ? 21  TYR E CZ  1 
ATOM 194  O OH  . TYR A 1 24  ? -10.647 9.431   -3.624  1.00 31.27 ? 21  TYR E OH  1 
ATOM 195  N N   . LEU A 1 25  ? -11.936 7.036   -9.409  1.00 30.49 ? 22  LEU E N   1 
ATOM 196  C CA  . LEU A 1 25  ? -10.880 7.909   -9.919  1.00 30.49 ? 22  LEU E CA  1 
ATOM 197  C C   . LEU A 1 25  ? -11.368 8.791   -11.063 1.00 30.49 ? 22  LEU E C   1 
ATOM 198  O O   . LEU A 1 25  ? -11.009 9.973   -11.128 1.00 30.49 ? 22  LEU E O   1 
ATOM 199  C CB  . LEU A 1 25  ? -9.651  7.107   -10.346 1.00 30.49 ? 22  LEU E CB  1 
ATOM 200  C CG  . LEU A 1 25  ? -8.656  6.689   -9.257  1.00 30.49 ? 22  LEU E CG  1 
ATOM 201  C CD1 . LEU A 1 25  ? -9.172  5.615   -8.331  1.00 30.49 ? 22  LEU E CD1 1 
ATOM 202  C CD2 . LEU A 1 25  ? -7.344  6.258   -9.895  1.00 30.49 ? 22  LEU E CD2 1 
ATOM 203  N N   . GLU A 1 26  ? -12.179 8.254   -11.978 1.00 32.01 ? 23  GLU E N   1 
ATOM 204  C CA  . GLU A 1 26  ? -12.659 9.093   -13.073 1.00 32.01 ? 23  GLU E CA  1 
ATOM 205  C C   . GLU A 1 26  ? -13.617 10.183  -12.608 1.00 32.01 ? 23  GLU E C   1 
ATOM 206  O O   . GLU A 1 26  ? -13.860 11.132  -13.361 1.00 32.01 ? 23  GLU E O   1 
ATOM 207  C CB  . GLU A 1 26  ? -13.327 8.244   -14.157 1.00 32.01 ? 23  GLU E CB  1 
ATOM 208  C CG  . GLU A 1 26  ? -12.493 7.077   -14.655 1.00 32.01 ? 23  GLU E CG  1 
ATOM 209  C CD  . GLU A 1 26  ? -11.570 7.460   -15.796 1.00 32.01 ? 23  GLU E CD  1 
ATOM 210  O OE1 . GLU A 1 26  ? -11.140 8.630   -15.853 1.00 32.01 ? 23  GLU E OE1 1 
ATOM 211  O OE2 . GLU A 1 26  ? -11.280 6.590   -16.643 1.00 32.01 ? 23  GLU E OE2 1 
ATOM 212  N N   . LEU A 1 27  ? -14.163 10.079  -11.398 1.00 27.61 ? 24  LEU E N   1 
ATOM 213  C CA  . LEU A 1 27  ? -15.121 11.061  -10.905 1.00 27.61 ? 24  LEU E CA  1 
ATOM 214  C C   . LEU A 1 27  ? -14.528 12.050  -9.911  1.00 27.61 ? 24  LEU E C   1 
ATOM 215  O O   . LEU A 1 27  ? -14.904 13.226  -9.924  1.00 27.61 ? 24  LEU E O   1 
ATOM 216  C CB  . LEU A 1 27  ? -16.318 10.355  -10.263 1.00 27.61 ? 24  LEU E CB  1 
ATOM 217  C CG  . LEU A 1 27  ? -17.394 9.859   -11.231 1.00 27.61 ? 24  LEU E CG  1 
ATOM 218  C CD1 . LEU A 1 27  ? -18.453 9.054   -10.498 1.00 27.61 ? 24  LEU E CD1 1 
ATOM 219  C CD2 . LEU A 1 27  ? -18.021 11.032  -11.963 1.00 27.61 ? 24  LEU E CD2 1 
ATOM 220  N N   . TYR A 1 28  ? -13.611 11.615  -9.046  1.00 27.48 ? 25  TYR E N   1 
ATOM 221  C CA  . TYR A 1 28  ? -13.106 12.469  -7.977  1.00 27.48 ? 25  TYR E CA  1 
ATOM 222  C C   . TYR A 1 28  ? -11.596 12.669  -8.024  1.00 27.48 ? 25  TYR E C   1 
ATOM 223  O O   . TYR A 1 28  ? -11.025 13.204  -7.067  1.00 27.48 ? 25  TYR E O   1 
ATOM 224  C CB  . TYR A 1 28  ? -13.514 11.899  -6.615  1.00 27.48 ? 25  TYR E CB  1 
ATOM 225  C CG  . TYR A 1 28  ? -15.004 11.923  -6.377  1.00 27.48 ? 25  TYR E CG  1 
ATOM 226  C CD1 . TYR A 1 28  ? -15.647 13.098  -6.015  1.00 27.48 ? 25  TYR E CD1 1 
ATOM 227  C CD2 . TYR A 1 28  ? -15.770 10.777  -6.520  1.00 27.48 ? 25  TYR E CD2 1 
ATOM 228  C CE1 . TYR A 1 28  ? -17.011 13.129  -5.800  1.00 27.48 ? 25  TYR E CE1 1 
ATOM 229  C CE2 . TYR A 1 28  ? -17.135 10.798  -6.307  1.00 27.48 ? 25  TYR E CE2 1 
ATOM 230  C CZ  . TYR A 1 28  ? -17.749 11.977  -5.947  1.00 27.48 ? 25  TYR E CZ  1 
ATOM 231  O OH  . TYR A 1 28  ? -19.107 12.009  -5.733  1.00 27.48 ? 25  TYR E OH  1 
ATOM 232  N N   . HIS A 1 29  ? -10.935 12.262  -9.101  1.00 32.59 ? 26  HIS E N   1 
ATOM 233  C CA  . HIS A 1 29  ? -9.490  12.416  -9.254  1.00 32.59 ? 26  HIS E CA  1 
ATOM 234  C C   . HIS A 1 29  ? -9.154  12.954  -10.635 1.00 32.59 ? 26  HIS E C   1 
ATOM 235  O O   . HIS A 1 29  ? -8.289  12.433  -11.342 1.00 32.59 ? 26  HIS E O   1 
ATOM 236  C CB  . HIS A 1 29  ? -8.767  11.102  -8.995  1.00 32.59 ? 26  HIS E CB  1 
ATOM 237  C CG  . HIS A 1 29  ? -8.621  10.774  -7.544  1.00 32.59 ? 26  HIS E CG  1 
ATOM 238  N ND1 . HIS A 1 29  ? -7.498  11.110  -6.819  1.00 32.59 ? 26  HIS E ND1 1 
ATOM 239  C CD2 . HIS A 1 29  ? -9.458  10.157  -6.679  1.00 32.59 ? 26  HIS E CD2 1 
ATOM 240  C CE1 . HIS A 1 29  ? -7.648  10.705  -5.571  1.00 32.59 ? 26  HIS E CE1 1 
ATOM 241  N NE2 . HIS A 1 29  ? -8.829  10.124  -5.459  1.00 32.59 ? 26  HIS E NE2 1 
ATOM 242  N N   . THR A 1 30  ? -9.848  14.015  -11.041 1.00 33.51 ? 27  THR E N   1 
ATOM 243  C CA  . THR A 1 30  ? -9.580  14.635  -12.327 1.00 33.51 ? 27  THR E CA  1 
ATOM 244  C C   . THR A 1 30  ? -8.157  15.193  -12.361 1.00 33.51 ? 27  THR E C   1 
ATOM 245  O O   . THR A 1 30  ? -7.439  15.212  -11.359 1.00 33.51 ? 27  THR E O   1 
ATOM 246  C CB  . THR A 1 30  ? -10.592 15.742  -12.609 1.00 33.51 ? 27  THR E CB  1 
ATOM 247  O OG1 . THR A 1 30  ? -10.486 16.756  -11.604 1.00 33.51 ? 27  THR E OG1 1 
ATOM 248  C CG2 . THR A 1 30  ? -12.001 15.179  -12.604 1.00 33.51 ? 27  THR E CG2 1 
ATOM 249  N N   . THR A 1 31  ? -7.757  15.656  -13.547 1.00 35.09 ? 28  THR E N   1 
ATOM 250  C CA  . THR A 1 31  ? -6.384  16.090  -13.819 1.00 35.09 ? 28  THR E CA  1 
ATOM 251  C C   . THR A 1 31  ? -5.384  14.967  -13.562 1.00 35.09 ? 28  THR E C   1 
ATOM 252  O O   . THR A 1 31  ? -4.241  15.214  -13.173 1.00 35.09 ? 28  THR E O   1 
ATOM 253  C CB  . THR A 1 31  ? -6.005  17.339  -13.014 1.00 35.09 ? 28  THR E CB  1 
ATOM 254  O OG1 . THR A 1 31  ? -6.010  17.038  -11.613 1.00 35.09 ? 28  THR E OG1 1 
ATOM 255  C CG2 . THR A 1 31  ? -6.987  18.466  -13.285 1.00 35.09 ? 28  THR E CG2 1 
ATOM 256  N N   . LYS A 1 32  ? -5.812  13.726  -13.777 1.00 34.16 ? 29  LYS E N   1 
ATOM 257  C CA  . LYS A 1 32  ? -4.953  12.553  -13.654 1.00 34.16 ? 29  LYS E CA  1 
ATOM 258  C C   . LYS A 1 32  ? -5.223  11.646  -14.844 1.00 34.16 ? 29  LYS E C   1 
ATOM 259  O O   . LYS A 1 32  ? -6.271  10.996  -14.909 1.00 34.16 ? 29  LYS E O   1 
ATOM 260  C CB  . LYS A 1 32  ? -5.199  11.814  -12.338 1.00 34.16 ? 29  LYS E CB  1 
ATOM 261  C CG  . LYS A 1 32  ? -4.591  12.495  -11.126 1.00 34.16 ? 29  LYS E CG  1 
ATOM 262  C CD  . LYS A 1 32  ? -4.778  11.657  -9.875  1.00 34.16 ? 29  LYS E CD  1 
ATOM 263  C CE  . LYS A 1 32  ? -4.193  12.354  -8.663  1.00 34.16 ? 29  LYS E CE  1 
ATOM 264  N NZ  . LYS A 1 32  ? -2.719  12.509  -8.788  1.00 34.16 ? 29  LYS E NZ  1 
ATOM 265  N N   . ALA A 1 33  ? -4.281  11.601  -15.782 1.00 31.36 ? 30  ALA E N   1 
ATOM 266  C CA  . ALA A 1 33  ? -4.433  10.791  -16.987 1.00 31.36 ? 30  ALA E CA  1 
ATOM 267  C C   . ALA A 1 33  ? -4.285  9.325   -16.610 1.00 31.36 ? 30  ALA E C   1 
ATOM 268  O O   . ALA A 1 33  ? -3.174  8.818   -16.453 1.00 31.36 ? 30  ALA E O   1 
ATOM 269  C CB  . ALA A 1 33  ? -3.405  11.200  -18.035 1.00 31.36 ? 30  ALA E CB  1 
ATOM 270  N N   . VAL A 1 34  ? -5.413  8.637   -16.460 1.00 29.74 ? 31  VAL E N   1 
ATOM 271  C CA  . VAL A 1 34  ? -5.402  7.234   -16.062 1.00 29.74 ? 31  VAL E CA  1 
ATOM 272  C C   . VAL A 1 34  ? -5.180  6.362   -17.293 1.00 29.74 ? 31  VAL E C   1 
ATOM 273  O O   . VAL A 1 34  ? -5.920  6.448   -18.280 1.00 29.74 ? 31  VAL E O   1 
ATOM 274  C CB  . VAL A 1 34  ? -6.694  6.860   -15.318 1.00 29.74 ? 31  VAL E CB  1 
ATOM 275  C CG1 . VAL A 1 34  ? -7.925  7.097   -16.182 1.00 29.74 ? 31  VAL E CG1 1 
ATOM 276  C CG2 . VAL A 1 34  ? -6.638  5.411   -14.863 1.00 29.74 ? 31  VAL E CG2 1 
ATOM 277  N N   . LYS A 1 35  ? -4.130  5.549   -17.253 1.00 28.37 ? 32  LYS E N   1 
ATOM 278  C CA  . LYS A 1 35  ? -3.815  4.606   -18.309 1.00 28.37 ? 32  LYS E CA  1 
ATOM 279  C C   . LYS A 1 35  ? -4.334  3.223   -17.922 1.00 28.37 ? 32  LYS E C   1 
ATOM 280  O O   . LYS A 1 35  ? -5.092  3.066   -16.960 1.00 28.37 ? 32  LYS E O   1 
ATOM 281  C CB  . LYS A 1 35  ? -2.312  4.602   -18.586 1.00 28.37 ? 32  LYS E CB  1 
ATOM 282  C CG  . LYS A 1 35  ? -1.908  5.369   -19.832 1.00 28.37 ? 32  LYS E CG  1 
ATOM 283  C CD  . LYS A 1 35  ? -2.285  6.838   -19.728 1.00 28.37 ? 32  LYS E CD  1 
ATOM 284  C CE  . LYS A 1 35  ? -1.650  7.651   -20.844 1.00 28.37 ? 32  LYS E CE  1 
ATOM 285  N NZ  . LYS A 1 35  ? -2.204  9.029   -20.921 1.00 28.37 ? 32  LYS E NZ  1 
ATOM 286  N N   . ALA A 1 36  ? -3.928  2.208   -18.681 1.00 27.00 ? 33  ALA E N   1 
ATOM 287  C CA  . ALA A 1 36  ? -4.393  0.852   -18.431 1.00 27.00 ? 33  ALA E CA  1 
ATOM 288  C C   . ALA A 1 36  ? -3.970  0.377   -17.047 1.00 27.00 ? 33  ALA E C   1 
ATOM 289  O O   . ALA A 1 36  ? -2.879  0.695   -16.568 1.00 27.00 ? 33  ALA E O   1 
ATOM 290  C CB  . ALA A 1 36  ? -3.849  -0.098  -19.498 1.00 27.00 ? 33  ALA E CB  1 
ATOM 291  N N   . CYS A 1 37  ? -4.849  -0.384  -16.402 1.00 25.54 ? 34  CYS E N   1 
ATOM 292  C CA  . CYS A 1 37  ? -4.593  -0.946  -15.085 1.00 25.54 ? 34  CYS E CA  1 
ATOM 293  C C   . CYS A 1 37  ? -4.637  -2.464  -15.163 1.00 25.54 ? 34  CYS E C   1 
ATOM 294  O O   . CYS A 1 37  ? -5.440  -3.034  -15.909 1.00 25.54 ? 34  CYS E O   1 
ATOM 295  C CB  . CYS A 1 37  ? -5.611  -0.442  -14.057 1.00 25.54 ? 34  CYS E CB  1 
ATOM 296  S SG  . CYS A 1 37  ? -7.255  -1.183  -14.188 1.00 25.54 ? 34  CYS E SG  1 
ATOM 297  N N   . THR A 1 38  ? -3.761  -3.115  -14.405 1.00 26.34 ? 35  THR E N   1 
ATOM 298  C CA  . THR A 1 38  ? -3.701  -4.565  -14.355 1.00 26.34 ? 35  THR E CA  1 
ATOM 299  C C   . THR A 1 38  ? -3.660  -5.034  -12.909 1.00 26.34 ? 35  THR E C   1 
ATOM 300  O O   . THR A 1 38  ? -3.119  -4.340  -12.043 1.00 26.34 ? 35  THR E O   1 
ATOM 301  C CB  . THR A 1 38  ? -2.464  -5.099  -15.092 1.00 26.34 ? 35  THR E CB  1 
ATOM 302  O OG1 . THR A 1 38  ? -1.279  -4.584  -14.474 1.00 26.34 ? 35  THR E OG1 1 
ATOM 303  C CG2 . THR A 1 38  ? -2.489  -4.687  -16.555 1.00 26.34 ? 35  THR E CG2 1 
ATOM 304  N N   . PRO A 1 39  ? -4.228  -6.204  -12.620 1.00 23.96 ? 36  PRO E N   1 
ATOM 305  C CA  . PRO A 1 39  ? -4.116  -6.763  -11.263 1.00 23.96 ? 36  PRO E CA  1 
ATOM 306  C C   . PRO A 1 39  ? -2.670  -7.108  -10.944 1.00 23.96 ? 36  PRO E C   1 
ATOM 307  O O   . PRO A 1 39  ? -2.034  -7.903  -11.640 1.00 23.96 ? 36  PRO E O   1 
ATOM 308  C CB  . PRO A 1 39  ? -5.006  -8.009  -11.319 1.00 23.96 ? 36  PRO E CB  1 
ATOM 309  C CG  . PRO A 1 39  ? -5.145  -8.324  -12.770 1.00 23.96 ? 36  PRO E CG  1 
ATOM 310  C CD  . PRO A 1 39  ? -5.101  -7.013  -13.481 1.00 23.96 ? 36  PRO E CD  1 
ATOM 311  N N   . PHE A 1 40  ? -2.152  -6.504  -9.878  1.00 24.94 ? 37  PHE E N   1 
ATOM 312  C CA  . PHE A 1 40  ? -0.747  -6.615  -9.526  1.00 24.94 ? 37  PHE E CA  1 
ATOM 313  C C   . PHE A 1 40  ? -0.608  -7.114  -8.096  1.00 24.94 ? 37  PHE E C   1 
ATOM 314  O O   . PHE A 1 40  ? -1.518  -6.976  -7.276  1.00 24.94 ? 37  PHE E O   1 
ATOM 315  C CB  . PHE A 1 40  ? -0.026  -5.273  -9.683  1.00 24.94 ? 37  PHE E CB  1 
ATOM 316  C CG  . PHE A 1 40  ? 1.469   -5.378  -9.637  1.00 24.94 ? 37  PHE E CG  1 
ATOM 317  C CD1 . PHE A 1 40  ? 2.168   -5.943  -10.689 1.00 24.94 ? 37  PHE E CD1 1 
ATOM 318  C CD2 . PHE A 1 40  ? 2.176   -4.906  -8.547  1.00 24.94 ? 37  PHE E CD2 1 
ATOM 319  C CE1 . PHE A 1 40  ? 3.544   -6.040  -10.651 1.00 24.94 ? 37  PHE E CE1 1 
ATOM 320  C CE2 . PHE A 1 40  ? 3.552   -4.999  -8.504  1.00 24.94 ? 37  PHE E CE2 1 
ATOM 321  C CZ  . PHE A 1 40  ? 4.236   -5.566  -9.557  1.00 24.94 ? 37  PHE E CZ  1 
ATOM 322  N N   . SER A 1 41  ? 0.549   -7.704  -7.811  1.00 25.55 ? 38  SER E N   1 
ATOM 323  C CA  . SER A 1 41  ? 0.849   -8.207  -6.479  1.00 25.55 ? 38  SER E CA  1 
ATOM 324  C C   . SER A 1 41  ? 2.352   -8.154  -6.258  1.00 25.55 ? 38  SER E C   1 
ATOM 325  O O   . SER A 1 41  ? 3.131   -8.410  -7.179  1.00 25.55 ? 38  SER E O   1 
ATOM 326  C CB  . SER A 1 41  ? 0.332   -9.636  -6.292  1.00 25.55 ? 38  SER E CB  1 
ATOM 327  O OG  . SER A 1 41  ? 0.653   -10.129 -5.003  1.00 25.55 ? 38  SER E OG  1 
ATOM 328  N N   . PHE A 1 42  ? 2.750   -7.816  -5.034  1.00 26.93 ? 39  PHE E N   1 
ATOM 329  C CA  . PHE A 1 42  ? 4.159   -7.729  -4.684  1.00 26.93 ? 39  PHE E CA  1 
ATOM 330  C C   . PHE A 1 42  ? 4.302   -7.882  -3.179  1.00 26.93 ? 39  PHE E C   1 
ATOM 331  O O   . PHE A 1 42  ? 3.334   -7.740  -2.427  1.00 26.93 ? 39  PHE E O   1 
ATOM 332  C CB  . PHE A 1 42  ? 4.778   -6.411  -5.165  1.00 26.93 ? 39  PHE E CB  1 
ATOM 333  C CG  . PHE A 1 42  ? 4.184   -5.190  -4.524  1.00 26.93 ? 39  PHE E CG  1 
ATOM 334  C CD1 . PHE A 1 42  ? 3.092   -4.558  -5.088  1.00 26.93 ? 39  PHE E CD1 1 
ATOM 335  C CD2 . PHE A 1 42  ? 4.721   -4.671  -3.362  1.00 26.93 ? 39  PHE E CD2 1 
ATOM 336  C CE1 . PHE A 1 42  ? 2.549   -3.433  -4.503  1.00 26.93 ? 39  PHE E CE1 1 
ATOM 337  C CE2 . PHE A 1 42  ? 4.181   -3.549  -2.771  1.00 26.93 ? 39  PHE E CE2 1 
ATOM 338  C CZ  . PHE A 1 42  ? 3.094   -2.929  -3.342  1.00 26.93 ? 39  PHE E CZ  1 
ATOM 339  N N   . ILE A 1 43  ? 5.527   -8.174  -2.748  1.00 29.09 ? 40  ILE E N   1 
ATOM 340  C CA  . ILE A 1 43  ? 5.830   -8.429  -1.346  1.00 29.09 ? 40  ILE E CA  1 
ATOM 341  C C   . ILE A 1 43  ? 7.086   -7.663  -0.952  1.00 29.09 ? 40  ILE E C   1 
ATOM 342  O O   . ILE A 1 43  ? 8.058   -7.600  -1.716  1.00 29.09 ? 40  ILE E O   1 
ATOM 343  C CB  . ILE A 1 43  ? 5.989   -9.942  -1.072  1.00 29.09 ? 40  ILE E CB  1 
ATOM 344  C CG1 . ILE A 1 43  ? 6.068   -10.222 0.427   1.00 29.09 ? 40  ILE E CG1 1 
ATOM 345  C CG2 . ILE A 1 43  ? 7.191   -10.518 -1.810  1.00 29.09 ? 40  ILE E CG2 1 
ATOM 346  C CD1 . ILE A 1 43  ? 5.908   -11.685 0.776   1.00 29.09 ? 40  ILE E CD1 1 
ATOM 347  N N   . LEU A 1 44  ? 7.051   -7.045  0.226   1.00 32.25 ? 41  LEU E N   1 
ATOM 348  C CA  . LEU A 1 44  ? 8.218   -6.427  0.837   1.00 32.25 ? 41  LEU E CA  1 
ATOM 349  C C   . LEU A 1 44  ? 8.484   -7.075  2.187   1.00 32.25 ? 41  LEU E C   1 
ATOM 350  O O   . LEU A 1 44  ? 7.556   -7.471  2.897   1.00 32.25 ? 41  LEU E O   1 
ATOM 351  C CB  . LEU A 1 44  ? 8.058   -4.909  1.029   1.00 32.25 ? 41  LEU E CB  1 
ATOM 352  C CG  . LEU A 1 44  ? 8.201   -3.916  -0.127  1.00 32.25 ? 41  LEU E CG  1 
ATOM 353  C CD1 . LEU A 1 44  ? 7.396   -4.309  -1.338  1.00 32.25 ? 41  LEU E CD1 1 
ATOM 354  C CD2 . LEU A 1 44  ? 7.809   -2.523  0.336   1.00 32.25 ? 41  LEU E CD2 1 
ATOM 355  N N   . GLY A 1 45  ? 9.764   -7.177  2.535   1.00 36.99 ? 42  GLY E N   1 
ATOM 356  C CA  . GLY A 1 45  ? 10.158  -7.840  3.758   1.00 36.99 ? 42  GLY E CA  1 
ATOM 357  C C   . GLY A 1 45  ? 11.321  -7.138  4.420   1.00 36.99 ? 42  GLY E C   1 
ATOM 358  O O   . GLY A 1 45  ? 11.815  -6.114  3.944   1.00 36.99 ? 42  GLY E O   1 
ATOM 359  N N   . SER A 1 46  ? 11.755  -7.707  5.543   1.00 38.88 ? 43  SER E N   1 
ATOM 360  C CA  . SER A 1 46  ? 12.883  -7.196  6.309   1.00 38.88 ? 43  SER E CA  1 
ATOM 361  C C   . SER A 1 46  ? 14.143  -8.030  6.131   1.00 38.88 ? 43  SER E C   1 
ATOM 362  O O   . SER A 1 46  ? 15.246  -7.478  6.107   1.00 38.88 ? 43  SER E O   1 
ATOM 363  C CB  . SER A 1 46  ? 12.523  -7.133  7.795   1.00 38.88 ? 43  SER E CB  1 
ATOM 364  O OG  . SER A 1 46  ? 12.320  -8.431  8.326   1.00 38.88 ? 43  SER E OG  1 
ATOM 365  N N   . ASP A 1 47  ? 14.004  -9.346  6.003   1.00 37.78 ? 44  ASP E N   1 
ATOM 366  C CA  . ASP A 1 47  ? 15.155  -10.210 5.817   1.00 37.78 ? 44  ASP E CA  1 
ATOM 367  C C   . ASP A 1 47  ? 15.773  -9.987  4.438   1.00 37.78 ? 44  ASP E C   1 
ATOM 368  O O   . ASP A 1 47  ? 15.193  -9.342  3.559   1.00 37.78 ? 44  ASP E O   1 
ATOM 369  C CB  . ASP A 1 47  ? 14.758  -11.675 5.993   1.00 37.78 ? 44  ASP E CB  1 
ATOM 370  C CG  . ASP A 1 47  ? 13.519  -12.039 5.201   1.00 37.78 ? 44  ASP E CG  1 
ATOM 371  O OD1 . ASP A 1 47  ? 12.806  -11.116 4.757   1.00 37.78 ? 44  ASP E OD1 1 
ATOM 372  O OD2 . ASP A 1 47  ? 13.259  -13.247 5.020   1.00 37.78 ? 44  ASP E OD2 1 
ATOM 373  N N   . ALA A 1 48  ? 16.975  -10.527 4.259   1.00 37.46 ? 45  ALA E N   1 
ATOM 374  C CA  . ALA A 1 48  ? 17.682  -10.386 2.995   1.00 37.46 ? 45  ALA E CA  1 
ATOM 375  C C   . ALA A 1 48  ? 16.942  -11.108 1.875   1.00 37.46 ? 45  ALA E C   1 
ATOM 376  O O   . ALA A 1 48  ? 16.291  -12.134 2.088   1.00 37.46 ? 45  ALA E O   1 
ATOM 377  C CB  . ALA A 1 48  ? 19.105  -10.928 3.116   1.00 37.46 ? 45  ALA E CB  1 
ATOM 378  N N   . GLY A 1 49  ? 17.051  -10.559 0.670   1.00 37.80 ? 46  GLY E N   1 
ATOM 379  C CA  . GLY A 1 49  ? 16.376  -11.104 -0.487  1.00 37.80 ? 46  GLY E CA  1 
ATOM 380  C C   . GLY A 1 49  ? 15.113  -10.385 -0.898  1.00 37.80 ? 46  GLY E C   1 
ATOM 381  O O   . GLY A 1 49  ? 14.417  -10.864 -1.801  1.00 37.80 ? 46  GLY E O   1 
ATOM 382  N N   . MET A 1 50  ? 14.792  -9.258  -0.267  1.00 39.57 ? 47  MET E N   1 
ATOM 383  C CA  . MET A 1 50  ? 13.609  -8.482  -0.603  1.00 39.57 ? 47  MET E CA  1 
ATOM 384  C C   . MET A 1 50  ? 13.969  -7.005  -0.573  1.00 39.57 ? 47  MET E C   1 
ATOM 385  O O   . MET A 1 50  ? 14.969  -6.601  0.023   1.00 39.57 ? 47  MET E O   1 
ATOM 386  C CB  . MET A 1 50  ? 12.447  -8.771  0.357   1.00 39.57 ? 47  MET E CB  1 
ATOM 387  C CG  . MET A 1 50  ? 11.889  -10.178 0.244   1.00 39.57 ? 47  MET E CG  1 
ATOM 388  S SD  . MET A 1 50  ? 10.535  -10.494 1.387   1.00 39.57 ? 47  MET E SD  1 
ATOM 389  C CE  . MET A 1 50  ? 10.208  -12.222 1.049   1.00 39.57 ? 47  MET E CE  1 
ATOM 390  N N   . GLN A 1 51  ? 13.141  -6.200  -1.227  1.00 37.70 ? 48  GLN E N   1 
ATOM 391  C CA  . GLN A 1 51  ? 13.358  -4.763  -1.309  1.00 37.70 ? 48  GLN E CA  1 
ATOM 392  C C   . GLN A 1 51  ? 12.513  -4.047  -0.264  1.00 37.70 ? 48  GLN E C   1 
ATOM 393  O O   . GLN A 1 51  ? 11.408  -4.488  0.065   1.00 37.70 ? 48  GLN E O   1 
ATOM 394  C CB  . GLN A 1 51  ? 13.023  -4.239  -2.705  1.00 37.70 ? 48  GLN E CB  1 
ATOM 395  C CG  . GLN A 1 51  ? 11.737  -4.797  -3.288  1.00 37.70 ? 48  GLN E CG  1 
ATOM 396  C CD  . GLN A 1 51  ? 11.673  -4.649  -4.794  1.00 37.70 ? 48  GLN E CD  1 
ATOM 397  O OE1 . GLN A 1 51  ? 12.614  -4.167  -5.422  1.00 37.70 ? 48  GLN E OE1 1 
ATOM 398  N NE2 . GLN A 1 51  ? 10.557  -5.065  -5.382  1.00 37.70 ? 48  GLN E NE2 1 
ATOM 399  N N   . ARG A 1 52  ? 13.045  -2.946  0.261   1.00 37.69 ? 49  ARG E N   1 
ATOM 400  C CA  . ARG A 1 52  ? 12.355  -2.167  1.279   1.00 37.69 ? 49  ARG E CA  1 
ATOM 401  C C   . ARG A 1 52  ? 11.408  -1.126  0.700   1.00 37.69 ? 49  ARG E C   1 
ATOM 402  O O   . ARG A 1 52  ? 10.643  -0.521  1.459   1.00 37.69 ? 49  ARG E O   1 
ATOM 403  C CB  . ARG A 1 52  ? 13.371  -1.468  2.189   1.00 37.69 ? 49  ARG E CB  1 
ATOM 404  C CG  . ARG A 1 52  ? 13.916  -2.340  3.307   1.00 37.69 ? 49  ARG E CG  1 
ATOM 405  C CD  . ARG A 1 52  ? 15.119  -3.141  2.845   1.00 37.69 ? 49  ARG E CD  1 
ATOM 406  N NE  . ARG A 1 52  ? 15.450  -4.213  3.776   1.00 37.69 ? 49  ARG E NE  1 
ATOM 407  C CZ  . ARG A 1 52  ? 16.455  -5.060  3.613   1.00 37.69 ? 49  ARG E CZ  1 
ATOM 408  N NH1 . ARG A 1 52  ? 17.253  -4.993  2.559   1.00 37.69 ? 49  ARG E NH1 1 
ATOM 409  N NH2 . ARG A 1 52  ? 16.665  -6.002  4.529   1.00 37.69 ? 49  ARG E NH2 1 
ATOM 410  N N   . ALA A 1 53  ? 11.438  -0.897  -0.611  1.00 35.44 ? 50  ALA E N   1 
ATOM 411  C CA  . ALA A 1 53  ? 10.591  0.107   -1.235  1.00 35.44 ? 50  ALA E CA  1 
ATOM 412  C C   . ALA A 1 53  ? 10.175  -0.358  -2.621  1.00 35.44 ? 50  ALA E C   1 
ATOM 413  O O   . ALA A 1 53  ? 10.870  -1.147  -3.266  1.00 35.44 ? 50  ALA E O   1 
ATOM 414  C CB  . ALA A 1 53  ? 11.301  1.462   -1.337  1.00 35.44 ? 50  ALA E CB  1 
ATOM 415  N N   . THR A 1 54  ? 9.028   0.140   -3.073  1.00 32.70 ? 51  THR E N   1 
ATOM 416  C CA  . THR A 1 54  ? 8.557   -0.167  -4.415  1.00 32.70 ? 51  THR E CA  1 
ATOM 417  C C   . THR A 1 54  ? 9.388   0.585   -5.447  1.00 32.70 ? 51  THR E C   1 
ATOM 418  O O   . THR A 1 54  ? 9.628   1.788   -5.311  1.00 32.70 ? 51  THR E O   1 
ATOM 419  C CB  . THR A 1 54  ? 7.082   0.198   -4.560  1.00 32.70 ? 51  THR E CB  1 
ATOM 420  O OG1 . THR A 1 54  ? 6.902   1.591   -4.278  1.00 32.70 ? 51  THR E OG1 1 
ATOM 421  C CG2 . THR A 1 54  ? 6.234   -0.623  -3.605  1.00 32.70 ? 51  THR E CG2 1 
ATOM 422  N N   . GLU A 1 55  ? 9.828   -0.131  -6.483  1.00 34.93 ? 52  GLU E N   1 
ATOM 423  C CA  . GLU A 1 55  ? 10.630  0.499   -7.526  1.00 34.93 ? 52  GLU E CA  1 
ATOM 424  C C   . GLU A 1 55  ? 9.788   1.407   -8.413  1.00 34.93 ? 52  GLU E C   1 
ATOM 425  O O   . GLU A 1 55  ? 10.321  2.336   -9.029  1.00 34.93 ? 52  GLU E O   1 
ATOM 426  C CB  . GLU A 1 55  ? 11.323  -0.570  -8.373  1.00 34.93 ? 52  GLU E CB  1 
ATOM 427  C CG  . GLU A 1 55  ? 12.008  -1.660  -7.564  1.00 34.93 ? 52  GLU E CG  1 
ATOM 428  C CD  . GLU A 1 55  ? 12.166  -2.955  -8.340  1.00 34.93 ? 52  GLU E CD  1 
ATOM 429  O OE1 . GLU A 1 55  ? 11.167  -3.428  -8.922  1.00 34.93 ? 52  GLU E OE1 1 
ATOM 430  O OE2 . GLU A 1 55  ? 13.289  -3.501  -8.369  1.00 34.93 ? 52  GLU E OE2 1 
ATOM 431  N N   . THR A 1 56  ? 8.484   1.160   -8.488  1.00 31.71 ? 53  THR E N   1 
ATOM 432  C CA  . THR A 1 56  ? 7.624   1.928   -9.377  1.00 31.71 ? 53  THR E CA  1 
ATOM 433  C C   . THR A 1 56  ? 7.404   3.337   -8.843  1.00 31.71 ? 53  THR E C   1 
ATOM 434  O O   . THR A 1 56  ? 7.323   3.558   -7.632  1.00 31.71 ? 53  THR E O   1 
ATOM 435  C CB  . THR A 1 56  ? 6.278   1.228   -9.552  1.00 31.71 ? 53  THR E CB  1 
ATOM 436  O OG1 . THR A 1 56  ? 5.621   1.126   -8.284  1.00 31.71 ? 53  THR E OG1 1 
ATOM 437  C CG2 . THR A 1 56  ? 6.476   -0.166  -10.126 1.00 31.71 ? 53  THR E CG2 1 
ATOM 438  N N   . THR A 1 57  ? 7.304   4.295   -9.761  1.00 33.61 ? 54  THR E N   1 
ATOM 439  C CA  . THR A 1 57  ? 6.991   5.675   -9.432  1.00 33.61 ? 54  THR E CA  1 
ATOM 440  C C   . THR A 1 57  ? 5.910   6.184   -10.373 1.00 33.61 ? 54  THR E C   1 
ATOM 441  O O   . THR A 1 57  ? 5.778   5.712   -11.506 1.00 33.61 ? 54  THR E O   1 
ATOM 442  C CB  . THR A 1 57  ? 8.231   6.578   -9.518  1.00 33.61 ? 54  THR E CB  1 
ATOM 443  O OG1 . THR A 1 57  ? 7.905   7.886   -9.030  1.00 33.61 ? 54  THR E OG1 1 
ATOM 444  C CG2 . THR A 1 57  ? 8.724   6.685   -10.953 1.00 33.61 ? 54  THR E CG2 1 
ATOM 445  N N   . GLU A 1 58  ? 5.135   7.151   -9.886  1.00 33.24 ? 55  GLU E N   1 
ATOM 446  C CA  . GLU A 1 58  ? 4.011   7.721   -10.627 1.00 33.24 ? 55  GLU E CA  1 
ATOM 447  C C   . GLU A 1 58  ? 3.069   6.607   -11.090 1.00 33.24 ? 55  GLU E C   1 
ATOM 448  O O   . GLU A 1 58  ? 2.705   6.493   -12.262 1.00 33.24 ? 55  GLU E O   1 
ATOM 449  C CB  . GLU A 1 58  ? 4.512   8.584   -11.792 1.00 33.24 ? 55  GLU E CB  1 
ATOM 450  C CG  . GLU A 1 58  ? 3.437   9.312   -12.598 1.00 33.24 ? 55  GLU E CG  1 
ATOM 451  C CD  . GLU A 1 58  ? 4.021   10.182  -13.695 1.00 33.24 ? 55  GLU E CD  1 
ATOM 452  O OE1 . GLU A 1 58  ? 5.260   10.201  -13.845 1.00 33.24 ? 55  GLU E OE1 1 
ATOM 453  O OE2 . GLU A 1 58  ? 3.241   10.845  -14.409 1.00 33.24 ? 55  GLU E OE2 1 
ATOM 454  N N   . SER A 1 59  ? 2.709   5.741   -10.145 1.00 30.11 ? 56  SER E N   1 
ATOM 455  C CA  . SER A 1 59  ? 1.769   4.658   -10.395 1.00 30.11 ? 56  SER E CA  1 
ATOM 456  C C   . SER A 1 59  ? 0.966   4.422   -9.126  1.00 30.11 ? 56  SER E C   1 
ATOM 457  O O   . SER A 1 59  ? 1.544   4.175   -8.064  1.00 30.11 ? 56  SER E O   1 
ATOM 458  C CB  . SER A 1 59  ? 2.491   3.376   -10.820 1.00 30.11 ? 56  SER E CB  1 
ATOM 459  O OG  . SER A 1 59  ? 3.453   3.647   -11.823 1.00 30.11 ? 56  SER E OG  1 
ATOM 460  N N   . LEU A 1 60  ? -0.355  4.488   -9.240  1.00 29.13 ? 57  LEU E N   1 
ATOM 461  C CA  . LEU A 1 60  ? -1.234  4.442   -8.080  1.00 29.13 ? 57  LEU E CA  1 
ATOM 462  C C   . LEU A 1 60  ? -1.659  3.009   -7.797  1.00 29.13 ? 57  LEU E C   1 
ATOM 463  O O   . LEU A 1 60  ? -2.136  2.306   -8.693  1.00 29.13 ? 57  LEU E O   1 
ATOM 464  C CB  . LEU A 1 60  ? -2.464  5.323   -8.304  1.00 29.13 ? 57  LEU E CB  1 
ATOM 465  C CG  . LEU A 1 60  ? -2.381  6.798   -7.902  1.00 29.13 ? 57  LEU E CG  1 
ATOM 466  C CD1 . LEU A 1 60  ? -1.061  7.430   -8.315  1.00 29.13 ? 57  LEU E CD1 1 
ATOM 467  C CD2 . LEU A 1 60  ? -3.549  7.566   -8.500  1.00 29.13 ? 57  LEU E CD2 1 
ATOM 468  N N   . TYR A 1 61  ? -1.487  2.581   -6.550  1.00 30.24 ? 58  TYR E N   1 
ATOM 469  C CA  . TYR A 1 61  ? -1.862  1.244   -6.116  1.00 30.24 ? 58  TYR E CA  1 
ATOM 470  C C   . TYR A 1 61  ? -3.179  1.292   -5.356  1.00 30.24 ? 58  TYR E C   1 
ATOM 471  O O   . TYR A 1 61  ? -3.394  2.176   -4.522  1.00 30.24 ? 58  TYR E O   1 
ATOM 472  C CB  . TYR A 1 61  ? -0.779  0.632   -5.227  1.00 30.24 ? 58  TYR E CB  1 
ATOM 473  C CG  . TYR A 1 61  ? 0.513   0.326   -5.940  1.00 30.24 ? 58  TYR E CG  1 
ATOM 474  C CD1 . TYR A 1 61  ? 0.713   -0.898  -6.558  1.00 30.24 ? 58  TYR E CD1 1 
ATOM 475  C CD2 . TYR A 1 61  ? 1.538   1.258   -5.988  1.00 30.24 ? 58  TYR E CD2 1 
ATOM 476  C CE1 . TYR A 1 61  ? 1.894   -1.185  -7.208  1.00 30.24 ? 58  TYR E CE1 1 
ATOM 477  C CE2 . TYR A 1 61  ? 2.723   0.981   -6.634  1.00 30.24 ? 58  TYR E CE2 1 
ATOM 478  C CZ  . TYR A 1 61  ? 2.896   -0.240  -7.241  1.00 30.24 ? 58  TYR E CZ  1 
ATOM 479  O OH  . TYR A 1 61  ? 4.076   -0.519  -7.888  1.00 30.24 ? 58  TYR E OH  1 
ATOM 480  N N   . TRP A 1 62  ? -4.057  0.336   -5.647  1.00 31.77 ? 59  TRP E N   1 
ATOM 481  C CA  . TRP A 1 62  ? -5.341  0.216   -4.963  1.00 31.77 ? 59  TRP E CA  1 
ATOM 482  C C   . TRP A 1 62  ? -5.547  -1.246  -4.610  1.00 31.77 ? 59  TRP E C   1 
ATOM 483  O O   . TRP A 1 62  ? -5.564  -2.101  -5.500  1.00 31.77 ? 59  TRP E O   1 
ATOM 484  C CB  . TRP A 1 62  ? -6.486  0.730   -5.844  1.00 31.77 ? 59  TRP E CB  1 
ATOM 485  C CG  . TRP A 1 62  ? -7.865  0.537   -5.270  1.00 31.77 ? 59  TRP E CG  1 
ATOM 486  C CD1 . TRP A 1 62  ? -8.537  -0.641  -5.120  1.00 31.77 ? 59  TRP E CD1 1 
ATOM 487  C CD2 . TRP A 1 62  ? -8.745  1.561   -4.792  1.00 31.77 ? 59  TRP E CD2 1 
ATOM 488  N NE1 . TRP A 1 62  ? -9.773  -0.415  -4.568  1.00 31.77 ? 59  TRP E NE1 1 
ATOM 489  C CE2 . TRP A 1 62  ? -9.926  0.930   -4.361  1.00 31.77 ? 59  TRP E CE2 1 
ATOM 490  C CE3 . TRP A 1 62  ? -8.647  2.951   -4.686  1.00 31.77 ? 59  TRP E CE3 1 
ATOM 491  C CZ2 . TRP A 1 62  ? -10.998 1.638   -3.831  1.00 31.77 ? 59  TRP E CZ2 1 
ATOM 492  C CZ3 . TRP A 1 62  ? -9.713  3.651   -4.160  1.00 31.77 ? 59  TRP E CZ3 1 
ATOM 493  C CH2 . TRP A 1 62  ? -10.872 2.995   -3.738  1.00 31.77 ? 59  TRP E CH2 1 
ATOM 494  N N   . GLY A 1 63  ? -5.703  -1.535  -3.327  1.00 32.12 ? 60  GLY E N   1 
ATOM 495  C CA  . GLY A 1 63  ? -5.915  -2.900  -2.896  1.00 32.12 ? 60  GLY E CA  1 
ATOM 496  C C   . GLY A 1 63  ? -5.699  -3.038  -1.403  1.00 32.12 ? 60  GLY E C   1 
ATOM 497  O O   . GLY A 1 63  ? -5.570  -2.053  -0.678  1.00 32.12 ? 60  GLY E O   1 
ATOM 498  N N   . LYS A 1 64  ? -5.660  -4.293  -0.968  1.00 34.86 ? 61  LYS E N   1 
ATOM 499  C CA  . LYS A 1 64  ? -5.504  -4.635  0.439   1.00 34.86 ? 61  LYS E CA  1 
ATOM 500  C C   . LYS A 1 64  ? -4.051  -4.991  0.727   1.00 34.86 ? 61  LYS E C   1 
ATOM 501  O O   . LYS A 1 64  ? -3.480  -5.866  0.069   1.00 34.86 ? 61  LYS E O   1 
ATOM 502  C CB  . LYS A 1 64  ? -6.414  -5.803  0.818   1.00 34.86 ? 61  LYS E CB  1 
ATOM 503  C CG  . LYS A 1 64  ? -7.882  -5.434  0.920   1.00 34.86 ? 61  LYS E CG  1 
ATOM 504  C CD  . LYS A 1 64  ? -8.732  -6.642  1.269   1.00 34.86 ? 61  LYS E CD  1 
ATOM 505  C CE  . LYS A 1 64  ? -10.189 -6.254  1.448   1.00 34.86 ? 61  LYS E CE  1 
ATOM 506  N NZ  . LYS A 1 64  ? -11.031 -7.417  1.842   1.00 34.86 ? 61  LYS E NZ  1 
ATOM 507  N N   . VAL A 1 65  ? -3.463  -4.312  1.708   1.00 36.20 ? 62  VAL E N   1 
ATOM 508  C CA  . VAL A 1 65  ? -2.102  -4.583  2.156   1.00 36.20 ? 62  VAL E CA  1 
ATOM 509  C C   . VAL A 1 65  ? -2.169  -5.379  3.452   1.00 36.20 ? 62  VAL E C   1 
ATOM 510  O O   . VAL A 1 65  ? -2.964  -5.062  4.346   1.00 36.20 ? 62  VAL E O   1 
ATOM 511  C CB  . VAL A 1 65  ? -1.300  -3.281  2.332   1.00 36.20 ? 62  VAL E CB  1 
ATOM 512  C CG1 . VAL A 1 65  ? -1.983  -2.352  3.321   1.00 36.20 ? 62  VAL E CG1 1 
ATOM 513  C CG2 . VAL A 1 65  ? 0.109   -3.593  2.790   1.00 36.20 ? 62  VAL E CG2 1 
ATOM 514  N N   . ILE A 1 66  ? -1.357  -6.426  3.545   1.00 37.06 ? 63  ILE E N   1 
ATOM 515  C CA  . ILE A 1 66  ? -1.388  -7.352  4.670   1.00 37.06 ? 63  ILE E CA  1 
ATOM 516  C C   . ILE A 1 66  ? -0.124  -7.134  5.488   1.00 37.06 ? 63  ILE E C   1 
ATOM 517  O O   . ILE A 1 66  ? 0.970   -7.534  5.075   1.00 37.06 ? 63  ILE E O   1 
ATOM 518  C CB  . ILE A 1 66  ? -1.498  -8.808  4.202   1.00 37.06 ? 63  ILE E CB  1 
ATOM 519  C CG1 . ILE A 1 66  ? -2.812  -9.027  3.454   1.00 37.06 ? 63  ILE E CG1 1 
ATOM 520  C CG2 . ILE A 1 66  ? -1.403  -9.756  5.383   1.00 37.06 ? 63  ILE E CG2 1 
ATOM 521  C CD1 . ILE A 1 66  ? -2.891  -10.354 2.739   1.00 37.06 ? 63  ILE E CD1 1 
ATOM 522  N N   . LEU A 1 67  ? -0.270  -6.507  6.652   1.00 38.26 ? 64  LEU E N   1 
ATOM 523  C CA  . LEU A 1 67  ? 0.841   -6.328  7.572   1.00 38.26 ? 64  LEU E CA  1 
ATOM 524  C C   . LEU A 1 67  ? 1.094   -7.621  8.332   1.00 38.26 ? 64  LEU E C   1 
ATOM 525  O O   . LEU A 1 67  ? 0.154   -8.336  8.692   1.00 38.26 ? 64  LEU E O   1 
ATOM 526  C CB  . LEU A 1 67  ? 0.559   -5.190  8.554   1.00 38.26 ? 64  LEU E CB  1 
ATOM 527  C CG  . LEU A 1 67  ? 1.745   -4.717  9.398   1.00 38.26 ? 64  LEU E CG  1 
ATOM 528  C CD1 . LEU A 1 67  ? 2.932   -4.370  8.520   1.00 38.26 ? 64  LEU E CD1 1 
ATOM 529  C CD2 . LEU A 1 67  ? 1.350   -3.531  10.259  1.00 38.26 ? 64  LEU E CD2 1 
ATOM 530  N N   . ASP A 1 68  ? 2.367   -7.920  8.568   1.00 38.84 ? 65  ASP E N   1 
ATOM 531  C CA  . ASP A 1 68  ? 2.758   -9.148  9.247   1.00 38.84 ? 65  ASP E CA  1 
ATOM 532  C C   . ASP A 1 68  ? 4.060   -8.928  9.999   1.00 38.84 ? 65  ASP E C   1 
ATOM 533  O O   . ASP A 1 68  ? 5.063   -8.528  9.402   1.00 38.84 ? 65  ASP E O   1 
ATOM 534  C CB  . ASP A 1 68  ? 2.910   -10.298 8.247   1.00 38.84 ? 65  ASP E CB  1 
ATOM 535  C CG  . ASP A 1 68  ? 3.233   -11.610 8.915   1.00 38.84 ? 65  ASP E CG  1 
ATOM 536  O OD1 . ASP A 1 68  ? 2.332   -12.199 9.548   1.00 38.84 ? 65  ASP E OD1 1 
ATOM 537  O OD2 . ASP A 1 68  ? 4.392   -12.057 8.800   1.00 38.84 ? 65  ASP E OD2 1 
ATOM 538  N N   . ILE A 1 69  ? 4.039   -9.185  11.306  1.00 39.97 ? 66  ILE E N   1 
ATOM 539  C CA  . ILE A 1 69  ? 5.223   -9.090  12.153  1.00 39.97 ? 66  ILE E CA  1 
ATOM 540  C C   . ILE A 1 69  ? 5.330   -10.372 12.964  1.00 39.97 ? 66  ILE E C   1 
ATOM 541  O O   . ILE A 1 69  ? 4.376   -10.760 13.647  1.00 39.97 ? 66  ILE E O   1 
ATOM 542  C CB  . ILE A 1 69  ? 5.166   -7.867  13.090  1.00 39.97 ? 66  ILE E CB  1 
ATOM 543  C CG1 . ILE A 1 69  ? 4.843   -6.598  12.305  1.00 39.97 ? 66  ILE E CG1 1 
ATOM 544  C CG2 . ILE A 1 69  ? 6.482   -7.704  13.822  1.00 39.97 ? 66  ILE E CG2 1 
ATOM 545  C CD1 . ILE A 1 69  ? 3.426   -6.112  12.500  1.00 39.97 ? 66  ILE E CD1 1 
ATOM 546  N N   . ASN A 1 70  ? 6.485   -11.026 12.892  1.00 42.89 ? 67  ASN E N   1 
ATOM 547  C CA  . ASN A 1 70  ? 6.735   -12.242 13.651  1.00 42.89 ? 67  ASN E CA  1 
ATOM 548  C C   . ASN A 1 70  ? 8.129   -12.190 14.252  1.00 42.89 ? 67  ASN E C   1 
ATOM 549  O O   . ASN A 1 70  ? 9.038   -11.582 13.673  1.00 42.89 ? 67  ASN E O   1 
ATOM 550  C CB  . ASN A 1 70  ? 6.599   -13.498 12.778  1.00 42.89 ? 67  ASN E CB  1 
ATOM 551  C CG  . ASN A 1 70  ? 5.304   -13.529 12.004  1.00 42.89 ? 67  ASN E CG  1 
ATOM 552  O OD1 . ASN A 1 70  ? 5.302   -13.676 10.784  1.00 42.89 ? 67  ASN E OD1 1 
ATOM 553  N ND2 . ASN A 1 70  ? 4.189   -13.388 12.710  1.00 42.89 ? 67  ASN E ND2 1 
ATOM 554  N N   . PRO A 1 71  ? 8.329   -12.816 15.410  1.00 43.06 ? 68  PRO E N   1 
ATOM 555  C CA  . PRO A 1 71  ? 9.658   -12.814 16.030  1.00 43.06 ? 68  PRO E CA  1 
ATOM 556  C C   . PRO A 1 71  ? 10.571  -13.862 15.417  1.00 43.06 ? 68  PRO E C   1 
ATOM 557  O O   . PRO A 1 71  ? 10.151  -14.977 15.098  1.00 43.06 ? 68  PRO E O   1 
ATOM 558  C CB  . PRO A 1 71  ? 9.356   -13.136 17.496  1.00 43.06 ? 68  PRO E CB  1 
ATOM 559  C CG  . PRO A 1 71  ? 8.114   -13.952 17.439  1.00 43.06 ? 68  PRO E CG  1 
ATOM 560  C CD  . PRO A 1 71  ? 7.311   -13.425 16.283  1.00 43.06 ? 68  PRO E CD  1 
ATOM 561  N N   . ASN A 1 72  ? 11.840  -13.491 15.259  1.00 45.28 ? 69  ASN E N   1 
ATOM 562  C CA  . ASN A 1 72  ? 12.849  -14.369 14.691  1.00 45.28 ? 69  ASN E CA  1 
ATOM 563  C C   . ASN A 1 72  ? 13.741  -15.000 15.751  1.00 45.28 ? 69  ASN E C   1 
ATOM 564  O O   . ASN A 1 72  ? 14.736  -15.644 15.404  1.00 45.28 ? 69  ASN E O   1 
ATOM 565  C CB  . ASN A 1 72  ? 13.702  -13.603 13.679  1.00 45.28 ? 69  ASN E CB  1 
ATOM 566  C CG  . ASN A 1 72  ? 14.347  -14.513 12.656  1.00 45.28 ? 69  ASN E CG  1 
ATOM 567  O OD1 . ASN A 1 72  ? 13.835  -15.590 12.358  1.00 45.28 ? 69  ASN E OD1 1 
ATOM 568  N ND2 . ASN A 1 72  ? 15.480  -14.083 12.112  1.00 45.28 ? 69  ASN E ND2 1 
ATOM 569  N N   . LEU A 1 73  ? 13.407  -14.831 17.031  1.00 49.26 ? 70  LEU E N   1 
ATOM 570  C CA  . LEU A 1 73  ? 14.211  -15.334 18.144  1.00 49.26 ? 70  LEU E CA  1 
ATOM 571  C C   . LEU A 1 73  ? 15.642  -14.798 18.064  1.00 49.26 ? 70  LEU E C   1 
ATOM 572  O O   . LEU A 1 73  ? 16.616  -15.545 17.956  1.00 49.26 ? 70  LEU E O   1 
ATOM 573  C CB  . LEU A 1 73  ? 14.189  -16.864 18.190  1.00 49.26 ? 70  LEU E CB  1 
ATOM 574  C CG  . LEU A 1 73  ? 12.806  -17.489 18.378  1.00 49.26 ? 70  LEU E CG  1 
ATOM 575  C CD1 . LEU A 1 73  ? 12.876  -19.000 18.229  1.00 49.26 ? 70  LEU E CD1 1 
ATOM 576  C CD2 . LEU A 1 73  ? 12.226  -17.101 19.728  1.00 49.26 ? 70  LEU E CD2 1 
ATOM 577  N N   . SER A 1 74  ? 15.745  -13.479 18.111  1.00 49.32 ? 71  SER E N   1 
ATOM 578  C CA  . SER A 1 74  ? 17.004  -12.754 18.060  1.00 49.32 ? 71  SER E CA  1 
ATOM 579  C C   . SER A 1 74  ? 17.012  -11.699 19.151  1.00 49.32 ? 71  SER E C   1 
ATOM 580  O O   . SER A 1 74  ? 15.953  -11.283 19.632  1.00 49.32 ? 71  SER E O   1 
ATOM 581  C CB  . SER A 1 74  ? 17.206  -12.098 16.686  1.00 49.32 ? 71  SER E CB  1 
ATOM 582  O OG  . SER A 1 74  ? 17.729  -13.027 15.752  1.00 49.32 ? 71  SER E OG  1 
ATOM 583  N N   . PRO A 1 75  ? 18.195  -11.257 19.582  1.00 50.13 ? 72  PRO E N   1 
ATOM 584  C CA  . PRO A 1 75  ? 18.257  -10.230 20.628  1.00 50.13 ? 72  PRO E CA  1 
ATOM 585  C C   . PRO A 1 75  ? 17.547  -8.951  20.207  1.00 50.13 ? 72  PRO E C   1 
ATOM 586  O O   . PRO A 1 75  ? 17.592  -8.544  19.044  1.00 50.13 ? 72  PRO E O   1 
ATOM 587  C CB  . PRO A 1 75  ? 19.762  -10.002 20.810  1.00 50.13 ? 72  PRO E CB  1 
ATOM 588  C CG  . PRO A 1 75  ? 20.389  -11.276 20.361  1.00 50.13 ? 72  PRO E CG  1 
ATOM 589  C CD  . PRO A 1 75  ? 19.528  -11.787 19.246  1.00 50.13 ? 72  PRO E CD  1 
ATOM 590  N N   . LEU A 1 76  ? 16.886  -8.321  21.172  1.00 49.23 ? 73  LEU E N   1 
ATOM 591  C CA  . LEU A 1 76  ? 16.132  -7.100  20.937  1.00 49.23 ? 73  LEU E CA  1 
ATOM 592  C C   . LEU A 1 76  ? 17.031  -5.874  21.060  1.00 49.23 ? 73  LEU E C   1 
ATOM 593  O O   . LEU A 1 76  ? 18.112  -5.918  21.652  1.00 49.23 ? 73  LEU E O   1 
ATOM 594  C CB  . LEU A 1 76  ? 14.965  -6.991  21.918  1.00 49.23 ? 73  LEU E CB  1 
ATOM 595  C CG  . LEU A 1 76  ? 13.977  -8.158  21.932  1.00 49.23 ? 73  LEU E CG  1 
ATOM 596  C CD1 . LEU A 1 76  ? 14.303  -9.123  23.059  1.00 49.23 ? 73  LEU E CD1 1 
ATOM 597  C CD2 . LEU A 1 76  ? 12.550  -7.648  22.057  1.00 49.23 ? 73  LEU E CD2 1 
ATOM 598  N N   . VAL A 1 77  ? 16.563  -4.766  20.489  1.00 47.13 ? 74  VAL E N   1 
ATOM 599  C CA  . VAL A 1 77  ? 17.300  -3.507  20.508  1.00 47.13 ? 74  VAL E CA  1 
ATOM 600  C C   . VAL A 1 77  ? 16.476  -2.364  21.089  1.00 47.13 ? 74  VAL E C   1 
ATOM 601  O O   . VAL A 1 77  ? 17.056  -1.345  21.497  1.00 47.13 ? 74  VAL E O   1 
ATOM 602  C CB  . VAL A 1 77  ? 17.814  -3.148  19.092  1.00 47.13 ? 74  VAL E CB  1 
ATOM 603  C CG1 . VAL A 1 77  ? 18.511  -1.791  19.046  1.00 47.13 ? 74  VAL E CG1 1 
ATOM 604  C CG2 . VAL A 1 77  ? 18.742  -4.238  18.571  1.00 47.13 ? 74  VAL E CG2 1 
ATOM 605  N N   . ASN A 1 78  ? 15.154  -2.531  21.207  1.00 46.95 ? 75  ASN E N   1 
ATOM 606  C CA  . ASN A 1 78  ? 14.232  -1.507  21.713  1.00 46.95 ? 75  ASN E CA  1 
ATOM 607  C C   . ASN A 1 78  ? 14.148  -0.314  20.758  1.00 46.95 ? 75  ASN E C   1 
ATOM 608  O O   . ASN A 1 78  ? 14.346  0.839   21.143  1.00 46.95 ? 75  ASN E O   1 
ATOM 609  C CB  . ASN A 1 78  ? 14.601  -1.058  23.132  1.00 46.95 ? 75  ASN E CB  1 
ATOM 610  C CG  . ASN A 1 78  ? 13.526  -0.198  23.770  1.00 46.95 ? 75  ASN E CG  1 
ATOM 611  O OD1 . ASN A 1 78  ? 12.350  -0.294  23.419  1.00 46.95 ? 75  ASN E OD1 1 
ATOM 612  N ND2 . ASN A 1 78  ? 13.926  0.649   24.710  1.00 46.95 ? 75  ASN E ND2 1 
ATOM 613  N N   . THR A 1 79  ? 13.859  -0.610  19.496  1.00 45.43 ? 76  THR E N   1 
ATOM 614  C CA  . THR A 1 79  ? 13.493  0.373   18.491  1.00 45.43 ? 76  THR E CA  1 
ATOM 615  C C   . THR A 1 79  ? 11.994  0.269   18.228  1.00 45.43 ? 76  THR E C   1 
ATOM 616  O O   . THR A 1 79  ? 11.265  -0.434  18.937  1.00 45.43 ? 76  THR E O   1 
ATOM 617  C CB  . THR A 1 79  ? 14.300  0.167   17.207  1.00 45.43 ? 76  THR E CB  1 
ATOM 618  O OG1 . THR A 1 79  ? 13.706  -0.880  16.431  1.00 45.43 ? 76  THR E OG1 1 
ATOM 619  C CG2 . THR A 1 79  ? 15.732  -0.200  17.528  1.00 45.43 ? 76  THR E CG2 1 
ATOM 620  N N   . THR A 1 80  ? 11.526  0.980   17.209  1.00 40.80 ? 77  THR E N   1 
ATOM 621  C CA  . THR A 1 80  ? 10.134  0.907   16.797  1.00 40.80 ? 77  THR E CA  1 
ATOM 622  C C   . THR A 1 80  ? 10.057  0.654   15.299  1.00 40.80 ? 77  THR E C   1 
ATOM 623  O O   . THR A 1 80  ? 10.946  1.045   14.539  1.00 40.80 ? 77  THR E O   1 
ATOM 624  C CB  . THR A 1 80  ? 9.365   2.187   17.158  1.00 40.80 ? 77  THR E CB  1 
ATOM 625  O OG1 . THR A 1 80  ? 7.971   2.000   16.886  1.00 40.80 ? 77  THR E OG1 1 
ATOM 626  C CG2 . THR A 1 80  ? 9.882   3.372   16.361  1.00 40.80 ? 77  THR E CG2 1 
ATOM 627  N N   . ILE A 1 81  ? 8.990   -0.022  14.887  1.00 37.82 ? 78  ILE E N   1 
ATOM 628  C CA  . ILE A 1 81  ? 8.742   -0.301  13.479  1.00 37.82 ? 78  ILE E CA  1 
ATOM 629  C C   . ILE A 1 81  ? 7.843   0.788   12.909  1.00 37.82 ? 78  ILE E C   1 
ATOM 630  O O   . ILE A 1 81  ? 6.827   1.153   13.511  1.00 37.82 ? 78  ILE E O   1 
ATOM 631  C CB  . ILE A 1 81  ? 8.127   -1.699  13.289  1.00 37.82 ? 78  ILE E CB  1 
ATOM 632  C CG1 . ILE A 1 81  ? 8.085   -2.064  11.807  1.00 37.82 ? 78  ILE E CG1 1 
ATOM 633  C CG2 . ILE A 1 81  ? 6.748   -1.805  13.912  1.00 37.82 ? 78  ILE E CG2 1 
ATOM 634  C CD1 . ILE A 1 81  ? 7.779   -3.510  11.566  1.00 37.82 ? 78  ILE E CD1 1 
ATOM 635  N N   . VAL A 1 82  ? 8.244   1.343   11.769  1.00 37.41 ? 79  VAL E N   1 
ATOM 636  C CA  . VAL A 1 82  ? 7.482   2.381   11.088  1.00 37.41 ? 79  VAL E CA  1 
ATOM 637  C C   . VAL A 1 82  ? 7.388   2.010   9.618   1.00 37.41 ? 79  VAL E C   1 
ATOM 638  O O   . VAL A 1 82  ? 8.413   1.776   8.967   1.00 37.41 ? 79  VAL E O   1 
ATOM 639  C CB  . VAL A 1 82  ? 8.115   3.772   11.255  1.00 37.41 ? 79  VAL E CB  1 
ATOM 640  C CG1 . VAL A 1 82  ? 7.348   4.796   10.441  1.00 37.41 ? 79  VAL E CG1 1 
ATOM 641  C CG2 . VAL A 1 82  ? 8.133   4.172   12.718  1.00 37.41 ? 79  VAL E CG2 1 
ATOM 642  N N   . LEU A 1 83  ? 6.167   1.952   9.100   1.00 35.83 ? 80  LEU E N   1 
ATOM 643  C CA  . LEU A 1 83  ? 5.907   1.707   7.686   1.00 35.83 ? 80  LEU E CA  1 
ATOM 644  C C   . LEU A 1 83  ? 5.181   2.935   7.149   1.00 35.83 ? 80  LEU E C   1 
ATOM 645  O O   . LEU A 1 83  ? 3.979   3.103   7.378   1.00 35.83 ? 80  LEU E O   1 
ATOM 646  C CB  . LEU A 1 83  ? 5.091   0.431   7.497   1.00 35.83 ? 80  LEU E CB  1 
ATOM 647  C CG  . LEU A 1 83  ? 4.329   0.255   6.183   1.00 35.83 ? 80  LEU E CG  1 
ATOM 648  C CD1 . LEU A 1 83  ? 5.290   0.039   5.033   1.00 35.83 ? 80  LEU E CD1 1 
ATOM 649  C CD2 . LEU A 1 83  ? 3.340   -0.894  6.287   1.00 35.83 ? 80  LEU E CD2 1 
ATOM 650  N N   . GLU A 1 84  ? 5.909   3.807   6.458   1.00 38.17 ? 81  GLU E N   1 
ATOM 651  C CA  . GLU A 1 84  ? 5.289   5.004   5.911   1.00 38.17 ? 81  GLU E CA  1 
ATOM 652  C C   . GLU A 1 84  ? 4.581   4.661   4.607   1.00 38.17 ? 81  GLU E C   1 
ATOM 653  O O   . GLU A 1 84  ? 5.160   4.030   3.716   1.00 38.17 ? 81  GLU E O   1 
ATOM 654  C CB  . GLU A 1 84  ? 6.317   6.119   5.700   1.00 38.17 ? 81  GLU E CB  1 
ATOM 655  C CG  . GLU A 1 84  ? 7.394   5.860   4.659   1.00 38.17 ? 81  GLU E CG  1 
ATOM 656  C CD  . GLU A 1 84  ? 8.392   7.001   4.576   1.00 38.17 ? 81  GLU E CD  1 
ATOM 657  O OE1 . GLU A 1 84  ? 8.249   7.971   5.348   1.00 38.17 ? 81  GLU E OE1 1 
ATOM 658  O OE2 . GLU A 1 84  ? 9.310   6.938   3.732   1.00 38.17 ? 81  GLU E OE2 1 
ATOM 659  N N   . ILE A 1 85  ? 3.316   5.052   4.512   1.00 37.75 ? 82  ILE E N   1 
ATOM 660  C CA  . ILE A 1 85  ? 2.481   4.767   3.354   1.00 37.75 ? 82  ILE E CA  1 
ATOM 661  C C   . ILE A 1 85  ? 1.937   6.085   2.830   1.00 37.75 ? 82  ILE E C   1 
ATOM 662  O O   . ILE A 1 85  ? 1.396   6.886   3.601   1.00 37.75 ? 82  ILE E O   1 
ATOM 663  C CB  . ILE A 1 85  ? 1.324   3.811   3.700   1.00 37.75 ? 82  ILE E CB  1 
ATOM 664  C CG1 . ILE A 1 85  ? 1.849   2.564   4.408   1.00 37.75 ? 82  ILE E CG1 1 
ATOM 665  C CG2 . ILE A 1 85  ? 0.560   3.429   2.451   1.00 37.75 ? 82  ILE E CG2 1 
ATOM 666  C CD1 . ILE A 1 85  ? 0.756   1.669   4.947   1.00 37.75 ? 82  ILE E CD1 1 
ATOM 667  N N   . GLU A 1 86  ? 2.077   6.310   1.529   1.00 35.78 ? 83  GLU E N   1 
ATOM 668  C CA  . GLU A 1 86  ? 1.480   7.487   0.927   1.00 35.78 ? 83  GLU E CA  1 
ATOM 669  C C   . GLU A 1 86  ? -0.041  7.351   0.913   1.00 35.78 ? 83  GLU E C   1 
ATOM 670  O O   . GLU A 1 86  ? -0.602  6.285   1.177   1.00 35.78 ? 83  GLU E O   1 
ATOM 671  C CB  . GLU A 1 86  ? 2.020   7.698   -0.486  1.00 35.78 ? 83  GLU E CB  1 
ATOM 672  C CG  . GLU A 1 86  ? 3.529   7.845   -0.548  1.00 35.78 ? 83  GLU E CG  1 
ATOM 673  C CD  . GLU A 1 86  ? 4.017   9.126   0.098   1.00 35.78 ? 83  GLU E CD  1 
ATOM 674  O OE1 . GLU A 1 86  ? 3.223   10.085  0.196   1.00 35.78 ? 83  GLU E OE1 1 
ATOM 675  O OE2 . GLU A 1 86  ? 5.195   9.174   0.508   1.00 35.78 ? 83  GLU E OE2 1 
ATOM 676  N N   . SER A 1 87  ? -0.716  8.457   0.618   1.00 34.62 ? 84  SER E N   1 
ATOM 677  C CA  . SER A 1 87  ? -2.173  8.458   0.582   1.00 34.62 ? 84  SER E CA  1 
ATOM 678  C C   . SER A 1 87  ? -2.634  9.499   -0.421  1.00 34.62 ? 84  SER E C   1 
ATOM 679  O O   . SER A 1 87  ? -2.406  10.695  -0.225  1.00 34.62 ? 84  SER E O   1 
ATOM 680  C CB  . SER A 1 87  ? -2.759  8.744   1.964   1.00 34.62 ? 84  SER E CB  1 
ATOM 681  O OG  . SER A 1 87  ? -4.171  8.646   1.943   1.00 34.62 ? 84  SER E OG  1 
ATOM 682  N N   . MET A 1 88  ? -3.277  9.042   -1.492  1.00 34.64 ? 85  MET E N   1 
ATOM 683  C CA  . MET A 1 88  ? -3.815  9.923   -2.516  1.00 34.64 ? 85  MET E CA  1 
ATOM 684  C C   . MET A 1 88  ? -5.302  10.182  -2.340  1.00 34.64 ? 85  MET E C   1 
ATOM 685  O O   . MET A 1 88  ? -5.915  10.808  -3.210  1.00 34.64 ? 85  MET E O   1 
ATOM 686  C CB  . MET A 1 88  ? -3.544  9.343   -3.904  1.00 34.64 ? 85  MET E CB  1 
ATOM 687  C CG  . MET A 1 88  ? -2.181  8.700   -4.028  1.00 34.64 ? 85  MET E CG  1 
ATOM 688  S SD  . MET A 1 88  ? -0.880  9.940   -4.130  1.00 34.64 ? 85  MET E SD  1 
ATOM 689  C CE  . MET A 1 88  ? -1.479  10.963  -5.473  1.00 34.64 ? 85  MET E CE  1 
ATOM 690  N N   . LEU A 1 89  ? -5.895  9.722   -1.236  1.00 33.20 ? 86  LEU E N   1 
ATOM 691  C CA  . LEU A 1 89  ? -7.323  9.930   -1.022  1.00 33.20 ? 86  LEU E CA  1 
ATOM 692  C C   . LEU A 1 89  ? -7.656  11.415  -0.976  1.00 33.20 ? 86  LEU E C   1 
ATOM 693  O O   . LEU A 1 89  ? -8.672  11.850  -1.529  1.00 33.20 ? 86  LEU E O   1 
ATOM 694  C CB  . LEU A 1 89  ? -7.770  9.244   0.269   1.00 33.20 ? 86  LEU E CB  1 
ATOM 695  C CG  . LEU A 1 89  ? -8.082  7.743   0.256   1.00 33.20 ? 86  LEU E CG  1 
ATOM 696  C CD1 . LEU A 1 89  ? -9.216  7.421   -0.706  1.00 33.20 ? 86  LEU E CD1 1 
ATOM 697  C CD2 . LEU A 1 89  ? -6.850  6.910   -0.054  1.00 33.20 ? 86  LEU E CD2 1 
ATOM 698  N N   . SER A 1 90  ? -6.807  12.208  -0.325  1.00 36.87 ? 87  SER E N   1 
ATOM 699  C CA  . SER A 1 90  ? -6.962  13.654  -0.261  1.00 36.87 ? 87  SER E CA  1 
ATOM 700  C C   . SER A 1 90  ? -5.977  14.375  -1.175  1.00 36.87 ? 87  SER E C   1 
ATOM 701  O O   . SER A 1 90  ? -5.659  15.545  -0.942  1.00 36.87 ? 87  SER E O   1 
ATOM 702  C CB  . SER A 1 90  ? -6.801  14.140  1.180   1.00 36.87 ? 87  SER E CB  1 
ATOM 703  O OG  . SER A 1 90  ? -6.892  15.550  1.259   1.00 36.87 ? 87  SER E OG  1 
ATOM 704  N N   . SER A 1 91  ? -5.486  13.694  -2.213  1.00 37.84 ? 88  SER E N   1 
ATOM 705  C CA  . SER A 1 91  ? -4.475  14.286  -3.081  1.00 37.84 ? 88  SER E CA  1 
ATOM 706  C C   . SER A 1 91  ? -5.040  15.408  -3.940  1.00 37.84 ? 88  SER E C   1 
ATOM 707  O O   . SER A 1 91  ? -4.324  16.366  -4.249  1.00 37.84 ? 88  SER E O   1 
ATOM 708  C CB  . SER A 1 91  ? -3.852  13.215  -3.972  1.00 37.84 ? 88  SER E CB  1 
ATOM 709  O OG  . SER A 1 91  ? -4.775  12.768  -4.949  1.00 37.84 ? 88  SER E OG  1 
ATOM 710  N N   . ASN A 1 92  ? -6.305  15.306  -4.347  1.00 39.18 ? 89  ASN E N   1 
ATOM 711  C CA  . ASN A 1 92  ? -6.867  16.300  -5.257  1.00 39.18 ? 89  ASN E CA  1 
ATOM 712  C C   . ASN A 1 92  ? -6.941  17.676  -4.605  1.00 39.18 ? 89  ASN E C   1 
ATOM 713  O O   . ASN A 1 92  ? -6.676  18.693  -5.256  1.00 39.18 ? 89  ASN E O   1 
ATOM 714  C CB  . ASN A 1 92  ? -8.251  15.855  -5.728  1.00 39.18 ? 89  ASN E CB  1 
ATOM 715  C CG  . ASN A 1 92  ? -8.550  16.296  -7.144  1.00 39.18 ? 89  ASN E CG  1 
ATOM 716  O OD1 . ASN A 1 92  ? -7.737  16.961  -7.784  1.00 39.18 ? 89  ASN E OD1 1 
ATOM 717  N ND2 . ASN A 1 92  ? -9.723  15.927  -7.643  1.00 39.18 ? 89  ASN E ND2 1 
ATOM 718  N N   . SER A 1 93  ? -7.300  17.727  -3.320  1.00 41.41 ? 90  SER E N   1 
ATOM 719  C CA  . SER A 1 93  ? -7.496  19.014  -2.659  1.00 41.41 ? 90  SER E CA  1 
ATOM 720  C C   . SER A 1 93  ? -6.188  19.782  -2.510  1.00 41.41 ? 90  SER E C   1 
ATOM 721  O O   . SER A 1 93  ? -6.156  21.002  -2.713  1.00 41.41 ? 90  SER E O   1 
ATOM 722  C CB  . SER A 1 93  ? -8.152  18.805  -1.294  1.00 41.41 ? 90  SER E CB  1 
ATOM 723  O OG  . SER A 1 93  ? -9.488  18.356  -1.433  1.00 41.41 ? 90  SER E OG  1 
ATOM 724  N N   . ILE A 1 94  ? -5.100  19.096  -2.158  1.00 40.14 ? 91  ILE E N   1 
ATOM 725  C CA  . ILE A 1 94  ? -3.842  19.757  -1.824  1.00 40.14 ? 91  ILE E CA  1 
ATOM 726  C C   . ILE A 1 94  ? -2.741  19.477  -2.832  1.00 40.14 ? 91  ILE E C   1 
ATOM 727  O O   . ILE A 1 94  ? -1.612  19.954  -2.640  1.00 40.14 ? 91  ILE E O   1 
ATOM 728  C CB  . ILE A 1 94  ? -3.370  19.378  -0.407  1.00 40.14 ? 91  ILE E CB  1 
ATOM 729  C CG1 . ILE A 1 94  ? -3.102  17.877  -0.317  1.00 40.14 ? 91  ILE E CG1 1 
ATOM 730  C CG2 . ILE A 1 94  ? -4.405  19.792  0.625   1.00 40.14 ? 91  ILE E CG2 1 
ATOM 731  C CD1 . ILE A 1 94  ? -2.416  17.460  0.967   1.00 40.14 ? 91  ILE E CD1 1 
ATOM 732  N N   . ASN A 1 95  ? -3.022  18.717  -3.892  1.00 40.61 ? 92  ASN E N   1 
ATOM 733  C CA  . ASN A 1 95  ? -2.042  18.414  -4.939  1.00 40.61 ? 92  ASN E CA  1 
ATOM 734  C C   . ASN A 1 95  ? -0.791  17.746  -4.374  1.00 40.61 ? 92  ASN E C   1 
ATOM 735  O O   . ASN A 1 95  ? 0.310   17.917  -4.901  1.00 40.61 ? 92  ASN E O   1 
ATOM 736  C CB  . ASN A 1 95  ? -1.662  19.671  -5.729  1.00 40.61 ? 92  ASN E CB  1 
ATOM 737  C CG  . ASN A 1 95  ? -2.867  20.377  -6.315  1.00 40.61 ? 92  ASN E CG  1 
ATOM 738  O OD1 . ASN A 1 95  ? -3.819  20.699  -5.605  1.00 40.61 ? 92  ASN E OD1 1 
ATOM 739  N ND2 . ASN A 1 95  ? -2.829  20.627  -7.618  1.00 40.61 ? 92  ASN E ND2 1 
ATOM 740  N N   . ARG A 1 96  ? -0.952  16.974  -3.301  1.00 41.49 ? 93  ARG E N   1 
ATOM 741  C CA  . ARG A 1 96  ? 0.160   16.294  -2.654  1.00 41.49 ? 93  ARG E CA  1 
ATOM 742  C C   . ARG A 1 96  ? -0.314  14.949  -2.126  1.00 41.49 ? 93  ARG E C   1 
ATOM 743  O O   . ARG A 1 96  ? -1.510  14.721  -1.930  1.00 41.49 ? 93  ARG E O   1 
ATOM 744  C CB  . ARG A 1 96  ? 0.747   17.124  -1.506  1.00 41.49 ? 93  ARG E CB  1 
ATOM 745  C CG  . ARG A 1 96  ? 1.622   18.288  -1.940  1.00 41.49 ? 93  ARG E CG  1 
ATOM 746  C CD  . ARG A 1 96  ? 2.427   18.965  -0.808  1.00 41.49 ? 93  ARG E CD  1 
ATOM 747  N NE  . ARG A 1 96  ? 3.205   18.070  0.048   1.00 41.49 ? 93  ARG E NE  1 
ATOM 748  C CZ  . ARG A 1 96  ? 2.720   17.352  1.054   1.00 41.49 ? 93  ARG E CZ  1 
ATOM 749  N NH1 . ARG A 1 96  ? 1.464   17.468  1.450   1.00 41.49 ? 93  ARG E NH1 1 
ATOM 750  N NH2 . ARG A 1 96  ? 3.529   16.520  1.704   1.00 41.49 ? 93  ARG E NH2 1 
ATOM 751  N N   . SER A 1 97  ? 0.642   14.056  -1.891  1.00 38.66 ? 94  SER E N   1 
ATOM 752  C CA  . SER A 1 97  ? 0.351   12.731  -1.362  1.00 38.66 ? 94  SER E CA  1 
ATOM 753  C C   . SER A 1 97  ? 0.411   12.777  0.160   1.00 38.66 ? 94  SER E C   1 
ATOM 754  O O   . SER A 1 97  ? 1.461   13.079  0.737   1.00 38.66 ? 94  SER E O   1 
ATOM 755  C CB  . SER A 1 97  ? 1.335   11.700  -1.911  1.00 38.66 ? 94  SER E CB  1 
ATOM 756  O OG  . SER A 1 97  ? 2.635   11.902  -1.387  1.00 38.66 ? 94  SER E OG  1 
ATOM 757  N N   . GLU A 1 98  ? -0.715  12.482  0.804   1.00 37.75 ? 95  GLU E N   1 
ATOM 758  C CA  . GLU A 1 98  ? -0.760  12.433  2.258   1.00 37.75 ? 95  GLU E CA  1 
ATOM 759  C C   . GLU A 1 98  ? 0.107   11.293  2.776   1.00 37.75 ? 95  GLU E C   1 
ATOM 760  O O   . GLU A 1 98  ? 0.173   10.219  2.173   1.00 37.75 ? 95  GLU E O   1 
ATOM 761  C CB  . GLU A 1 98  ? -2.200  12.258  2.735   1.00 37.75 ? 95  GLU E CB  1 
ATOM 762  C CG  . GLU A 1 98  ? -2.502  12.901  4.073   1.00 37.75 ? 95  GLU E CG  1 
ATOM 763  C CD  . GLU A 1 98  ? -3.966  12.784  4.450   1.00 37.75 ? 95  GLU E CD  1 
ATOM 764  O OE1 . GLU A 1 98  ? -4.814  12.753  3.535   1.00 37.75 ? 95  GLU E OE1 1 
ATOM 765  O OE2 . GLU A 1 98  ? -4.268  12.723  5.662   1.00 37.75 ? 95  GLU E OE2 1 
ATOM 766  N N   . ASN A 1 99  ? 0.772   11.530  3.903   1.00 34.98 ? 96  ASN E N   1 
ATOM 767  C CA  . ASN A 1 99  ? 1.672   10.555  4.504   1.00 34.98 ? 96  ASN E CA  1 
ATOM 768  C C   . ASN A 1 99  ? 0.988   9.901   5.697   1.00 34.98 ? 96  ASN E C   1 
ATOM 769  O O   . ASN A 1 99  ? 0.536   10.594  6.614   1.00 34.98 ? 96  ASN E O   1 
ATOM 770  C CB  . ASN A 1 99  ? 2.981   11.216  4.934   1.00 34.98 ? 96  ASN E CB  1 
ATOM 771  C CG  . ASN A 1 99  ? 4.092   10.213  5.157   1.00 34.98 ? 96  ASN E CG  1 
ATOM 772  O OD1 . ASN A 1 99  ? 3.898   9.010   4.998   1.00 34.98 ? 96  ASN E OD1 1 
ATOM 773  N ND2 . ASN A 1 99  ? 5.268   10.707  5.528   1.00 34.98 ? 96  ASN E ND2 1 
ATOM 774  N N   . LYS A 1 100 ? 0.916   8.573   5.684   1.00 33.36 ? 97  LYS E N   1 
ATOM 775  C CA  . LYS A 1 100 ? 0.347   7.801   6.780   1.00 33.36 ? 97  LYS E CA  1 
ATOM 776  C C   . LYS A 1 100 ? 1.358   6.765   7.248   1.00 33.36 ? 97  LYS E C   1 
ATOM 777  O O   . LYS A 1 100 ? 2.011   6.108   6.432   1.00 33.36 ? 97  LYS E O   1 
ATOM 778  C CB  . LYS A 1 100 ? -0.953  7.112   6.361   1.00 33.36 ? 97  LYS E CB  1 
ATOM 779  C CG  . LYS A 1 100 ? -1.892  6.806   7.518   1.00 33.36 ? 97  LYS E CG  1 
ATOM 780  C CD  . LYS A 1 100 ? -2.000  7.988   8.472   1.00 33.36 ? 97  LYS E CD  1 
ATOM 781  C CE  . LYS A 1 100 ? -2.826  7.642   9.701   1.00 33.36 ? 97  LYS E CE  1 
ATOM 782  N NZ  . LYS A 1 100 ? -3.287  8.862   10.416  1.00 33.36 ? 97  LYS E NZ  1 
ATOM 783  N N   . ARG A 1 101 ? 1.479   6.617   8.565   1.00 32.83 ? 98  ARG E N   1 
ATOM 784  C CA  . ARG A 1 101 ? 2.455   5.723   9.172   1.00 32.83 ? 98  ARG E CA  1 
ATOM 785  C C   . ARG A 1 101 ? 1.746   4.747   10.098  1.00 32.83 ? 98  ARG E C   1 
ATOM 786  O O   . ARG A 1 101 ? 0.931   5.156   10.931  1.00 32.83 ? 98  ARG E O   1 
ATOM 787  C CB  . ARG A 1 101 ? 3.509   6.514   9.949   1.00 32.83 ? 98  ARG E CB  1 
ATOM 788  C CG  . ARG A 1 101 ? 4.686   6.971   9.107   1.00 32.83 ? 98  ARG E CG  1 
ATOM 789  C CD  . ARG A 1 101 ? 5.297   8.247   9.660   1.00 32.83 ? 98  ARG E CD  1 
ATOM 790  N NE  . ARG A 1 101 ? 4.333   9.340   9.695   1.00 32.83 ? 98  ARG E NE  1 
ATOM 791  C CZ  . ARG A 1 101 ? 3.796   9.829   10.803  1.00 32.83 ? 98  ARG E CZ  1 
ATOM 792  N NH1 . ARG A 1 101 ? 4.109   9.348   11.994  1.00 32.83 ? 98  ARG E NH1 1 
ATOM 793  N NH2 . ARG A 1 101 ? 2.920   10.826  10.713  1.00 32.83 ? 98  ARG E NH2 1 
ATOM 794  N N   . ILE A 1 102 ? 2.059   3.463   9.953   1.00 33.94 ? 99  ILE E N   1 
ATOM 795  C CA  . ILE A 1 102 ? 1.553   2.416   10.832  1.00 33.94 ? 99  ILE E CA  1 
ATOM 796  C C   . ILE A 1 102 ? 2.709   1.953   11.703  1.00 33.94 ? 99  ILE E C   1 
ATOM 797  O O   . ILE A 1 102 ? 3.706   1.425   11.195  1.00 33.94 ? 99  ILE E O   1 
ATOM 798  C CB  . ILE A 1 102 ? 0.951   1.248   10.039  1.00 33.94 ? 99  ILE E CB  1 
ATOM 799  C CG1 . ILE A 1 102 ? -0.031  1.769   8.992   1.00 33.94 ? 99  ILE E CG1 1 
ATOM 800  C CG2 . ILE A 1 102 ? 0.264   0.272   10.977  1.00 33.94 ? 99  ILE E CG2 1 
ATOM 801  C CD1 . ILE A 1 102 ? -1.214  2.497   9.581   1.00 33.94 ? 99  ILE E CD1 1 
ATOM 802  N N   . THR A 1 103 ? 2.579   2.144   13.015  1.00 36.24 ? 100 THR E N   1 
ATOM 803  C CA  . THR A 1 103 ? 3.670   1.907   13.950  1.00 36.24 ? 100 THR E CA  1 
ATOM 804  C C   . THR A 1 103 ? 3.215   0.976   15.063  1.00 36.24 ? 100 THR E C   1 
ATOM 805  O O   . THR A 1 103 ? 2.195   1.228   15.711  1.00 36.24 ? 100 THR E O   1 
ATOM 806  C CB  . THR A 1 103 ? 4.177   3.226   14.547  1.00 36.24 ? 100 THR E CB  1 
ATOM 807  O OG1 . THR A 1 103 ? 4.918   3.950   13.555  1.00 36.24 ? 100 THR E OG1 1 
ATOM 808  C CG2 . THR A 1 103 ? 5.069   2.966   15.749  1.00 36.24 ? 100 THR E CG2 1 
ATOM 809  N N   . ARG A 1 104 ? 3.973   -0.093  15.278  1.00 36.93 ? 101 ARG E N   1 
ATOM 810  C CA  . ARG A 1 104 ? 3.829   -0.958  16.441  1.00 36.93 ? 101 ARG E CA  1 
ATOM 811  C C   . ARG A 1 104 ? 5.063   -0.772  17.314  1.00 36.93 ? 101 ARG E C   1 
ATOM 812  O O   . ARG A 1 104 ? 6.176   -1.100  16.892  1.00 36.93 ? 101 ARG E O   1 
ATOM 813  C CB  . ARG A 1 104 ? 3.684   -2.422  16.029  1.00 36.93 ? 101 ARG E CB  1 
ATOM 814  C CG  . ARG A 1 104 ? 2.575   -2.708  15.028  1.00 36.93 ? 101 ARG E CG  1 
ATOM 815  C CD  . ARG A 1 104 ? 1.212   -2.733  15.697  1.00 36.93 ? 101 ARG E CD  1 
ATOM 816  N NE  . ARG A 1 104 ? 0.488   -1.479  15.529  1.00 36.93 ? 101 ARG E NE  1 
ATOM 817  C CZ  . ARG A 1 104 ? -0.295  -1.202  14.496  1.00 36.93 ? 101 ARG E CZ  1 
ATOM 818  N NH1 . ARG A 1 104 ? -0.486  -2.075  13.520  1.00 36.93 ? 101 ARG E NH1 1 
ATOM 819  N NH2 . ARG A 1 104 ? -0.908  -0.023  14.442  1.00 36.93 ? 101 ARG E NH2 1 
ATOM 820  N N   . TYR A 1 105 ? 4.872   -0.252  18.521  1.00 39.83 ? 102 TYR E N   1 
ATOM 821  C CA  . TYR A 1 105 ? 5.997   0.048   19.396  1.00 39.83 ? 102 TYR E CA  1 
ATOM 822  C C   . TYR A 1 105 ? 6.484   -1.241  20.044  1.00 39.83 ? 102 TYR E C   1 
ATOM 823  O O   . TYR A 1 105 ? 5.682   -2.068  20.487  1.00 39.83 ? 102 TYR E O   1 
ATOM 824  C CB  . TYR A 1 105 ? 5.597   1.066   20.466  1.00 39.83 ? 102 TYR E CB  1 
ATOM 825  C CG  . TYR A 1 105 ? 6.762   1.813   21.082  1.00 39.83 ? 102 TYR E CG  1 
ATOM 826  C CD1 . TYR A 1 105 ? 7.693   1.167   21.880  1.00 39.83 ? 102 TYR E CD1 1 
ATOM 827  C CD2 . TYR A 1 105 ? 6.919   3.178   20.871  1.00 39.83 ? 102 TYR E CD2 1 
ATOM 828  C CE1 . TYR A 1 105 ? 8.752   1.851   22.443  1.00 39.83 ? 102 TYR E CE1 1 
ATOM 829  C CE2 . TYR A 1 105 ? 7.974   3.871   21.431  1.00 39.83 ? 102 TYR E CE2 1 
ATOM 830  C CZ  . TYR A 1 105 ? 8.887   3.203   22.216  1.00 39.83 ? 102 TYR E CZ  1 
ATOM 831  O OH  . TYR A 1 105 ? 9.940   3.889   22.775  1.00 39.83 ? 102 TYR E OH  1 
ATOM 832  N N   . ILE A 1 106 ? 7.803   -1.407  20.095  1.00 41.70 ? 103 ILE E N   1 
ATOM 833  C CA  . ILE A 1 106 ? 8.426   -2.635  20.573  1.00 41.70 ? 103 ILE E CA  1 
ATOM 834  C C   . ILE A 1 106 ? 8.874   -2.442  22.015  1.00 41.70 ? 103 ILE E C   1 
ATOM 835  O O   . ILE A 1 106 ? 9.581   -1.477  22.333  1.00 41.70 ? 103 ILE E O   1 
ATOM 836  C CB  . ILE A 1 106 ? 9.616   -3.037  19.684  1.00 41.70 ? 103 ILE E CB  1 
ATOM 837  C CG1 . ILE A 1 106 ? 9.159   -3.247  18.242  1.00 41.70 ? 103 ILE E CG1 1 
ATOM 838  C CG2 . ILE A 1 106 ? 10.283  -4.291  20.219  1.00 41.70 ? 103 ILE E CG2 1 
ATOM 839  C CD1 . ILE A 1 106 ? 8.136   -4.342  18.082  1.00 41.70 ? 103 ILE E CD1 1 
ATOM 840  N N   . GLU A 1 107 ? 8.464   -3.359  22.886  1.00 43.60 ? 104 GLU E N   1 
ATOM 841  C CA  . GLU A 1 107 ? 8.927   -3.421  24.263  1.00 43.60 ? 104 GLU E CA  1 
ATOM 842  C C   . GLU A 1 107 ? 9.782   -4.664  24.469  1.00 43.60 ? 104 GLU E C   1 
ATOM 843  O O   . GLU A 1 107 ? 9.715   -5.628  23.700  1.00 43.60 ? 104 GLU E O   1 
ATOM 844  C CB  . GLU A 1 107 ? 7.753   -3.446  25.251  1.00 43.60 ? 104 GLU E CB  1 
ATOM 845  C CG  . GLU A 1 107 ? 6.772   -2.267  25.223  1.00 43.60 ? 104 GLU E CG  1 
ATOM 846  C CD  . GLU A 1 107 ? 7.388   -0.909  24.908  1.00 43.60 ? 104 GLU E CD  1 
ATOM 847  O OE1 . GLU A 1 107 ? 8.567   -0.658  25.240  1.00 43.60 ? 104 GLU E OE1 1 
ATOM 848  O OE2 . GLU A 1 107 ? 6.662   -0.068  24.344  1.00 43.60 ? 104 GLU E OE2 1 
ATOM 849  N N   . LYS A 1 108 ? 10.592  -4.632  25.526  1.00 46.30 ? 105 LYS E N   1 
ATOM 850  C CA  . LYS A 1 108 ? 11.324  -5.821  25.937  1.00 46.30 ? 105 LYS E CA  1 
ATOM 851  C C   . LYS A 1 108 ? 10.448  -6.815  26.686  1.00 46.30 ? 105 LYS E C   1 
ATOM 852  O O   . LYS A 1 108 ? 10.882  -7.949  26.916  1.00 46.30 ? 105 LYS E O   1 
ATOM 853  C CB  . LYS A 1 108 ? 12.525  -5.436  26.804  1.00 46.30 ? 105 LYS E CB  1 
ATOM 854  C CG  . LYS A 1 108 ? 13.732  -4.967  26.010  1.00 46.30 ? 105 LYS E CG  1 
ATOM 855  C CD  . LYS A 1 108 ? 14.873  -4.565  26.928  1.00 46.30 ? 105 LYS E CD  1 
ATOM 856  C CE  . LYS A 1 108 ? 15.247  -5.694  27.872  1.00 46.30 ? 105 LYS E CE  1 
ATOM 857  N NZ  . LYS A 1 108 ? 16.209  -5.249  28.915  1.00 46.30 ? 105 LYS E NZ  1 
ATOM 858  N N   . GLU A 1 109 ? 9.236   -6.419  27.071  1.00 46.33 ? 106 GLU E N   1 
ATOM 859  C CA  . GLU A 1 109 ? 8.281   -7.305  27.724  1.00 46.33 ? 106 GLU E CA  1 
ATOM 860  C C   . GLU A 1 109 ? 7.107   -7.656  26.820  1.00 46.33 ? 106 GLU E C   1 
ATOM 861  O O   . GLU A 1 109 ? 6.724   -8.824  26.724  1.00 46.33 ? 106 GLU E O   1 
ATOM 862  C CB  . GLU A 1 109 ? 7.766   -6.666  29.017  1.00 46.33 ? 106 GLU E CB  1 
ATOM 863  C CG  . GLU A 1 109 ? 6.823   -7.555  29.808  1.00 46.33 ? 106 GLU E CG  1 
ATOM 864  C CD  . GLU A 1 109 ? 6.372   -6.917  31.104  1.00 46.33 ? 106 GLU E CD  1 
ATOM 865  O OE1 . GLU A 1 109 ? 6.779   -5.769  31.377  1.00 46.33 ? 106 GLU E OE1 1 
ATOM 866  O OE2 . GLU A 1 109 ? 5.607   -7.563  31.850  1.00 46.33 ? 106 GLU E OE2 1 
ATOM 867  N N   . ASN A 1 110 ? 6.528   -6.661  26.152  1.00 44.83 ? 107 ASN E N   1 
ATOM 868  C CA  . ASN A 1 110 ? 5.425   -6.888  25.222  1.00 44.83 ? 107 ASN E CA  1 
ATOM 869  C C   . ASN A 1 110 ? 5.995   -7.556  23.978  1.00 44.83 ? 107 ASN E C   1 
ATOM 870  O O   . ASN A 1 110 ? 6.539   -6.892  23.094  1.00 44.83 ? 107 ASN E O   1 
ATOM 871  C CB  . ASN A 1 110 ? 4.727   -5.576  24.883  1.00 44.83 ? 107 ASN E CB  1 
ATOM 872  C CG  . ASN A 1 110 ? 3.235   -5.744  24.684  1.00 44.83 ? 107 ASN E CG  1 
ATOM 873  O OD1 . ASN A 1 110 ? 2.665   -6.779  25.025  1.00 44.83 ? 107 ASN E OD1 1 
ATOM 874  N ND2 . ASN A 1 110 ? 2.593   -4.722  24.127  1.00 44.83 ? 107 ASN E ND2 1 
ATOM 875  N N   . PHE A 1 111 ? 5.868   -8.878  23.909  1.00 42.07 ? 108 PHE E N   1 
ATOM 876  C CA  . PHE A 1 111 ? 6.457   -9.670  22.832  1.00 42.07 ? 108 PHE E CA  1 
ATOM 877  C C   . PHE A 1 111 ? 5.407   -9.783  21.734  1.00 42.07 ? 108 PHE E C   1 
ATOM 878  O O   . PHE A 1 111 ? 4.623   -10.735 21.703  1.00 42.07 ? 108 PHE E O   1 
ATOM 879  C CB  . PHE A 1 111 ? 6.886   -11.032 23.361  1.00 42.07 ? 108 PHE E CB  1 
ATOM 880  C CG  . PHE A 1 111 ? 7.825   -11.772 22.461  1.00 42.07 ? 108 PHE E CG  1 
ATOM 881  C CD1 . PHE A 1 111 ? 8.709   -11.090 21.646  1.00 42.07 ? 108 PHE E CD1 1 
ATOM 882  C CD2 . PHE A 1 111 ? 7.847   -13.155 22.456  1.00 42.07 ? 108 PHE E CD2 1 
ATOM 883  C CE1 . PHE A 1 111 ? 9.583   -11.775 20.831  1.00 42.07 ? 108 PHE E CE1 1 
ATOM 884  C CE2 . PHE A 1 111 ? 8.719   -13.845 21.644  1.00 42.07 ? 108 PHE E CE2 1 
ATOM 885  C CZ  . PHE A 1 111 ? 9.590   -13.154 20.834  1.00 42.07 ? 108 PHE E CZ  1 
ATOM 886  N N   . VAL A 1 112 ? 5.391   -8.809  20.829  1.00 40.93 ? 109 VAL E N   1 
ATOM 887  C CA  . VAL A 1 112 ? 4.274   -8.601  19.915  1.00 40.93 ? 109 VAL E CA  1 
ATOM 888  C C   . VAL A 1 112 ? 4.375   -9.554  18.735  1.00 40.93 ? 109 VAL E C   1 
ATOM 889  O O   . VAL A 1 112 ? 5.466   -9.837  18.226  1.00 40.93 ? 109 VAL E O   1 
ATOM 890  C CB  . VAL A 1 112 ? 4.219   -7.132  19.447  1.00 40.93 ? 109 VAL E CB  1 
ATOM 891  C CG1 . VAL A 1 112 ? 5.427   -6.786  18.595  1.00 40.93 ? 109 VAL E CG1 1 
ATOM 892  C CG2 . VAL A 1 112 ? 2.932   -6.860  18.687  1.00 40.93 ? 109 VAL E CG2 1 
ATOM 893  N N   . ASN A 1 113 ? 3.222   -10.076 18.317  1.00 41.90 ? 110 ASN E N   1 
ATOM 894  C CA  . ASN A 1 113 ? 3.114   -10.825 17.067  1.00 41.90 ? 110 ASN E CA  1 
ATOM 895  C C   . ASN A 1 113 ? 1.672   -10.782 16.565  1.00 41.90 ? 110 ASN E C   1 
ATOM 896  O O   . ASN A 1 113 ? 0.750   -11.233 17.248  1.00 41.90 ? 110 ASN E O   1 
ATOM 897  C CB  . ASN A 1 113 ? 3.684   -12.250 17.214  1.00 41.90 ? 110 ASN E CB  1 
ATOM 898  C CG  . ASN A 1 113 ? 2.833   -13.203 18.068  1.00 41.90 ? 110 ASN E CG  1 
ATOM 899  O OD1 . ASN A 1 113 ? 3.133   -14.374 18.252  1.00 41.90 ? 110 ASN E OD1 1 
ATOM 900  N ND2 . ASN A 1 113 ? 1.742   -12.664 18.595  1.00 41.90 ? 110 ASN E ND2 1 
ATOM 901  N N   . GLU A 1 114 ? 1.470   -10.150 15.410  1.00 40.21 ? 111 GLU E N   1 
ATOM 902  C CA  . GLU A 1 114 ? 0.135   -9.990  14.851  1.00 40.21 ? 111 GLU E CA  1 
ATOM 903  C C   . GLU A 1 114 ? 0.224   -9.814  13.343  1.00 40.21 ? 111 GLU E C   1 
ATOM 904  O O   . GLU A 1 114 ? 1.235   -9.355  12.806  1.00 40.21 ? 111 GLU E O   1 
ATOM 905  C CB  . GLU A 1 114 ? -0.606  -8.798  15.475  1.00 40.21 ? 111 GLU E CB  1 
ATOM 906  C CG  . GLU A 1 114 ? -1.470  -9.157  16.674  1.00 40.21 ? 111 GLU E CG  1 
ATOM 907  C CD  . GLU A 1 114 ? -2.384  -8.027  17.098  1.00 40.21 ? 111 GLU E CD  1 
ATOM 908  O OE1 . GLU A 1 114 ? -2.161  -6.881  16.660  1.00 40.21 ? 111 GLU E OE1 1 
ATOM 909  O OE2 . GLU A 1 114 ? -3.333  -8.293  17.862  1.00 40.21 ? 111 GLU E OE2 1 
ATOM 910  N N   . SER A 1 115 ? -0.860  -10.188 12.668  1.00 42.13 ? 112 SER E N   1 
ATOM 911  C CA  . SER A 1 115 ? -1.032  -9.966  11.241  1.00 42.13 ? 112 SER E CA  1 
ATOM 912  C C   . SER A 1 115 ? -2.437  -9.436  10.995  1.00 42.13 ? 112 SER E C   1 
ATOM 913  O O   . SER A 1 115 ? -3.395  -9.878  11.637  1.00 42.13 ? 112 SER E O   1 
ATOM 914  C CB  . SER A 1 115 ? -0.803  -11.254 10.443  1.00 42.13 ? 112 SER E CB  1 
ATOM 915  O OG  . SER A 1 115 ? -1.557  -12.327 10.981  1.00 42.13 ? 112 SER E OG  1 
ATOM 916  N N   . SER A 1 116 ? -2.559  -8.487  10.070  1.00 43.24 ? 113 SER E N   1 
ATOM 917  C CA  . SER A 1 116 ? -3.844  -7.853  9.816   1.00 43.24 ? 113 SER E CA  1 
ATOM 918  C C   . SER A 1 116 ? -3.911  -7.392  8.368   1.00 43.24 ? 113 SER E C   1 
ATOM 919  O O   . SER A 1 116 ? -2.887  -7.233  7.698   1.00 43.24 ? 113 SER E O   1 
ATOM 920  C CB  . SER A 1 116 ? -4.083  -6.668  10.759  1.00 43.24 ? 113 SER E CB  1 
ATOM 921  O OG  . SER A 1 116 ? -3.217  -5.592  10.447  1.00 43.24 ? 113 SER E OG  1 
ATOM 922  N N   . GLU A 1 117 ? -5.136  -7.178  7.897   1.00 43.08 ? 114 GLU E N   1 
ATOM 923  C CA  . GLU A 1 117 ? -5.404  -6.712  6.543   1.00 43.08 ? 114 GLU E CA  1 
ATOM 924  C C   . GLU A 1 117 ? -5.957  -5.295  6.599   1.00 43.08 ? 114 GLU E C   1 
ATOM 925  O O   . GLU A 1 117 ? -6.853  -5.006  7.397   1.00 43.08 ? 114 GLU E O   1 
ATOM 926  C CB  . GLU A 1 117 ? -6.397  -7.634  5.829   1.00 43.08 ? 114 GLU E CB  1 
ATOM 927  C CG  . GLU A 1 117 ? -5.809  -8.960  5.378   1.00 43.08 ? 114 GLU E CG  1 
ATOM 928  C CD  . GLU A 1 117 ? -6.864  -9.926  4.875   1.00 43.08 ? 114 GLU E CD  1 
ATOM 929  O OE1 . GLU A 1 117 ? -7.709  -9.514  4.052   1.00 43.08 ? 114 GLU E OE1 1 
ATOM 930  O OE2 . GLU A 1 117 ? -6.846  -11.101 5.297   1.00 43.08 ? 114 GLU E OE2 1 
ATOM 931  N N   . ARG A 1 118 ? -5.421  -4.417  5.754   1.00 40.16 ? 115 ARG E N   1 
ATOM 932  C CA  . ARG A 1 118 ? -5.860  -3.033  5.678   1.00 40.16 ? 115 ARG E CA  1 
ATOM 933  C C   . ARG A 1 118 ? -6.073  -2.645  4.223   1.00 40.16 ? 115 ARG E C   1 
ATOM 934  O O   . ARG A 1 118 ? -5.474  -3.227  3.315   1.00 40.16 ? 115 ARG E O   1 
ATOM 935  C CB  . ARG A 1 118 ? -4.846  -2.076  6.317   1.00 40.16 ? 115 ARG E CB  1 
ATOM 936  C CG  . ARG A 1 118 ? -4.209  -2.587  7.595   1.00 40.16 ? 115 ARG E CG  1 
ATOM 937  C CD  . ARG A 1 118 ? -3.194  -1.594  8.128   1.00 40.16 ? 115 ARG E CD  1 
ATOM 938  N NE  . ARG A 1 118 ? -3.603  -0.218  7.871   1.00 40.16 ? 115 ARG E NE  1 
ATOM 939  C CZ  . ARG A 1 118 ? -4.444  0.468   8.632   1.00 40.16 ? 115 ARG E CZ  1 
ATOM 940  N NH1 . ARG A 1 118 ? -4.978  -0.059  9.721   1.00 40.16 ? 115 ARG E NH1 1 
ATOM 941  N NH2 . ARG A 1 118 ? -4.756  1.715   8.291   1.00 40.16 ? 115 ARG E NH2 1 
ATOM 942  N N   . PHE A 1 119 ? -6.930  -1.653  4.008   1.00 34.92 ? 116 PHE E N   1 
ATOM 943  C CA  . PHE A 1 119 ? -7.198  -1.125  2.677   1.00 34.92 ? 116 PHE E CA  1 
ATOM 944  C C   . PHE A 1 119 ? -6.501  0.218   2.518   1.00 34.92 ? 116 PHE E C   1 
ATOM 945  O O   . PHE A 1 119 ? -6.652  1.104   3.366   1.00 34.92 ? 116 PHE E O   1 
ATOM 946  C CB  . PHE A 1 119 ? -8.699  -0.973  2.435   1.00 34.92 ? 116 PHE E CB  1 
ATOM 947  C CG  . PHE A 1 119 ? -9.040  0.022   1.363   1.00 34.92 ? 116 PHE E CG  1 
ATOM 948  C CD1 . PHE A 1 119 ? -8.680  -0.208  0.047   1.00 34.92 ? 116 PHE E CD1 1 
ATOM 949  C CD2 . PHE A 1 119 ? -9.719  1.187   1.670   1.00 34.92 ? 116 PHE E CD2 1 
ATOM 950  C CE1 . PHE A 1 119 ? -8.989  0.706   -0.940  1.00 34.92 ? 116 PHE E CE1 1 
ATOM 951  C CE2 . PHE A 1 119 ? -10.031 2.103   0.687   1.00 34.92 ? 116 PHE E CE2 1 
ATOM 952  C CZ  . PHE A 1 119 ? -9.665  1.862   -0.619  1.00 34.92 ? 116 PHE E CZ  1 
ATOM 953  N N   . GLU A 1 120 ? -5.742  0.367   1.436   1.00 34.75 ? 117 GLU E N   1 
ATOM 954  C CA  . GLU A 1 120 ? -4.998  1.592   1.186   1.00 34.75 ? 117 GLU E CA  1 
ATOM 955  C C   . GLU A 1 120 ? -4.982  1.895   -0.304  1.00 34.75 ? 117 GLU E C   1 
ATOM 956  O O   . GLU A 1 120 ? -5.160  1.012   -1.146  1.00 34.75 ? 117 GLU E O   1 
ATOM 957  C CB  . GLU A 1 120 ? -3.561  1.501   1.726   1.00 34.75 ? 117 GLU E CB  1 
ATOM 958  C CG  . GLU A 1 120 ? -3.363  1.939   3.186   1.00 34.75 ? 117 GLU E CG  1 
ATOM 959  C CD  . GLU A 1 120 ? -3.864  3.347   3.514   1.00 34.75 ? 117 GLU E CD  1 
ATOM 960  O OE1 . GLU A 1 120 ? -3.735  3.747   4.691   1.00 34.75 ? 117 GLU E OE1 1 
ATOM 961  O OE2 . GLU A 1 120 ? -4.343  4.073   2.618   1.00 34.75 ? 117 GLU E OE2 1 
ATOM 962  N N   . PHE A 1 121 ? -4.765  3.173   -0.616  1.00 31.02 ? 118 PHE E N   1 
ATOM 963  C CA  . PHE A 1 121 ? -4.695  3.676   -1.991  1.00 31.02 ? 118 PHE E CA  1 
ATOM 964  C C   . PHE A 1 121 ? -3.524  4.657   -2.016  1.00 31.02 ? 118 PHE E C   1 
ATOM 965  O O   . PHE A 1 121 ? -3.687  5.843   -1.717  1.00 31.02 ? 118 PHE E O   1 
ATOM 966  C CB  . PHE A 1 121 ? -6.012  4.319   -2.403  1.00 31.02 ? 118 PHE E CB  1 
ATOM 967  C CG  . PHE A 1 121 ? -5.942  5.108   -3.679  1.00 31.02 ? 118 PHE E CG  1 
ATOM 968  C CD1 . PHE A 1 121 ? -5.412  4.552   -4.828  1.00 31.02 ? 118 PHE E CD1 1 
ATOM 969  C CD2 . PHE A 1 121 ? -6.429  6.401   -3.731  1.00 31.02 ? 118 PHE E CD2 1 
ATOM 970  C CE1 . PHE A 1 121 ? -5.357  5.277   -6.001  1.00 31.02 ? 118 PHE E CE1 1 
ATOM 971  C CE2 . PHE A 1 121 ? -6.377  7.127   -4.900  1.00 31.02 ? 118 PHE E CE2 1 
ATOM 972  C CZ  . PHE A 1 121 ? -5.841  6.565   -6.034  1.00 31.02 ? 118 PHE E CZ  1 
ATOM 973  N N   . PHE A 1 122 ? -2.343  4.153   -2.369  1.00 30.15 ? 119 PHE E N   1 
ATOM 974  C CA  . PHE A 1 122 ? -1.085  4.845   -2.126  1.00 30.15 ? 119 PHE E CA  1 
ATOM 975  C C   . PHE A 1 122 ? -0.269  4.934   -3.409  1.00 30.15 ? 119 PHE E C   1 
ATOM 976  O O   . PHE A 1 122 ? -0.623  4.364   -4.444  1.00 30.15 ? 119 PHE E O   1 
ATOM 977  C CB  . PHE A 1 122 ? -0.277  4.131   -1.039  1.00 30.15 ? 119 PHE E CB  1 
ATOM 978  C CG  . PHE A 1 122 ? -0.129  2.656   -1.267  1.00 30.15 ? 119 PHE E CG  1 
ATOM 979  C CD1 . PHE A 1 122 ? 0.909   2.160   -2.034  1.00 30.15 ? 119 PHE E CD1 1 
ATOM 980  C CD2 . PHE A 1 122 ? -1.031  1.765   -0.717  1.00 30.15 ? 119 PHE E CD2 1 
ATOM 981  C CE1 . PHE A 1 122 ? 1.046   0.804   -2.244  1.00 30.15 ? 119 PHE E CE1 1 
ATOM 982  C CE2 . PHE A 1 122 ? -0.900  0.410   -0.925  1.00 30.15 ? 119 PHE E CE2 1 
ATOM 983  C CZ  . PHE A 1 122 ? 0.139   -0.072  -1.690  1.00 30.15 ? 119 PHE E CZ  1 
ATOM 984  N N   . LYS A 1 123 ? 0.848   5.657   -3.321  1.00 29.57 ? 120 LYS E N   1 
ATOM 985  C CA  . LYS A 1 123 ? 1.807   5.780   -4.413  1.00 29.57 ? 120 LYS E CA  1 
ATOM 986  C C   . LYS A 1 123 ? 2.999   4.849   -4.229  1.00 29.57 ? 120 LYS E C   1 
ATOM 987  O O   . LYS A 1 123 ? 3.297   4.034   -5.105  1.00 29.57 ? 120 LYS E O   1 
ATOM 988  C CB  . LYS A 1 123 ? 2.290   7.230   -4.534  1.00 29.57 ? 120 LYS E CB  1 
ATOM 989  C CG  . LYS A 1 123 ? 1.573   8.038   -5.592  1.00 29.57 ? 120 LYS E CG  1 
ATOM 990  C CD  . LYS A 1 123 ? 2.233   9.393   -5.798  1.00 29.57 ? 120 LYS E CD  1 
ATOM 991  C CE  . LYS A 1 123 ? 3.745   9.276   -5.873  1.00 29.57 ? 120 LYS E CE  1 
ATOM 992  N NZ  . LYS A 1 123 ? 4.385   10.601  -6.099  1.00 29.57 ? 120 LYS E NZ  1 
ATOM 993  N N   . SER A 1 124 ? 3.693   4.960   -3.098  1.00 31.14 ? 121 SER E N   1 
ATOM 994  C CA  . SER A 1 124 ? 4.871   4.154   -2.833  1.00 31.14 ? 121 SER E CA  1 
ATOM 995  C C   . SER A 1 124 ? 4.832   3.647   -1.400  1.00 31.14 ? 121 SER E C   1 
ATOM 996  O O   . SER A 1 124 ? 4.305   4.311   -0.504  1.00 31.14 ? 121 SER E O   1 
ATOM 997  C CB  . SER A 1 124 ? 6.162   4.946   -3.071  1.00 31.14 ? 121 SER E CB  1 
ATOM 998  O OG  . SER A 1 124 ? 6.424   5.823   -1.990  1.00 31.14 ? 121 SER E OG  1 
ATOM 999  N N   . MET A 1 125 ? 5.404   2.465   -1.194  1.00 33.41 ? 122 MET E N   1 
ATOM 1000 C CA  . MET A 1 125 ? 5.481   1.835   0.116   1.00 33.41 ? 122 MET E CA  1 
ATOM 1001 C C   . MET A 1 125 ? 6.940   1.742   0.535   1.00 33.41 ? 122 MET E C   1 
ATOM 1002 O O   . MET A 1 125 ? 7.762   1.184   -0.197  1.00 33.41 ? 122 MET E O   1 
ATOM 1003 C CB  . MET A 1 125 ? 4.844   0.446   0.091   1.00 33.41 ? 122 MET E CB  1 
ATOM 1004 C CG  . MET A 1 125 ? 4.635   -0.167  1.457   1.00 33.41 ? 122 MET E CG  1 
ATOM 1005 S SD  . MET A 1 125 ? 2.972   0.128   2.073   1.00 33.41 ? 122 MET E SD  1 
ATOM 1006 C CE  . MET A 1 125 ? 2.055   -1.081  1.128   1.00 33.41 ? 122 MET E CE  1 
ATOM 1007 N N   . GLU A 1 126 ? 7.256   2.282   1.708   1.00 37.12 ? 123 GLU E N   1 
ATOM 1008 C CA  . GLU A 1 126 ? 8.628   2.348   2.191   1.00 37.12 ? 123 GLU E CA  1 
ATOM 1009 C C   . GLU A 1 126 ? 8.685   1.925   3.651   1.00 37.12 ? 123 GLU E C   1 
ATOM 1010 O O   . GLU A 1 126 ? 7.817   2.292   4.448   1.00 37.12 ? 123 GLU E O   1 
ATOM 1011 C CB  . GLU A 1 126 ? 9.199   3.765   2.025   1.00 37.12 ? 123 GLU E CB  1 
ATOM 1012 C CG  . GLU A 1 126 ? 10.368  4.098   2.942   1.00 37.12 ? 123 GLU E CG  1 
ATOM 1013 C CD  . GLU A 1 126 ? 11.621  3.315   2.612   1.00 37.12 ? 123 GLU E CD  1 
ATOM 1014 O OE1 . GLU A 1 126 ? 11.820  2.981   1.427   1.00 37.12 ? 123 GLU E OE1 1 
ATOM 1015 O OE2 . GLU A 1 126 ? 12.413  3.039   3.537   1.00 37.12 ? 123 GLU E OE2 1 
ATOM 1016 N N   . LEU A 1 127 ? 9.712   1.146   3.995   1.00 36.94 ? 124 LEU E N   1 
ATOM 1017 C CA  . LEU A 1 127 ? 9.965   0.739   5.376   1.00 36.94 ? 124 LEU E CA  1 
ATOM 1018 C C   . LEU A 1 127 ? 11.075  1.633   5.924   1.00 36.94 ? 124 LEU E C   1 
ATOM 1019 O O   . LEU A 1 127 ? 12.258  1.299   5.893   1.00 36.94 ? 124 LEU E O   1 
ATOM 1020 C CB  . LEU A 1 127 ? 10.337  -0.739  5.448   1.00 36.94 ? 124 LEU E CB  1 
ATOM 1021 C CG  . LEU A 1 127 ? 9.212   -1.777  5.486   1.00 36.94 ? 124 LEU E CG  1 
ATOM 1022 C CD1 . LEU A 1 127 ? 8.349   -1.588  6.721   1.00 36.94 ? 124 LEU E CD1 1 
ATOM 1023 C CD2 . LEU A 1 127 ? 8.369   -1.740  4.222   1.00 36.94 ? 124 LEU E CD2 1 
ATOM 1024 N N   . SER A 1 128 ? 10.669  2.801   6.427   1.00 38.35 ? 125 SER E N   1 
ATOM 1025 C CA  . SER A 1 128 ? 11.640  3.797   6.872   1.00 38.35 ? 125 SER E CA  1 
ATOM 1026 C C   . SER A 1 128 ? 12.450  3.303   8.066   1.00 38.35 ? 125 SER E C   1 
ATOM 1027 O O   . SER A 1 128 ? 13.670  3.501   8.118   1.00 38.35 ? 125 SER E O   1 
ATOM 1028 C CB  . SER A 1 128 ? 10.928  5.106   7.208   1.00 38.35 ? 125 SER E CB  1 
ATOM 1029 O OG  . SER A 1 128 ? 10.074  4.951   8.326   1.00 38.35 ? 125 SER E OG  1 
ATOM 1030 N N   . HIS A 1 129 ? 11.798  2.660   9.030   1.00 40.90 ? 126 HIS E N   1 
ATOM 1031 C CA  . HIS A 1 129 ? 12.462  2.164   10.225  1.00 40.90 ? 126 HIS E CA  1 
ATOM 1032 C C   . HIS A 1 129 ? 12.269  0.657   10.333  1.00 40.90 ? 126 HIS E C   1 
ATOM 1033 O O   . HIS A 1 129 ? 11.306  0.099   9.801   1.00 40.90 ? 126 HIS E O   1 
ATOM 1034 C CB  . HIS A 1 129 ? 11.929  2.854   11.486  1.00 40.90 ? 126 HIS E CB  1 
ATOM 1035 C CG  . HIS A 1 129 ? 12.059  4.345   11.457  1.00 40.90 ? 126 HIS E CG  1 
ATOM 1036 N ND1 . HIS A 1 129 ? 11.209  5.181   12.149  1.00 40.90 ? 126 HIS E ND1 1 
ATOM 1037 C CD2 . HIS A 1 129 ? 12.938  5.151   10.814  1.00 40.90 ? 126 HIS E CD2 1 
ATOM 1038 C CE1 . HIS A 1 129 ? 11.559  6.437   11.936  1.00 40.90 ? 126 HIS E CE1 1 
ATOM 1039 N NE2 . HIS A 1 129 ? 12.605  6.446   11.130  1.00 40.90 ? 126 HIS E NE2 1 
ATOM 1040 N N   . LEU A 1 130 ? 13.199  0.002   11.025  1.00 43.94 ? 127 LEU E N   1 
ATOM 1041 C CA  . LEU A 1 130 ? 13.183  -1.451  11.107  1.00 43.94 ? 127 LEU E CA  1 
ATOM 1042 C C   . LEU A 1 130 ? 13.933  -1.896  12.354  1.00 43.94 ? 127 LEU E C   1 
ATOM 1043 O O   . LEU A 1 130 ? 14.852  -1.215  12.817  1.00 43.94 ? 127 LEU E O   1 
ATOM 1044 C CB  . LEU A 1 130 ? 13.805  -2.074  9.853   1.00 43.94 ? 127 LEU E CB  1 
ATOM 1045 C CG  . LEU A 1 130 ? 13.681  -3.584  9.683   1.00 43.94 ? 127 LEU E CG  1 
ATOM 1046 C CD1 . LEU A 1 130 ? 12.220  -3.963  9.621   1.00 43.94 ? 127 LEU E CD1 1 
ATOM 1047 C CD2 . LEU A 1 130 ? 14.411  -4.044  8.434   1.00 43.94 ? 127 LEU E CD2 1 
ATOM 1048 N N   . SER A 1 131 ? 13.530  -3.046  12.889  1.00 44.94 ? 128 SER E N   1 
ATOM 1049 C CA  . SER A 1 131 ? 14.191  -3.676  14.025  1.00 44.94 ? 128 SER E CA  1 
ATOM 1050 C C   . SER A 1 131 ? 14.754  -5.018  13.581  1.00 44.94 ? 128 SER E C   1 
ATOM 1051 O O   . SER A 1 131 ? 14.045  -5.817  12.961  1.00 44.94 ? 128 SER E O   1 
ATOM 1052 C CB  . SER A 1 131 ? 13.226  -3.866  15.196  1.00 44.94 ? 128 SER E CB  1 
ATOM 1053 O OG  . SER A 1 131 ? 12.400  -4.999  14.995  1.00 44.94 ? 128 SER E OG  1 
ATOM 1054 N N   . THR A 1 132 ? 16.026  -5.266  13.904  1.00 47.19 ? 129 THR E N   1 
ATOM 1055 C CA  . THR A 1 132 ? 16.702  -6.460  13.411  1.00 47.19 ? 129 THR E CA  1 
ATOM 1056 C C   . THR A 1 132 ? 16.209  -7.739  14.074  1.00 47.19 ? 129 THR E C   1 
ATOM 1057 O O   . THR A 1 132 ? 16.480  -8.829  13.560  1.00 47.19 ? 129 THR E O   1 
ATOM 1058 C CB  . THR A 1 132 ? 18.212  -6.330  13.609  1.00 47.19 ? 129 THR E CB  1 
ATOM 1059 O OG1 . THR A 1 132 ? 18.876  -7.427  12.970  1.00 47.19 ? 129 THR E OG1 1 
ATOM 1060 C CG2 . THR A 1 132 ? 18.556  -6.332  15.090  1.00 47.19 ? 129 THR E CG2 1 
ATOM 1061 N N   . ALA A 1 133 ? 15.499  -7.639  15.197  1.00 46.19 ? 130 ALA E N   1 
ATOM 1062 C CA  . ALA A 1 133 ? 15.065  -8.839  15.903  1.00 46.19 ? 130 ALA E CA  1 
ATOM 1063 C C   . ALA A 1 133 ? 13.874  -9.504  15.224  1.00 46.19 ? 130 ALA E C   1 
ATOM 1064 O O   . ALA A 1 133 ? 13.766  -10.735 15.222  1.00 46.19 ? 130 ALA E O   1 
ATOM 1065 C CB  . ALA A 1 133 ? 14.722  -8.499  17.353  1.00 46.19 ? 130 ALA E CB  1 
ATOM 1066 N N   . TYR A 1 134 ? 12.980  -8.713  14.641  1.00 43.58 ? 131 TYR E N   1 
ATOM 1067 C CA  . TYR A 1 134 ? 11.712  -9.217  14.140  1.00 43.58 ? 131 TYR E CA  1 
ATOM 1068 C C   . TYR A 1 134 ? 11.804  -9.562  12.655  1.00 43.58 ? 131 TYR E C   1 
ATOM 1069 O O   . TYR A 1 134 ? 12.811  -9.317  11.987  1.00 43.58 ? 131 TYR E O   1 
ATOM 1070 C CB  . TYR A 1 134 ? 10.610  -8.188  14.384  1.00 43.58 ? 131 TYR E CB  1 
ATOM 1071 C CG  . TYR A 1 134 ? 9.882   -8.363  15.693  1.00 43.58 ? 131 TYR E CG  1 
ATOM 1072 C CD1 . TYR A 1 134 ? 8.961   -9.383  15.864  1.00 43.58 ? 131 TYR E CD1 1 
ATOM 1073 C CD2 . TYR A 1 134 ? 10.113  -7.506  16.760  1.00 43.58 ? 131 TYR E CD2 1 
ATOM 1074 C CE1 . TYR A 1 134 ? 8.293   -9.550  17.054  1.00 43.58 ? 131 TYR E CE1 1 
ATOM 1075 C CE2 . TYR A 1 134 ? 9.447   -7.663  17.957  1.00 43.58 ? 131 TYR E CE2 1 
ATOM 1076 C CZ  . TYR A 1 134 ? 8.537   -8.687  18.098  1.00 43.58 ? 131 TYR E CZ  1 
ATOM 1077 O OH  . TYR A 1 134 ? 7.867   -8.854  19.288  1.00 43.58 ? 131 TYR E OH  1 
ATOM 1078 N N   . ASP A 1 135 ? 10.730  -10.149 12.135  1.00 41.98 ? 132 ASP E N   1 
ATOM 1079 C CA  . ASP A 1 135 ? 10.540  -10.356 10.705  1.00 41.98 ? 132 ASP E CA  1 
ATOM 1080 C C   . ASP A 1 135 ? 9.305   -9.586  10.268  1.00 41.98 ? 132 ASP E C   1 
ATOM 1081 O O   . ASP A 1 135 ? 8.256   -9.671  10.913  1.00 41.98 ? 132 ASP E O   1 
ATOM 1082 C CB  . ASP A 1 135 ? 10.387  -11.838 10.362  1.00 41.98 ? 132 ASP E CB  1 
ATOM 1083 C CG  . ASP A 1 135 ? 11.664  -12.616 10.560  1.00 41.98 ? 132 ASP E CG  1 
ATOM 1084 O OD1 . ASP A 1 135 ? 12.749  -12.017 10.417  1.00 41.98 ? 132 ASP E OD1 1 
ATOM 1085 O OD2 . ASP A 1 135 ? 11.583  -13.825 10.857  1.00 41.98 ? 132 ASP E OD2 1 
ATOM 1086 N N   . VAL A 1 136 ? 9.432   -8.839  9.178   1.00 36.83 ? 133 VAL E N   1 
ATOM 1087 C CA  . VAL A 1 136 ? 8.371   -7.977  8.679   1.00 36.83 ? 133 VAL E CA  1 
ATOM 1088 C C   . VAL A 1 136 ? 8.032   -8.419  7.265   1.00 36.83 ? 133 VAL E C   1 
ATOM 1089 O O   . VAL A 1 136 ? 8.934   -8.659  6.456   1.00 36.83 ? 133 VAL E O   1 
ATOM 1090 C CB  . VAL A 1 136 ? 8.788   -6.498  8.704   1.00 36.83 ? 133 VAL E CB  1 
ATOM 1091 C CG1 . VAL A 1 136 ? 7.587   -5.600  8.465   1.00 36.83 ? 133 VAL E CG1 1 
ATOM 1092 C CG2 . VAL A 1 136 ? 9.458   -6.175  10.021  1.00 36.83 ? 133 VAL E CG2 1 
ATOM 1093 N N   . TYR A 1 137 ? 6.741   -8.538  6.975   1.00 34.10 ? 134 TYR E N   1 
ATOM 1094 C CA  . TYR A 1 137 ? 6.288   -8.971  5.658   1.00 34.10 ? 134 TYR E CA  1 
ATOM 1095 C C   . TYR A 1 137 ? 4.999   -8.239  5.327   1.00 34.10 ? 134 TYR E C   1 
ATOM 1096 O O   . TYR A 1 137 ? 4.048   -8.280  6.110   1.00 34.10 ? 134 TYR E O   1 
ATOM 1097 C CB  . TYR A 1 137 ? 6.067   -10.482 5.622   1.00 34.10 ? 134 TYR E CB  1 
ATOM 1098 C CG  . TYR A 1 137 ? 7.339   -11.292 5.684   1.00 34.10 ? 134 TYR E CG  1 
ATOM 1099 C CD1 . TYR A 1 137 ? 8.341   -11.119 4.741   1.00 34.10 ? 134 TYR E CD1 1 
ATOM 1100 C CD2 . TYR A 1 137 ? 7.538   -12.228 6.688   1.00 34.10 ? 134 TYR E CD2 1 
ATOM 1101 C CE1 . TYR A 1 137 ? 9.505   -11.856 4.796   1.00 34.10 ? 134 TYR E CE1 1 
ATOM 1102 C CE2 . TYR A 1 137 ? 8.698   -12.971 6.751   1.00 34.10 ? 134 TYR E CE2 1 
ATOM 1103 C CZ  . TYR A 1 137 ? 9.677   -12.781 5.803   1.00 34.10 ? 134 TYR E CZ  1 
ATOM 1104 O OH  . TYR A 1 137 ? 10.837  -13.519 5.861   1.00 34.10 ? 134 TYR E OH  1 
ATOM 1105 N N   . VAL A 1 138 ? 4.967   -7.568  4.178   1.00 31.78 ? 135 VAL E N   1 
ATOM 1106 C CA  . VAL A 1 138 ? 3.763   -6.915  3.682   1.00 31.78 ? 135 VAL E CA  1 
ATOM 1107 C C   . VAL A 1 138 ? 3.478   -7.434  2.279   1.00 31.78 ? 135 VAL E C   1 
ATOM 1108 O O   . VAL A 1 138 ? 4.383   -7.504  1.439   1.00 31.78 ? 135 VAL E O   1 
ATOM 1109 C CB  . VAL A 1 138 ? 3.888   -5.380  3.704   1.00 31.78 ? 135 VAL E CB  1 
ATOM 1110 C CG1 . VAL A 1 138 ? 4.065   -4.888  5.124   1.00 31.78 ? 135 VAL E CG1 1 
ATOM 1111 C CG2 . VAL A 1 138 ? 5.055   -4.916  2.861   1.00 31.78 ? 135 VAL E CG2 1 
ATOM 1112 N N   . THR A 1 139 ? 2.231   -7.831  2.041   1.00 30.99 ? 136 THR E N   1 
ATOM 1113 C CA  . THR A 1 139 ? 1.799   -8.333  0.746   1.00 30.99 ? 136 THR E CA  1 
ATOM 1114 C C   . THR A 1 139 ? 0.651   -7.481  0.233   1.00 30.99 ? 136 THR E C   1 
ATOM 1115 O O   . THR A 1 139 ? -0.236  -7.090  1.000   1.00 30.99 ? 136 THR E O   1 
ATOM 1116 C CB  . THR A 1 139 ? 1.354   -9.798  0.822   1.00 30.99 ? 136 THR E CB  1 
ATOM 1117 O OG1 . THR A 1 139 ? 0.202   -9.906  1.664   1.00 30.99 ? 136 THR E OG1 1 
ATOM 1118 C CG2 . THR A 1 139 ? 2.465   -10.661 1.388   1.00 30.99 ? 136 THR E CG2 1 
ATOM 1119 N N   . PHE A 1 140 ? 0.669   -7.195  -1.062  1.00 27.80 ? 137 PHE E N   1 
ATOM 1120 C CA  . PHE A 1 140 ? -0.347  -6.375  -1.705  1.00 27.80 ? 137 PHE E CA  1 
ATOM 1121 C C   . PHE A 1 140 ? -1.106  -7.228  -2.710  1.00 27.80 ? 137 PHE E C   1 
ATOM 1122 O O   . PHE A 1 140 ? -0.502  -7.807  -3.618  1.00 27.80 ? 137 PHE E O   1 
ATOM 1123 C CB  . PHE A 1 140 ? 0.291   -5.171  -2.394  1.00 27.80 ? 137 PHE E CB  1 
ATOM 1124 C CG  . PHE A 1 140 ? -0.695  -4.254  -3.047  1.00 27.80 ? 137 PHE E CG  1 
ATOM 1125 C CD1 . PHE A 1 140 ? -1.462  -3.390  -2.292  1.00 27.80 ? 137 PHE E CD1 1 
ATOM 1126 C CD2 . PHE A 1 140 ? -0.851  -4.257  -4.422  1.00 27.80 ? 137 PHE E CD2 1 
ATOM 1127 C CE1 . PHE A 1 140 ? -2.369  -2.543  -2.896  1.00 27.80 ? 137 PHE E CE1 1 
ATOM 1128 C CE2 . PHE A 1 140 ? -1.755  -3.414  -5.031  1.00 27.80 ? 137 PHE E CE2 1 
ATOM 1129 C CZ  . PHE A 1 140 ? -2.515  -2.555  -4.268  1.00 27.80 ? 137 PHE E CZ  1 
ATOM 1130 N N   . ILE A 1 141 ? -2.421  -7.308  -2.543  1.00 28.36 ? 138 ILE E N   1 
ATOM 1131 C CA  . ILE A 1 141 ? -3.298  -8.003  -3.479  1.00 28.36 ? 138 ILE E CA  1 
ATOM 1132 C C   . ILE A 1 141 ? -4.329  -6.985  -3.945  1.00 28.36 ? 138 ILE E C   1 
ATOM 1133 O O   . ILE A 1 141 ? -5.284  -6.675  -3.223  1.00 28.36 ? 138 ILE E O   1 
ATOM 1134 C CB  . ILE A 1 141 ? -3.964  -9.234  -2.858  1.00 28.36 ? 138 ILE E CB  1 
ATOM 1135 C CG1 . ILE A 1 141 ? -2.906  -10.270 -2.470  1.00 28.36 ? 138 ILE E CG1 1 
ATOM 1136 C CG2 . ILE A 1 141 ? -4.974  -9.836  -3.823  1.00 28.36 ? 138 ILE E CG2 1 
ATOM 1137 C CD1 . ILE A 1 141 ? -3.439  -11.407 -1.623  1.00 28.36 ? 138 ILE E CD1 1 
ATOM 1138 N N   . GLY A 1 142 ? -4.137  -6.460  -5.149  1.00 27.52 ? 139 GLY E N   1 
ATOM 1139 C CA  . GLY A 1 142 ? -5.023  -5.451  -5.687  1.00 27.52 ? 139 GLY E CA  1 
ATOM 1140 C C   . GLY A 1 142 ? -4.726  -5.151  -7.138  1.00 27.52 ? 139 GLY E C   1 
ATOM 1141 O O   . GLY A 1 142 ? -4.441  -6.062  -7.920  1.00 27.52 ? 139 GLY E O   1 
ATOM 1142 N N   . PHE A 1 143 ? -4.778  -3.878  -7.512  1.00 27.69 ? 140 PHE E N   1 
ATOM 1143 C CA  . PHE A 1 143 ? -4.576  -3.469  -8.891  1.00 27.69 ? 140 PHE E CA  1 
ATOM 1144 C C   . PHE A 1 143 ? -3.601  -2.304  -8.944  1.00 27.69 ? 140 PHE E C   1 
ATOM 1145 O O   . PHE A 1 143 ? -3.567  -1.459  -8.047  1.00 27.69 ? 140 PHE E O   1 
ATOM 1146 C CB  . PHE A 1 143 ? -5.897  -3.074  -9.554  1.00 27.69 ? 140 PHE E CB  1 
ATOM 1147 C CG  . PHE A 1 143 ? -7.010  -4.053  -9.317  1.00 27.69 ? 140 PHE E CG  1 
ATOM 1148 C CD1 . PHE A 1 143 ? -7.821  -3.943  -8.200  1.00 27.69 ? 140 PHE E CD1 1 
ATOM 1149 C CD2 . PHE A 1 143 ? -7.245  -5.081  -10.210 1.00 27.69 ? 140 PHE E CD2 1 
ATOM 1150 C CE1 . PHE A 1 143 ? -8.845  -4.840  -7.981  1.00 27.69 ? 140 PHE E CE1 1 
ATOM 1151 C CE2 . PHE A 1 143 ? -8.268  -5.982  -9.995  1.00 27.69 ? 140 PHE E CE2 1 
ATOM 1152 C CZ  . PHE A 1 143 ? -9.069  -5.861  -8.879  1.00 27.69 ? 140 PHE E CZ  1 
ATOM 1153 N N   . LYS A 1 144 ? -2.809  -2.271  -10.009 1.00 26.60 ? 141 LYS E N   1 
ATOM 1154 C CA  . LYS A 1 144 ? -1.839  -1.213  -10.247 1.00 26.60 ? 141 LYS E CA  1 
ATOM 1155 C C   . LYS A 1 144 ? -2.358  -0.312  -11.356 1.00 26.60 ? 141 LYS E C   1 
ATOM 1156 O O   . LYS A 1 144 ? -2.784  -0.801  -12.407 1.00 26.60 ? 141 LYS E O   1 
ATOM 1157 C CB  . LYS A 1 144 ? -0.476  -1.793  -10.624 1.00 26.60 ? 141 LYS E CB  1 
ATOM 1158 C CG  . LYS A 1 144 ? 0.533   -0.762  -11.089 1.00 26.60 ? 141 LYS E CG  1 
ATOM 1159 C CD  . LYS A 1 144 ? 1.726   -1.424  -11.757 1.00 26.60 ? 141 LYS E CD  1 
ATOM 1160 C CE  . LYS A 1 144 ? 2.845   -0.427  -11.999 1.00 26.60 ? 141 LYS E CE  1 
ATOM 1161 N NZ  . LYS A 1 144 ? 3.752   -0.863  -13.098 1.00 26.60 ? 141 LYS E NZ  1 
ATOM 1162 N N   . ILE A 1 145 ? -2.324  0.996   -11.122 1.00 27.60 ? 142 ILE E N   1 
ATOM 1163 C CA  . ILE A 1 145 ? -2.822  1.985   -12.069 1.00 27.60 ? 142 ILE E CA  1 
ATOM 1164 C C   . ILE A 1 145 ? -1.645  2.813   -12.561 1.00 27.60 ? 142 ILE E C   1 
ATOM 1165 O O   . ILE A 1 145 ? -0.885  3.362   -11.755 1.00 27.60 ? 142 ILE E O   1 
ATOM 1166 C CB  . ILE A 1 145 ? -3.897  2.880   -11.433 1.00 27.60 ? 142 ILE E CB  1 
ATOM 1167 C CG1 . ILE A 1 145 ? -5.110  2.042   -11.034 1.00 27.60 ? 142 ILE E CG1 1 
ATOM 1168 C CG2 . ILE A 1 145 ? -4.298  3.985   -12.389 1.00 27.60 ? 142 ILE E CG2 1 
ATOM 1169 C CD1 . ILE A 1 145 ? -6.117  2.789   -10.195 1.00 27.60 ? 142 ILE E CD1 1 
ATOM 1170 N N   . ASP A 1 146 ? -1.495  2.902   -13.877 1.00 28.71 ? 143 ASP E N   1 
ATOM 1171 C CA  . ASP A 1 146 ? -0.386  3.616   -14.493 1.00 28.71 ? 143 ASP E CA  1 
ATOM 1172 C C   . ASP A 1 146 ? -0.828  5.023   -14.868 1.00 28.71 ? 143 ASP E C   1 
ATOM 1173 O O   . ASP A 1 146 ? -1.879  5.204   -15.490 1.00 28.71 ? 143 ASP E O   1 
ATOM 1174 C CB  . ASP A 1 146 ? 0.114   2.875   -15.733 1.00 28.71 ? 143 ASP E CB  1 
ATOM 1175 C CG  . ASP A 1 146 ? 0.611   1.483   -15.416 1.00 28.71 ? 143 ASP E CG  1 
ATOM 1176 O OD1 . ASP A 1 146 ? 1.028   1.252   -14.263 1.00 28.71 ? 143 ASP E OD1 1 
ATOM 1177 O OD2 . ASP A 1 146 ? 0.584   0.619   -16.317 1.00 28.71 ? 143 ASP E OD2 1 
ATOM 1178 N N   . LEU A 1 147 ? -0.028  6.012   -14.486 1.00 30.58 ? 144 LEU E N   1 
ATOM 1179 C CA  . LEU A 1 147 ? -0.317  7.399   -14.824 1.00 30.58 ? 144 LEU E CA  1 
ATOM 1180 C C   . LEU A 1 147 ? 0.785   7.985   -15.697 1.00 30.58 ? 144 LEU E C   1 
ATOM 1181 O O   . LEU A 1 147 ? 1.894   7.453   -15.754 1.00 30.58 ? 144 LEU E O   1 
ATOM 1182 C CB  . LEU A 1 147 ? -0.488  8.240   -13.558 1.00 30.58 ? 144 LEU E CB  1 
ATOM 1183 C CG  . LEU A 1 147 ? -1.582  7.818   -12.575 1.00 30.58 ? 144 LEU E CG  1 
ATOM 1184 C CD1 . LEU A 1 147 ? -1.879  8.954   -11.610 1.00 30.58 ? 144 LEU E CD1 1 
ATOM 1185 C CD2 . LEU A 1 147 ? -2.843  7.395   -13.305 1.00 30.58 ? 144 LEU E CD2 1 
# 
